data_4QD3
# 
_entry.id   4QD3 
# 
_audit_conform.dict_name       mmcif_pdbx.dic 
_audit_conform.dict_version    5.381 
_audit_conform.dict_location   http://mmcif.pdb.org/dictionaries/ascii/mmcif_pdbx.dic 
# 
loop_
_database_2.database_id 
_database_2.database_code 
_database_2.pdbx_database_accession 
_database_2.pdbx_DOI 
PDB   4QD3         pdb_00004qd3 10.2210/pdb4qd3/pdb 
RCSB  RCSB085902   ?            ?                   
WWPDB D_1000085902 ?            ?                   
# 
_pdbx_database_related.db_name        PDB 
_pdbx_database_related.db_id          4JC4 
_pdbx_database_related.details        'Model PDB' 
_pdbx_database_related.content_type   unspecified 
# 
_pdbx_database_status.status_code                     REL 
_pdbx_database_status.entry_id                        4QD3 
_pdbx_database_status.recvd_initial_deposition_date   2014-05-13 
_pdbx_database_status.deposit_site                    RCSB 
_pdbx_database_status.process_site                    PDBJ 
_pdbx_database_status.methods_development_category    ? 
_pdbx_database_status.status_code_sf                  REL 
_pdbx_database_status.status_code_mr                  ? 
_pdbx_database_status.SG_entry                        ? 
_pdbx_database_status.status_code_cs                  ? 
_pdbx_database_status.pdb_format_compatible           Y 
_pdbx_database_status.status_code_nmr_data            ? 
# 
loop_
_audit_author.name 
_audit_author.pdbx_ordinal 
'Singh, A.'   1 
'Gautam, L.'  2 
'Sinha, M.'   3 
'Bhushan, A.' 4 
'Kaur, P.'    5 
'Sharma, S.'  6 
'Singh, T.P.' 7 
# 
_citation.id                        primary 
_citation.title                     
;Structural and binding studies of peptidyl-tRNA hydrolase from Pseudomonas aeruginosa provide a platform for the structure-based inhibitor design against peptidyl-tRNA hydrolase
;
_citation.journal_abbrev            Biochem.J. 
_citation.journal_volume            463 
_citation.page_first                329 
_citation.page_last                 337 
_citation.year                      2014 
_citation.journal_id_ASTM           BIJOAK 
_citation.country                   UK 
_citation.journal_id_ISSN           0264-6021 
_citation.journal_id_CSD            0043 
_citation.book_publisher            ? 
_citation.pdbx_database_id_PubMed   25101795 
_citation.pdbx_database_id_DOI      10.1042/BJ20140631 
# 
loop_
_citation_author.citation_id 
_citation_author.name 
_citation_author.ordinal 
_citation_author.identifier_ORCID 
primary 'Singh, A.'   1  ? 
primary 'Kumar, A.'   2  ? 
primary 'Gautam, L.'  3  ? 
primary 'Sharma, P.'  4  ? 
primary 'Sinha, M.'   5  ? 
primary 'Bhushan, A.' 6  ? 
primary 'Kaur, P.'    7  ? 
primary 'Sharma, S.'  8  ? 
primary 'Arora, A.'   9  ? 
primary 'Singh, T.P.' 10 ? 
# 
_cell.entry_id           4QD3 
_cell.length_a           64.111 
_cell.length_b           64.111 
_cell.length_c           156.620 
_cell.angle_alpha        90.00 
_cell.angle_beta         90.00 
_cell.angle_gamma        120.00 
_cell.Z_PDB              12 
_cell.pdbx_unique_axis   ? 
_cell.length_a_esd       ? 
_cell.length_b_esd       ? 
_cell.length_c_esd       ? 
_cell.angle_alpha_esd    ? 
_cell.angle_beta_esd     ? 
_cell.angle_gamma_esd    ? 
# 
_symmetry.entry_id                         4QD3 
_symmetry.space_group_name_H-M             'P 61 2 2' 
_symmetry.pdbx_full_space_group_name_H-M   ? 
_symmetry.cell_setting                     ? 
_symmetry.Int_Tables_number                178 
_symmetry.space_group_name_Hall            ? 
# 
loop_
_entity.id 
_entity.type 
_entity.src_method 
_entity.pdbx_description 
_entity.formula_weight 
_entity.pdbx_number_of_molecules 
_entity.pdbx_ec 
_entity.pdbx_mutation 
_entity.pdbx_fragment 
_entity.details 
1 polymer     man 'Peptidyl-tRNA hydrolase'                                  20832.793 1   3.1.1.29 ? ? ? 
2 non-polymer syn '4-amino-1-(beta-D-ribofuranosyl)-1,3,5-triazin-2(1H)-one' 244.205   1   ?        ? ? ? 
3 non-polymer syn GLYCEROL                                                   92.094    1   ?        ? ? ? 
4 water       nat water                                                      18.015    201 ?        ? ? ? 
# 
_entity_name_com.entity_id   1 
_entity_name_com.name        PTH 
# 
_entity_poly.entity_id                      1 
_entity_poly.type                           'polypeptide(L)' 
_entity_poly.nstd_linkage                   no 
_entity_poly.nstd_monomer                   no 
_entity_poly.pdbx_seq_one_letter_code       
;MTAVQLIVGLGNPGPEYDQTRHNAGALFVERLAHAQGVSLVADRKYFGLVGKFSHQGKDVRLLIPTTYMNRSGQSVAALA
GFFRIAPDAILVAHDELDMPPGVAKLKTGGGHGGHNGLRDIIAQLGNQNSFHRLRLGIGHPGHSSLVSGYVLGRAPRSEQ
ELLDTSIDFALGVLPEMLAGDWTRAMQKLHSQKA
;
_entity_poly.pdbx_seq_one_letter_code_can   
;MTAVQLIVGLGNPGPEYDQTRHNAGALFVERLAHAQGVSLVADRKYFGLVGKFSHQGKDVRLLIPTTYMNRSGQSVAALA
GFFRIAPDAILVAHDELDMPPGVAKLKTGGGHGGHNGLRDIIAQLGNQNSFHRLRLGIGHPGHSSLVSGYVLGRAPRSEQ
ELLDTSIDFALGVLPEMLAGDWTRAMQKLHSQKA
;
_entity_poly.pdbx_strand_id                 A 
_entity_poly.pdbx_target_identifier         ? 
# 
loop_
_entity_poly_seq.entity_id 
_entity_poly_seq.num 
_entity_poly_seq.mon_id 
_entity_poly_seq.hetero 
1 1   MET n 
1 2   THR n 
1 3   ALA n 
1 4   VAL n 
1 5   GLN n 
1 6   LEU n 
1 7   ILE n 
1 8   VAL n 
1 9   GLY n 
1 10  LEU n 
1 11  GLY n 
1 12  ASN n 
1 13  PRO n 
1 14  GLY n 
1 15  PRO n 
1 16  GLU n 
1 17  TYR n 
1 18  ASP n 
1 19  GLN n 
1 20  THR n 
1 21  ARG n 
1 22  HIS n 
1 23  ASN n 
1 24  ALA n 
1 25  GLY n 
1 26  ALA n 
1 27  LEU n 
1 28  PHE n 
1 29  VAL n 
1 30  GLU n 
1 31  ARG n 
1 32  LEU n 
1 33  ALA n 
1 34  HIS n 
1 35  ALA n 
1 36  GLN n 
1 37  GLY n 
1 38  VAL n 
1 39  SER n 
1 40  LEU n 
1 41  VAL n 
1 42  ALA n 
1 43  ASP n 
1 44  ARG n 
1 45  LYS n 
1 46  TYR n 
1 47  PHE n 
1 48  GLY n 
1 49  LEU n 
1 50  VAL n 
1 51  GLY n 
1 52  LYS n 
1 53  PHE n 
1 54  SER n 
1 55  HIS n 
1 56  GLN n 
1 57  GLY n 
1 58  LYS n 
1 59  ASP n 
1 60  VAL n 
1 61  ARG n 
1 62  LEU n 
1 63  LEU n 
1 64  ILE n 
1 65  PRO n 
1 66  THR n 
1 67  THR n 
1 68  TYR n 
1 69  MET n 
1 70  ASN n 
1 71  ARG n 
1 72  SER n 
1 73  GLY n 
1 74  GLN n 
1 75  SER n 
1 76  VAL n 
1 77  ALA n 
1 78  ALA n 
1 79  LEU n 
1 80  ALA n 
1 81  GLY n 
1 82  PHE n 
1 83  PHE n 
1 84  ARG n 
1 85  ILE n 
1 86  ALA n 
1 87  PRO n 
1 88  ASP n 
1 89  ALA n 
1 90  ILE n 
1 91  LEU n 
1 92  VAL n 
1 93  ALA n 
1 94  HIS n 
1 95  ASP n 
1 96  GLU n 
1 97  LEU n 
1 98  ASP n 
1 99  MET n 
1 100 PRO n 
1 101 PRO n 
1 102 GLY n 
1 103 VAL n 
1 104 ALA n 
1 105 LYS n 
1 106 LEU n 
1 107 LYS n 
1 108 THR n 
1 109 GLY n 
1 110 GLY n 
1 111 GLY n 
1 112 HIS n 
1 113 GLY n 
1 114 GLY n 
1 115 HIS n 
1 116 ASN n 
1 117 GLY n 
1 118 LEU n 
1 119 ARG n 
1 120 ASP n 
1 121 ILE n 
1 122 ILE n 
1 123 ALA n 
1 124 GLN n 
1 125 LEU n 
1 126 GLY n 
1 127 ASN n 
1 128 GLN n 
1 129 ASN n 
1 130 SER n 
1 131 PHE n 
1 132 HIS n 
1 133 ARG n 
1 134 LEU n 
1 135 ARG n 
1 136 LEU n 
1 137 GLY n 
1 138 ILE n 
1 139 GLY n 
1 140 HIS n 
1 141 PRO n 
1 142 GLY n 
1 143 HIS n 
1 144 SER n 
1 145 SER n 
1 146 LEU n 
1 147 VAL n 
1 148 SER n 
1 149 GLY n 
1 150 TYR n 
1 151 VAL n 
1 152 LEU n 
1 153 GLY n 
1 154 ARG n 
1 155 ALA n 
1 156 PRO n 
1 157 ARG n 
1 158 SER n 
1 159 GLU n 
1 160 GLN n 
1 161 GLU n 
1 162 LEU n 
1 163 LEU n 
1 164 ASP n 
1 165 THR n 
1 166 SER n 
1 167 ILE n 
1 168 ASP n 
1 169 PHE n 
1 170 ALA n 
1 171 LEU n 
1 172 GLY n 
1 173 VAL n 
1 174 LEU n 
1 175 PRO n 
1 176 GLU n 
1 177 MET n 
1 178 LEU n 
1 179 ALA n 
1 180 GLY n 
1 181 ASP n 
1 182 TRP n 
1 183 THR n 
1 184 ARG n 
1 185 ALA n 
1 186 MET n 
1 187 GLN n 
1 188 LYS n 
1 189 LEU n 
1 190 HIS n 
1 191 SER n 
1 192 GLN n 
1 193 LYS n 
1 194 ALA n 
# 
_entity_src_gen.entity_id                          1 
_entity_src_gen.pdbx_src_id                        1 
_entity_src_gen.pdbx_alt_source_flag               sample 
_entity_src_gen.pdbx_seq_type                      ? 
_entity_src_gen.pdbx_beg_seq_num                   ? 
_entity_src_gen.pdbx_end_seq_num                   ? 
_entity_src_gen.gene_src_common_name               ? 
_entity_src_gen.gene_src_genus                     ? 
_entity_src_gen.pdbx_gene_src_gene                 'PA4672, pth' 
_entity_src_gen.gene_src_species                   ? 
_entity_src_gen.gene_src_strain                    PAO1 
_entity_src_gen.gene_src_tissue                    ? 
_entity_src_gen.gene_src_tissue_fraction           ? 
_entity_src_gen.gene_src_details                   ? 
_entity_src_gen.pdbx_gene_src_fragment             ? 
_entity_src_gen.pdbx_gene_src_scientific_name      'Pseudomonas aeruginosa' 
_entity_src_gen.pdbx_gene_src_ncbi_taxonomy_id     208964 
_entity_src_gen.pdbx_gene_src_variant              ? 
_entity_src_gen.pdbx_gene_src_cell_line            ? 
_entity_src_gen.pdbx_gene_src_atcc                 ? 
_entity_src_gen.pdbx_gene_src_organ                ? 
_entity_src_gen.pdbx_gene_src_organelle            ? 
_entity_src_gen.pdbx_gene_src_cell                 ? 
_entity_src_gen.pdbx_gene_src_cellular_location    ? 
_entity_src_gen.host_org_common_name               ? 
_entity_src_gen.pdbx_host_org_scientific_name      'Escherichia coli' 
_entity_src_gen.pdbx_host_org_ncbi_taxonomy_id     562 
_entity_src_gen.host_org_genus                     ? 
_entity_src_gen.pdbx_host_org_gene                 ? 
_entity_src_gen.pdbx_host_org_organ                ? 
_entity_src_gen.host_org_species                   ? 
_entity_src_gen.pdbx_host_org_tissue               ? 
_entity_src_gen.pdbx_host_org_tissue_fraction      ? 
_entity_src_gen.pdbx_host_org_strain               'Bl21(De3)' 
_entity_src_gen.pdbx_host_org_variant              ? 
_entity_src_gen.pdbx_host_org_cell_line            ? 
_entity_src_gen.pdbx_host_org_atcc                 ? 
_entity_src_gen.pdbx_host_org_culture_collection   ? 
_entity_src_gen.pdbx_host_org_cell                 ? 
_entity_src_gen.pdbx_host_org_organelle            ? 
_entity_src_gen.pdbx_host_org_cellular_location    ? 
_entity_src_gen.pdbx_host_org_vector_type          plasmid 
_entity_src_gen.pdbx_host_org_vector               ? 
_entity_src_gen.host_org_details                   ? 
_entity_src_gen.expression_system_id               ? 
_entity_src_gen.plasmid_name                       pET28a+ 
_entity_src_gen.plasmid_details                    ? 
_entity_src_gen.pdbx_description                   ? 
# 
_struct_ref.id                         1 
_struct_ref.db_name                    UNP 
_struct_ref.db_code                    PTH_PSEAE 
_struct_ref.pdbx_db_accession          Q9HVC3 
_struct_ref.entity_id                  1 
_struct_ref.pdbx_seq_one_letter_code   
;MTAVQLIVGLGNPGPEYDQTRHNAGALFVERLAHAQGVSLVADRKYFGLVGKFSHQGKDVRLLIPTTYMNRSGQSVAALA
GFFRIAPDAILVAHDELDMPPGVAKLKTGGGHGGHNGLRDIIAQLGNQNSFHRLRLGIGHPGHSSLVSGYVLGRAPRSEQ
ELLDTSIDFALGVLPEMLAGDWTRAMQKLHSQKA
;
_struct_ref.pdbx_align_begin           1 
_struct_ref.pdbx_db_isoform            ? 
# 
_struct_ref_seq.align_id                      1 
_struct_ref_seq.ref_id                        1 
_struct_ref_seq.pdbx_PDB_id_code              4QD3 
_struct_ref_seq.pdbx_strand_id                A 
_struct_ref_seq.seq_align_beg                 1 
_struct_ref_seq.pdbx_seq_align_beg_ins_code   ? 
_struct_ref_seq.seq_align_end                 194 
_struct_ref_seq.pdbx_seq_align_end_ins_code   ? 
_struct_ref_seq.pdbx_db_accession             Q9HVC3 
_struct_ref_seq.db_align_beg                  1 
_struct_ref_seq.pdbx_db_align_beg_ins_code    ? 
_struct_ref_seq.db_align_end                  194 
_struct_ref_seq.pdbx_db_align_end_ins_code    ? 
_struct_ref_seq.pdbx_auth_seq_align_beg       1 
_struct_ref_seq.pdbx_auth_seq_align_end       194 
# 
loop_
_chem_comp.id 
_chem_comp.type 
_chem_comp.mon_nstd_flag 
_chem_comp.name 
_chem_comp.pdbx_synonyms 
_chem_comp.formula 
_chem_comp.formula_weight 
5AE non-polymer         . '4-amino-1-(beta-D-ribofuranosyl)-1,3,5-triazin-2(1H)-one' 5-azacytidine                   
'C8 H12 N4 O5'   244.205 
ALA 'L-peptide linking' y ALANINE                                                    ?                               'C3 H7 N O2' 
89.093  
ARG 'L-peptide linking' y ARGININE                                                   ?                               
'C6 H15 N4 O2 1' 175.209 
ASN 'L-peptide linking' y ASPARAGINE                                                 ?                               'C4 H8 N2 O3' 
132.118 
ASP 'L-peptide linking' y 'ASPARTIC ACID'                                            ?                               'C4 H7 N O4' 
133.103 
GLN 'L-peptide linking' y GLUTAMINE                                                  ?                               
'C5 H10 N2 O3'   146.144 
GLU 'L-peptide linking' y 'GLUTAMIC ACID'                                            ?                               'C5 H9 N O4' 
147.129 
GLY 'peptide linking'   y GLYCINE                                                    ?                               'C2 H5 N O2' 
75.067  
GOL non-polymer         . GLYCEROL                                                   'GLYCERIN; PROPANE-1,2,3-TRIOL' 'C3 H8 O3' 
92.094  
HIS 'L-peptide linking' y HISTIDINE                                                  ?                               
'C6 H10 N3 O2 1' 156.162 
HOH non-polymer         . WATER                                                      ?                               'H2 O' 18.015 
ILE 'L-peptide linking' y ISOLEUCINE                                                 ?                               'C6 H13 N O2' 
131.173 
LEU 'L-peptide linking' y LEUCINE                                                    ?                               'C6 H13 N O2' 
131.173 
LYS 'L-peptide linking' y LYSINE                                                     ?                               
'C6 H15 N2 O2 1' 147.195 
MET 'L-peptide linking' y METHIONINE                                                 ?                               
'C5 H11 N O2 S'  149.211 
PHE 'L-peptide linking' y PHENYLALANINE                                              ?                               'C9 H11 N O2' 
165.189 
PRO 'L-peptide linking' y PROLINE                                                    ?                               'C5 H9 N O2' 
115.130 
SER 'L-peptide linking' y SERINE                                                     ?                               'C3 H7 N O3' 
105.093 
THR 'L-peptide linking' y THREONINE                                                  ?                               'C4 H9 N O3' 
119.119 
TRP 'L-peptide linking' y TRYPTOPHAN                                                 ?                               
'C11 H12 N2 O2'  204.225 
TYR 'L-peptide linking' y TYROSINE                                                   ?                               'C9 H11 N O3' 
181.189 
VAL 'L-peptide linking' y VALINE                                                     ?                               'C5 H11 N O2' 
117.146 
# 
_exptl.entry_id          4QD3 
_exptl.method            'X-RAY DIFFRACTION' 
_exptl.crystals_number   1 
# 
_exptl_crystal.id                    1 
_exptl_crystal.density_meas          ? 
_exptl_crystal.density_Matthews      2.23 
_exptl_crystal.density_percent_sol   44.84 
_exptl_crystal.description           ? 
_exptl_crystal.F_000                 ? 
_exptl_crystal.preparation           ? 
# 
_exptl_crystal_grow.crystal_id      1 
_exptl_crystal_grow.method          'VAPOR DIFFUSION, HANGING DROP' 
_exptl_crystal_grow.temp            298 
_exptl_crystal_grow.temp_details    ? 
_exptl_crystal_grow.pH              8.5 
_exptl_crystal_grow.pdbx_details    'PEG 4000, Isopropanol, HEPES buffer, pH 8.5, VAPOR DIFFUSION, HANGING DROP, temperature 298K' 
_exptl_crystal_grow.pdbx_pH_range   . 
# 
_diffrn.id                     1 
_diffrn.ambient_temp           77 
_diffrn.ambient_temp_details   ? 
_diffrn.crystal_id             1 
# 
_diffrn_detector.diffrn_id              1 
_diffrn_detector.detector               CCD 
_diffrn_detector.type                   MARRESEARCH 
_diffrn_detector.pdbx_collection_date   2013-11-02 
_diffrn_detector.details                Mirror 
# 
_diffrn_radiation.diffrn_id                        1 
_diffrn_radiation.wavelength_id                    1 
_diffrn_radiation.pdbx_monochromatic_or_laue_m_l   M 
_diffrn_radiation.monochromator                    Graphite 
_diffrn_radiation.pdbx_diffrn_protocol             'SINGLE WAVELENGTH' 
_diffrn_radiation.pdbx_scattering_type             x-ray 
# 
_diffrn_radiation_wavelength.id           1 
_diffrn_radiation_wavelength.wavelength   0.97 
_diffrn_radiation_wavelength.wt           1.0 
# 
_diffrn_source.diffrn_id                   1 
_diffrn_source.source                      SYNCHROTRON 
_diffrn_source.type                        'ESRF BEAMLINE BM14' 
_diffrn_source.pdbx_synchrotron_site       ESRF 
_diffrn_source.pdbx_synchrotron_beamline   BM14 
_diffrn_source.pdbx_wavelength             ? 
_diffrn_source.pdbx_wavelength_list        0.97 
# 
_reflns.entry_id                     4QD3 
_reflns.observed_criterion_sigma_I   0.0 
_reflns.observed_criterion_sigma_F   0.0 
_reflns.d_resolution_low             32.08 
_reflns.d_resolution_high            1.89 
_reflns.number_obs                   16071 
_reflns.number_all                   16071 
_reflns.percent_possible_obs         99.9 
_reflns.pdbx_Rmerge_I_obs            ? 
_reflns.pdbx_Rsym_value              0.075 
_reflns.pdbx_netI_over_sigmaI        51.7 
_reflns.B_iso_Wilson_estimate        ? 
_reflns.pdbx_redundancy              ? 
_reflns.R_free_details               ? 
_reflns.limit_h_max                  ? 
_reflns.limit_h_min                  ? 
_reflns.limit_k_max                  ? 
_reflns.limit_k_min                  ? 
_reflns.limit_l_max                  ? 
_reflns.limit_l_min                  ? 
_reflns.observed_criterion_F_max     ? 
_reflns.observed_criterion_F_min     ? 
_reflns.pdbx_chi_squared             ? 
_reflns.pdbx_scaling_rejects         ? 
_reflns.pdbx_ordinal                 1 
_reflns.pdbx_diffrn_id               1 
# 
_reflns_shell.d_res_high                  1.89 
_reflns_shell.d_res_low                   1.92 
_reflns_shell.percent_possible_all        99.9 
_reflns_shell.Rmerge_I_obs                ? 
_reflns_shell.pdbx_Rsym_value             0.491 
_reflns_shell.meanI_over_sigI_obs         4.5 
_reflns_shell.pdbx_redundancy             ? 
_reflns_shell.percent_possible_obs        ? 
_reflns_shell.number_unique_all           ? 
_reflns_shell.number_measured_all         ? 
_reflns_shell.number_measured_obs         ? 
_reflns_shell.number_unique_obs           ? 
_reflns_shell.pdbx_chi_squared            ? 
_reflns_shell.pdbx_rejects                ? 
_reflns_shell.pdbx_netI_over_sigmaI_obs   ? 
_reflns_shell.number_possible             ? 
_reflns_shell.Rmerge_F_all                ? 
_reflns_shell.Rmerge_F_obs                ? 
_reflns_shell.Rmerge_I_all                ? 
_reflns_shell.meanI_over_sigI_all         ? 
_reflns_shell.pdbx_Rrim_I_all             ? 
_reflns_shell.pdbx_Rpim_I_all             ? 
_reflns_shell.pdbx_ordinal                1 
_reflns_shell.pdbx_diffrn_id              1 
# 
_refine.entry_id                                 4QD3 
_refine.ls_number_reflns_obs                     15212 
_refine.ls_number_reflns_all                     ? 
_refine.pdbx_ls_sigma_I                          0.0 
_refine.pdbx_ls_sigma_F                          0.0 
_refine.pdbx_data_cutoff_high_absF               ? 
_refine.pdbx_data_cutoff_low_absF                ? 
_refine.pdbx_data_cutoff_high_rms_absF           ? 
_refine.ls_d_res_low                             32.08 
_refine.ls_d_res_high                            1.89 
_refine.ls_percent_reflns_obs                    99.93 
_refine.ls_R_factor_obs                          0.18897 
_refine.ls_R_factor_all                          ? 
_refine.ls_R_factor_R_work                       0.18642 
_refine.ls_R_factor_R_free                       0.23803 
_refine.ls_R_factor_R_free_error                 ? 
_refine.ls_R_factor_R_free_error_details         ? 
_refine.ls_percent_reflns_R_free                 5.0 
_refine.ls_number_reflns_R_free                  799 
_refine.ls_number_parameters                     ? 
_refine.ls_number_restraints                     ? 
_refine.occupancy_min                            ? 
_refine.occupancy_max                            ? 
_refine.correlation_coeff_Fo_to_Fc               0.959 
_refine.correlation_coeff_Fo_to_Fc_free          0.938 
_refine.B_iso_mean                               28.774 
_refine.aniso_B[1][1]                            0.40 
_refine.aniso_B[2][2]                            0.40 
_refine.aniso_B[3][3]                            -1.31 
_refine.aniso_B[1][2]                            0.40 
_refine.aniso_B[1][3]                            -0.00 
_refine.aniso_B[2][3]                            -0.00 
_refine.solvent_model_details                    MASK 
_refine.solvent_model_param_ksol                 ? 
_refine.solvent_model_param_bsol                 ? 
_refine.pdbx_solvent_vdw_probe_radii             1.20 
_refine.pdbx_solvent_ion_probe_radii             0.80 
_refine.pdbx_solvent_shrinkage_radii             0.80 
_refine.pdbx_ls_cross_valid_method               THROUGHOUT 
_refine.details                                  'HYDROGENS HAVE BEEN ADDED IN THE RIDING POSITIONS' 
_refine.pdbx_starting_model                      4JC4 
_refine.pdbx_method_to_determine_struct          'MOLECULAR REPLACEMENT' 
_refine.pdbx_isotropic_thermal_model             ? 
_refine.pdbx_stereochemistry_target_values       'MAXIMUM LIKELIHOOD' 
_refine.pdbx_stereochem_target_val_spec_case     ? 
_refine.pdbx_R_Free_selection_details            RANDOM 
_refine.pdbx_overall_ESU_R                       0.160 
_refine.pdbx_overall_ESU_R_Free                  0.153 
_refine.overall_SU_ML                            ? 
_refine.pdbx_overall_phase_error                 ? 
_refine.overall_SU_B                             ? 
_refine.overall_SU_R_Cruickshank_DPI             ? 
_refine.ls_redundancy_reflns_obs                 ? 
_refine.B_iso_min                                ? 
_refine.B_iso_max                                ? 
_refine.overall_SU_R_free                        ? 
_refine.ls_wR_factor_R_free                      ? 
_refine.ls_wR_factor_R_work                      ? 
_refine.overall_FOM_free_R_set                   ? 
_refine.overall_FOM_work_R_set                   ? 
_refine.pdbx_diffrn_id                           1 
_refine.pdbx_refine_id                           'X-RAY DIFFRACTION' 
_refine.pdbx_TLS_residual_ADP_flag               ? 
_refine.pdbx_overall_SU_R_free_Cruickshank_DPI   ? 
_refine.pdbx_overall_SU_R_Blow_DPI               ? 
_refine.pdbx_overall_SU_R_free_Blow_DPI          ? 
# 
_refine_hist.pdbx_refine_id                   'X-RAY DIFFRACTION' 
_refine_hist.cycle_id                         LAST 
_refine_hist.pdbx_number_atoms_protein        1467 
_refine_hist.pdbx_number_atoms_nucleic_acid   0 
_refine_hist.pdbx_number_atoms_ligand         23 
_refine_hist.number_atoms_solvent             201 
_refine_hist.number_atoms_total               1691 
_refine_hist.d_res_high                       1.89 
_refine_hist.d_res_low                        32.08 
# 
loop_
_refine_ls_restr.type 
_refine_ls_restr.dev_ideal 
_refine_ls_restr.dev_ideal_target 
_refine_ls_restr.weight 
_refine_ls_restr.number 
_refine_ls_restr.pdbx_restraint_function 
_refine_ls_restr.pdbx_refine_id 
r_bond_refined_d       0.014  0.019  ? 1521 ? 'X-RAY DIFFRACTION' 
r_bond_other_d         0.000  0.020  ? 1474 ? 'X-RAY DIFFRACTION' 
r_angle_refined_deg    1.305  1.974  ? 2056 ? 'X-RAY DIFFRACTION' 
r_angle_other_deg      3.648  3.000  ? 3374 ? 'X-RAY DIFFRACTION' 
r_dihedral_angle_1_deg 4.884  5.000  ? 193  ? 'X-RAY DIFFRACTION' 
r_dihedral_angle_2_deg 43.703 23.030 ? 66   ? 'X-RAY DIFFRACTION' 
r_dihedral_angle_3_deg 14.332 15.000 ? 244  ? 'X-RAY DIFFRACTION' 
r_dihedral_angle_4_deg 14.817 15.000 ? 12   ? 'X-RAY DIFFRACTION' 
r_chiral_restr         0.109  0.200  ? 226  ? 'X-RAY DIFFRACTION' 
r_gen_planes_refined   0.005  0.021  ? 1746 ? 'X-RAY DIFFRACTION' 
r_gen_planes_other     0.006  0.020  ? 366  ? 'X-RAY DIFFRACTION' 
r_mcbond_it            1.226  2.646  ? 775  ? 'X-RAY DIFFRACTION' 
r_mcbond_other         1.222  2.642  ? 774  ? 'X-RAY DIFFRACTION' 
r_mcangle_it           2.049  3.956  ? 967  ? 'X-RAY DIFFRACTION' 
r_mcangle_other        2.050  3.961  ? 968  ? 'X-RAY DIFFRACTION' 
r_scbond_it            1.550  2.929  ? 746  ? 'X-RAY DIFFRACTION' 
r_scbond_other         1.544  2.929  ? 746  ? 'X-RAY DIFFRACTION' 
r_scangle_other        2.577  4.292  ? 1090 ? 'X-RAY DIFFRACTION' 
r_long_range_B_refined 5.590  22.908 ? 1821 ? 'X-RAY DIFFRACTION' 
r_long_range_B_other   5.586  22.897 ? 1820 ? 'X-RAY DIFFRACTION' 
# 
_refine_ls_shell.pdbx_refine_id                   'X-RAY DIFFRACTION' 
_refine_ls_shell.pdbx_total_number_of_bins_used   20 
_refine_ls_shell.d_res_high                       1.890 
_refine_ls_shell.d_res_low                        1.939 
_refine_ls_shell.number_reflns_R_work             1094 
_refine_ls_shell.R_factor_R_work                  0.253 
_refine_ls_shell.percent_reflns_obs               100.00 
_refine_ls_shell.R_factor_R_free                  0.297 
_refine_ls_shell.R_factor_R_free_error            ? 
_refine_ls_shell.percent_reflns_R_free            ? 
_refine_ls_shell.number_reflns_R_free             60 
_refine_ls_shell.number_reflns_all                ? 
_refine_ls_shell.R_factor_all                     ? 
_refine_ls_shell.number_reflns_obs                ? 
_refine_ls_shell.redundancy_reflns_obs            ? 
# 
_struct.entry_id                  4QD3 
_struct.title                     
'Crystal structure of Peptidyl-tRNA hydrolase from Pseudomonas aeruginosa with 5-azacytidine at 1.89 Angstrom resolution' 
_struct.pdbx_model_details        ? 
_struct.pdbx_CASP_flag            ? 
_struct.pdbx_model_type_details   ? 
# 
_struct_keywords.entry_id        4QD3 
_struct_keywords.pdbx_keywords   HYDROLASE 
_struct_keywords.text            hydrolase 
# 
loop_
_struct_asym.id 
_struct_asym.pdbx_blank_PDB_chainid_flag 
_struct_asym.pdbx_modified 
_struct_asym.entity_id 
_struct_asym.details 
A N N 1 ? 
B N N 2 ? 
C N N 3 ? 
D N N 4 ? 
# 
_struct_biol.id        1 
_struct_biol.details   ? 
# 
loop_
_struct_conf.conf_type_id 
_struct_conf.id 
_struct_conf.pdbx_PDB_helix_id 
_struct_conf.beg_label_comp_id 
_struct_conf.beg_label_asym_id 
_struct_conf.beg_label_seq_id 
_struct_conf.pdbx_beg_PDB_ins_code 
_struct_conf.end_label_comp_id 
_struct_conf.end_label_asym_id 
_struct_conf.end_label_seq_id 
_struct_conf.pdbx_end_PDB_ins_code 
_struct_conf.beg_auth_comp_id 
_struct_conf.beg_auth_asym_id 
_struct_conf.beg_auth_seq_id 
_struct_conf.end_auth_comp_id 
_struct_conf.end_auth_asym_id 
_struct_conf.end_auth_seq_id 
_struct_conf.pdbx_PDB_helix_class 
_struct_conf.details 
_struct_conf.pdbx_PDB_helix_length 
HELX_P HELX_P1  1  THR A 20  ? HIS A 22  ? THR A 20  HIS A 22  5 ? 3  
HELX_P HELX_P2  2  ASN A 23  ? GLY A 37  ? ASN A 23  GLY A 37  1 ? 15 
HELX_P HELX_P3  3  ARG A 44  ? TYR A 46  ? ARG A 44  TYR A 46  5 ? 3  
HELX_P HELX_P4  4  TYR A 68  ? ASN A 70  ? TYR A 68  ASN A 70  5 ? 3  
HELX_P HELX_P5  5  ARG A 71  ? PHE A 83  ? ARG A 71  PHE A 83  1 ? 13 
HELX_P HELX_P6  6  ALA A 86  ? ASP A 88  ? ALA A 86  ASP A 88  5 ? 3  
HELX_P HELX_P7  7  HIS A 115 ? LEU A 125 ? HIS A 115 LEU A 125 1 ? 11 
HELX_P HELX_P8  8  HIS A 143 ? SER A 145 ? HIS A 143 SER A 145 5 ? 3  
HELX_P HELX_P9  9  LEU A 146 ? LEU A 152 ? LEU A 146 LEU A 152 1 ? 7  
HELX_P HELX_P10 10 PRO A 156 ? VAL A 173 ? PRO A 156 VAL A 173 1 ? 18 
HELX_P HELX_P11 11 VAL A 173 ? GLY A 180 ? VAL A 173 GLY A 180 1 ? 8  
HELX_P HELX_P12 12 ASP A 181 ? HIS A 190 ? ASP A 181 HIS A 190 1 ? 10 
# 
_struct_conf_type.id          HELX_P 
_struct_conf_type.criteria    ? 
_struct_conf_type.reference   ? 
# 
_struct_sheet.id               A 
_struct_sheet.type             ? 
_struct_sheet.number_strands   7 
_struct_sheet.details          ? 
# 
loop_
_struct_sheet_order.sheet_id 
_struct_sheet_order.range_id_1 
_struct_sheet_order.range_id_2 
_struct_sheet_order.offset 
_struct_sheet_order.sense 
A 1 2 ? anti-parallel 
A 2 3 ? anti-parallel 
A 3 4 ? parallel      
A 4 5 ? parallel      
A 5 6 ? parallel      
A 6 7 ? anti-parallel 
# 
loop_
_struct_sheet_range.sheet_id 
_struct_sheet_range.id 
_struct_sheet_range.beg_label_comp_id 
_struct_sheet_range.beg_label_asym_id 
_struct_sheet_range.beg_label_seq_id 
_struct_sheet_range.pdbx_beg_PDB_ins_code 
_struct_sheet_range.end_label_comp_id 
_struct_sheet_range.end_label_asym_id 
_struct_sheet_range.end_label_seq_id 
_struct_sheet_range.pdbx_end_PDB_ins_code 
_struct_sheet_range.beg_auth_comp_id 
_struct_sheet_range.beg_auth_asym_id 
_struct_sheet_range.beg_auth_seq_id 
_struct_sheet_range.end_auth_comp_id 
_struct_sheet_range.end_auth_asym_id 
_struct_sheet_range.end_auth_seq_id 
A 1 VAL A 41  ? ASP A 43  ? VAL A 41  ASP A 43  
A 2 GLY A 48  ? HIS A 55  ? GLY A 48  HIS A 55  
A 3 LYS A 58  ? PRO A 65  ? LYS A 58  PRO A 65  
A 4 LEU A 6   ? GLY A 9   ? LEU A 6   GLY A 9   
A 5 ILE A 90  ? GLU A 96  ? ILE A 90  GLU A 96  
A 6 HIS A 132 ? GLY A 137 ? HIS A 132 GLY A 137 
A 7 ALA A 104 ? THR A 108 ? ALA A 104 THR A 108 
# 
loop_
_pdbx_struct_sheet_hbond.sheet_id 
_pdbx_struct_sheet_hbond.range_id_1 
_pdbx_struct_sheet_hbond.range_id_2 
_pdbx_struct_sheet_hbond.range_1_label_atom_id 
_pdbx_struct_sheet_hbond.range_1_label_comp_id 
_pdbx_struct_sheet_hbond.range_1_label_asym_id 
_pdbx_struct_sheet_hbond.range_1_label_seq_id 
_pdbx_struct_sheet_hbond.range_1_PDB_ins_code 
_pdbx_struct_sheet_hbond.range_1_auth_atom_id 
_pdbx_struct_sheet_hbond.range_1_auth_comp_id 
_pdbx_struct_sheet_hbond.range_1_auth_asym_id 
_pdbx_struct_sheet_hbond.range_1_auth_seq_id 
_pdbx_struct_sheet_hbond.range_2_label_atom_id 
_pdbx_struct_sheet_hbond.range_2_label_comp_id 
_pdbx_struct_sheet_hbond.range_2_label_asym_id 
_pdbx_struct_sheet_hbond.range_2_label_seq_id 
_pdbx_struct_sheet_hbond.range_2_PDB_ins_code 
_pdbx_struct_sheet_hbond.range_2_auth_atom_id 
_pdbx_struct_sheet_hbond.range_2_auth_comp_id 
_pdbx_struct_sheet_hbond.range_2_auth_asym_id 
_pdbx_struct_sheet_hbond.range_2_auth_seq_id 
A 1 2 N VAL A 41  ? N VAL A 41  O VAL A 50  ? O VAL A 50  
A 2 3 N PHE A 53  ? N PHE A 53  O VAL A 60  ? O VAL A 60  
A 3 4 O LEU A 63  ? O LEU A 63  N GLY A 9   ? N GLY A 9   
A 4 5 N VAL A 8   ? N VAL A 8   O ALA A 93  ? O ALA A 93  
A 5 6 N HIS A 94  ? N HIS A 94  O LEU A 136 ? O LEU A 136 
A 6 7 O ARG A 135 ? O ARG A 135 N LYS A 105 ? N LYS A 105 
# 
loop_
_struct_site.id 
_struct_site.pdbx_evidence_code 
_struct_site.pdbx_auth_asym_id 
_struct_site.pdbx_auth_comp_id 
_struct_site.pdbx_auth_seq_id 
_struct_site.pdbx_auth_ins_code 
_struct_site.pdbx_num_residues 
_struct_site.details 
AC1 Software A 5AE 201 ? 13 'BINDING SITE FOR RESIDUE 5AE A 201' 
AC2 Software A GOL 202 ? 7  'BINDING SITE FOR RESIDUE GOL A 202' 
# 
loop_
_struct_site_gen.id 
_struct_site_gen.site_id 
_struct_site_gen.pdbx_num_res 
_struct_site_gen.label_comp_id 
_struct_site_gen.label_asym_id 
_struct_site_gen.label_seq_id 
_struct_site_gen.pdbx_auth_ins_code 
_struct_site_gen.auth_comp_id 
_struct_site_gen.auth_asym_id 
_struct_site_gen.auth_seq_id 
_struct_site_gen.label_atom_id 
_struct_site_gen.label_alt_id 
_struct_site_gen.symmetry 
_struct_site_gen.details 
1  AC1 13 HIS A 22  ? HIS A 22  . ? 1_555 ? 
2  AC1 13 LEU A 97  ? LEU A 97  . ? 1_555 ? 
3  AC1 13 GLY A 113 ? GLY A 113 . ? 1_555 ? 
4  AC1 13 GLY A 114 ? GLY A 114 . ? 1_555 ? 
5  AC1 13 HIS A 115 ? HIS A 115 . ? 1_555 ? 
6  AC1 13 ASN A 116 ? ASN A 116 . ? 1_555 ? 
7  AC1 13 VAL A 147 ? VAL A 147 . ? 1_555 ? 
8  AC1 13 SER A 148 ? SER A 148 . ? 1_555 ? 
9  AC1 13 VAL A 151 ? VAL A 151 . ? 1_555 ? 
10 AC1 13 GLU A 161 ? GLU A 161 . ? 6_555 ? 
11 AC1 13 GOL C .   ? GOL A 202 . ? 1_555 ? 
12 AC1 13 HOH D .   ? HOH A 314 . ? 1_555 ? 
13 AC1 13 HOH D .   ? HOH A 474 . ? 1_555 ? 
14 AC2 7  ASP A 95  ? ASP A 95  . ? 1_555 ? 
15 AC2 7  GLU A 96  ? GLU A 96  . ? 1_555 ? 
16 AC2 7  LEU A 97  ? LEU A 97  . ? 1_555 ? 
17 AC2 7  GLY A 113 ? GLY A 113 . ? 1_555 ? 
18 AC2 7  5AE B .   ? 5AE A 201 . ? 1_555 ? 
19 AC2 7  HOH D .   ? HOH A 315 . ? 1_555 ? 
20 AC2 7  HOH D .   ? HOH A 474 . ? 1_555 ? 
# 
_atom_sites.entry_id                    4QD3 
_atom_sites.fract_transf_matrix[1][1]   -0.00934457 
_atom_sites.fract_transf_matrix[1][2]   0.00486489 
_atom_sites.fract_transf_matrix[1][3]   -0.01460820 
_atom_sites.fract_transf_matrix[2][1]   -0.01560959 
_atom_sites.fract_transf_matrix[2][2]   0.00880050 
_atom_sites.fract_transf_matrix[2][3]   0.00181332 
_atom_sites.fract_transf_matrix[3][1]   0.00312234 
_atom_sites.fract_transf_matrix[3][2]   0.00556765 
_atom_sites.fract_transf_matrix[3][3]   -0.00014314 
_atom_sites.fract_transf_vector[1]      0.277986 
_atom_sites.fract_transf_vector[2]      0.375965 
_atom_sites.fract_transf_vector[3]      0.035456 
# 
loop_
_atom_type.symbol 
C 
N 
O 
S 
# 
loop_
_atom_site.group_PDB 
_atom_site.id 
_atom_site.type_symbol 
_atom_site.label_atom_id 
_atom_site.label_alt_id 
_atom_site.label_comp_id 
_atom_site.label_asym_id 
_atom_site.label_entity_id 
_atom_site.label_seq_id 
_atom_site.pdbx_PDB_ins_code 
_atom_site.Cartn_x 
_atom_site.Cartn_y 
_atom_site.Cartn_z 
_atom_site.occupancy 
_atom_site.B_iso_or_equiv 
_atom_site.pdbx_formal_charge 
_atom_site.auth_seq_id 
_atom_site.auth_comp_id 
_atom_site.auth_asym_id 
_atom_site.auth_atom_id 
_atom_site.pdbx_PDB_model_num 
ATOM   1    N N     . MET A 1 1   ? -17.064 9.736   -3.438  1.00 53.40 ? 1   MET A N     1 
ATOM   2    C CA    . MET A 1 1   ? -17.033 11.171  -3.549  1.00 53.43 ? 1   MET A CA    1 
ATOM   3    C C     . MET A 1 1   ? -15.719 11.610  -4.137  1.00 47.73 ? 1   MET A C     1 
ATOM   4    O O     . MET A 1 1   ? -15.691 12.370  -5.064  1.00 47.76 ? 1   MET A O     1 
ATOM   5    C CB    . MET A 1 1   ? -17.284 11.858  -2.196  1.00 58.31 ? 1   MET A CB    1 
ATOM   6    C CG    . MET A 1 1   ? -17.496 13.375  -2.271  1.00 61.76 ? 1   MET A CG    1 
ATOM   7    S SD    . MET A 1 1   ? -16.893 14.395  -0.886  1.00 70.01 ? 1   MET A SD    1 
ATOM   8    C CE    . MET A 1 1   ? -16.712 16.007  -1.671  1.00 67.18 ? 1   MET A CE    1 
ATOM   9    N N     . THR A 1 2   ? -14.629 11.120  -3.595  1.00 40.75 ? 2   THR A N     1 
ATOM   10   C CA    . THR A 1 2   ? -13.327 11.642  -4.000  1.00 36.40 ? 2   THR A CA    1 
ATOM   11   C C     . THR A 1 2   ? -12.589 10.511  -4.699  1.00 31.60 ? 2   THR A C     1 
ATOM   12   O O     . THR A 1 2   ? -12.307 9.483   -4.083  1.00 30.35 ? 2   THR A O     1 
ATOM   13   C CB    . THR A 1 2   ? -12.500 12.125  -2.791  1.00 37.49 ? 2   THR A CB    1 
ATOM   14   O OG1   . THR A 1 2   ? -13.145 13.251  -2.180  1.00 37.72 ? 2   THR A OG1   1 
ATOM   15   C CG2   . THR A 1 2   ? -11.082 12.524  -3.218  1.00 37.78 ? 2   THR A CG2   1 
ATOM   16   N N     . ALA A 1 3   ? -12.293 10.688  -5.983  1.00 28.51 ? 3   ALA A N     1 
ATOM   17   C CA    . ALA A 1 3   ? -11.599 9.653   -6.747  1.00 27.21 ? 3   ALA A CA    1 
ATOM   18   C C     . ALA A 1 3   ? -10.160 9.527   -6.253  1.00 25.70 ? 3   ALA A C     1 
ATOM   19   O O     . ALA A 1 3   ? -9.549  10.517  -5.858  1.00 24.80 ? 3   ALA A O     1 
ATOM   20   C CB    . ALA A 1 3   ? -11.625 9.975   -8.232  1.00 27.01 ? 3   ALA A CB    1 
ATOM   21   N N     . VAL A 1 4   ? -9.634  8.305   -6.266  1.00 24.99 ? 4   VAL A N     1 
ATOM   22   C CA    . VAL A 1 4   ? -8.233  8.058   -5.900  1.00 24.14 ? 4   VAL A CA    1 
ATOM   23   C C     . VAL A 1 4   ? -7.335  8.519   -7.052  1.00 24.42 ? 4   VAL A C     1 
ATOM   24   O O     . VAL A 1 4   ? -7.560  8.141   -8.200  1.00 25.35 ? 4   VAL A O     1 
ATOM   25   C CB    . VAL A 1 4   ? -8.005  6.566   -5.579  1.00 24.63 ? 4   VAL A CB    1 
ATOM   26   C CG1   . VAL A 1 4   ? -6.519  6.209   -5.523  1.00 24.51 ? 4   VAL A CG1   1 
ATOM   27   C CG2   . VAL A 1 4   ? -8.680  6.218   -4.267  1.00 24.91 ? 4   VAL A CG2   1 
ATOM   28   N N     . GLN A 1 5   ? -6.367  9.355   -6.748  1.00 23.96 ? 5   GLN A N     1 
ATOM   29   C CA    . GLN A 1 5   ? -5.414  9.818   -7.726  1.00 24.85 ? 5   GLN A CA    1 
ATOM   30   C C     . GLN A 1 5   ? -3.987  9.223   -7.543  1.00 22.37 ? 5   GLN A C     1 
ATOM   31   O O     . GLN A 1 5   ? -3.152  9.375   -8.365  1.00 21.24 ? 5   GLN A O     1 
ATOM   32   C CB    . GLN A 1 5   ? -5.339  11.337  -7.712  1.00 28.15 ? 5   GLN A CB    1 
ATOM   33   C CG    . GLN A 1 5   ? -6.541  12.113  -8.193  1.00 31.32 ? 5   GLN A CG    1 
ATOM   34   C CD    . GLN A 1 5   ? -6.394  13.580  -7.852  1.00 35.13 ? 5   GLN A CD    1 
ATOM   35   O OE1   . GLN A 1 5   ? -6.858  14.031  -6.841  1.00 37.50 ? 5   GLN A OE1   1 
ATOM   36   N NE2   . GLN A 1 5   ? -5.688  14.302  -8.673  1.00 37.62 ? 5   GLN A NE2   1 
ATOM   37   N N     . LEU A 1 6   ? -3.746  8.582   -6.419  1.00 20.80 ? 6   LEU A N     1 
ATOM   38   C CA    . LEU A 1 6   ? -2.432  8.018   -6.117  1.00 19.66 ? 6   LEU A CA    1 
ATOM   39   C C     . LEU A 1 6   ? -2.579  6.766   -5.261  1.00 19.13 ? 6   LEU A C     1 
ATOM   40   O O     . LEU A 1 6   ? -3.238  6.800   -4.220  1.00 18.05 ? 6   LEU A O     1 
ATOM   41   C CB    . LEU A 1 6   ? -1.557  9.043   -5.376  1.00 19.41 ? 6   LEU A CB    1 
ATOM   42   C CG    . LEU A 1 6   ? -0.160  8.560   -4.932  1.00 19.54 ? 6   LEU A CG    1 
ATOM   43   C CD1   . LEU A 1 6   ? 0.686   8.115   -6.117  1.00 19.30 ? 6   LEU A CD1   1 
ATOM   44   C CD2   . LEU A 1 6   ? 0.568   9.639   -4.136  1.00 20.00 ? 6   LEU A CD2   1 
ATOM   45   N N     . ILE A 1 7   ? -1.956  5.679   -5.703  1.00 17.89 ? 7   ILE A N     1 
ATOM   46   C CA    . ILE A 1 7   ? -1.915  4.438   -4.951  1.00 18.21 ? 7   ILE A CA    1 
ATOM   47   C C     . ILE A 1 7   ? -0.449  4.136   -4.646  1.00 18.34 ? 7   ILE A C     1 
ATOM   48   O O     . ILE A 1 7   ? 0.382   4.028   -5.554  1.00 18.18 ? 7   ILE A O     1 
ATOM   49   C CB    . ILE A 1 7   ? -2.582  3.287   -5.718  1.00 18.14 ? 7   ILE A CB    1 
ATOM   50   C CG1   . ILE A 1 7   ? -4.043  3.647   -6.011  1.00 18.98 ? 7   ILE A CG1   1 
ATOM   51   C CG2   . ILE A 1 7   ? -2.494  1.987   -4.922  1.00 18.43 ? 7   ILE A CG2   1 
ATOM   52   C CD1   . ILE A 1 7   ? -4.772  2.652   -6.892  1.00 19.42 ? 7   ILE A CD1   1 
ATOM   53   N N     . VAL A 1 8   ? -0.134  4.050   -3.360  1.00 18.12 ? 8   VAL A N     1 
ATOM   54   C CA    . VAL A 1 8   ? 1.237   3.862   -2.913  1.00 17.65 ? 8   VAL A CA    1 
ATOM   55   C C     . VAL A 1 8   ? 1.385   2.450   -2.371  1.00 17.84 ? 8   VAL A C     1 
ATOM   56   O O     . VAL A 1 8   ? 0.531   1.977   -1.610  1.00 18.07 ? 8   VAL A O     1 
ATOM   57   C CB    . VAL A 1 8   ? 1.638   4.877   -1.815  1.00 17.72 ? 8   VAL A CB    1 
ATOM   58   C CG1   . VAL A 1 8   ? 3.133   4.781   -1.537  1.00 18.29 ? 8   VAL A CG1   1 
ATOM   59   C CG2   . VAL A 1 8   ? 1.267   6.299   -2.219  1.00 17.35 ? 8   VAL A CG2   1 
ATOM   60   N N     . GLY A 1 9   ? 2.460   1.774   -2.769  1.00 17.50 ? 9   GLY A N     1 
ATOM   61   C CA    . GLY A 1 9   ? 2.782   0.452   -2.247  1.00 17.46 ? 9   GLY A CA    1 
ATOM   62   C C     . GLY A 1 9   ? 4.097   0.460   -1.479  1.00 18.09 ? 9   GLY A C     1 
ATOM   63   O O     . GLY A 1 9   ? 5.174   0.654   -2.061  1.00 17.69 ? 9   GLY A O     1 
ATOM   64   N N     . LEU A 1 10  ? 4.012   0.230   -0.173  1.00 18.53 ? 10  LEU A N     1 
ATOM   65   C CA    . LEU A 1 10  ? 5.173   0.342   0.703   1.00 19.32 ? 10  LEU A CA    1 
ATOM   66   C C     . LEU A 1 10  ? 6.073   -0.895  0.685   1.00 19.32 ? 10  LEU A C     1 
ATOM   67   O O     . LEU A 1 10  ? 5.618   -2.042  0.604   1.00 18.18 ? 10  LEU A O     1 
ATOM   68   C CB    . LEU A 1 10  ? 4.720   0.665   2.134   1.00 19.83 ? 10  LEU A CB    1 
ATOM   69   C CG    . LEU A 1 10  ? 3.936   1.973   2.287   1.00 20.20 ? 10  LEU A CG    1 
ATOM   70   C CD1   . LEU A 1 10  ? 3.644   2.271   3.749   1.00 20.63 ? 10  LEU A CD1   1 
ATOM   71   C CD2   . LEU A 1 10  ? 4.670   3.137   1.652   1.00 21.19 ? 10  LEU A CD2   1 
ATOM   72   N N     . GLY A 1 11  ? 7.373   -0.648  0.746   1.00 19.18 ? 11  GLY A N     1 
ATOM   73   C CA    . GLY A 1 11  ? 8.332   -1.720  0.777   1.00 20.35 ? 11  GLY A CA    1 
ATOM   74   C C     . GLY A 1 11  ? 9.735   -1.171  0.910   1.00 21.86 ? 11  GLY A C     1 
ATOM   75   O O     . GLY A 1 11  ? 9.953   0.041   0.783   1.00 22.77 ? 11  GLY A O     1 
ATOM   76   N N     . ASN A 1 12  ? 10.677  -2.062  1.187   1.00 21.85 ? 12  ASN A N     1 
ATOM   77   C CA    . ASN A 1 12  ? 12.099  -1.717  1.182   1.00 23.46 ? 12  ASN A CA    1 
ATOM   78   C C     . ASN A 1 12  ? 12.715  -2.112  -0.145  1.00 24.71 ? 12  ASN A C     1 
ATOM   79   O O     . ASN A 1 12  ? 12.334  -3.130  -0.721  1.00 24.90 ? 12  ASN A O     1 
ATOM   80   C CB    . ASN A 1 12  ? 12.832  -2.430  2.316   1.00 23.50 ? 12  ASN A CB    1 
ATOM   81   C CG    . ASN A 1 12  ? 12.623  -1.758  3.656   1.00 23.58 ? 12  ASN A CG    1 
ATOM   82   O OD1   . ASN A 1 12  ? 12.967  -0.584  3.830   1.00 23.16 ? 12  ASN A OD1   1 
ATOM   83   N ND2   . ASN A 1 12  ? 12.091  -2.498  4.615   1.00 23.25 ? 12  ASN A ND2   1 
ATOM   84   N N     . PRO A 1 13  ? 13.679  -1.314  -0.640  1.00 25.66 ? 13  PRO A N     1 
ATOM   85   C CA    . PRO A 1 13  ? 14.272  -1.607  -1.930  1.00 25.55 ? 13  PRO A CA    1 
ATOM   86   C C     . PRO A 1 13  ? 15.390  -2.643  -1.803  1.00 27.16 ? 13  PRO A C     1 
ATOM   87   O O     . PRO A 1 13  ? 15.944  -2.824  -0.716  1.00 26.79 ? 13  PRO A O     1 
ATOM   88   C CB    . PRO A 1 13  ? 14.834  -0.247  -2.358  1.00 25.79 ? 13  PRO A CB    1 
ATOM   89   C CG    . PRO A 1 13  ? 15.226  0.396   -1.077  1.00 25.46 ? 13  PRO A CG    1 
ATOM   90   C CD    . PRO A 1 13  ? 14.239  -0.085  -0.045  1.00 26.17 ? 13  PRO A CD    1 
ATOM   91   N N     . GLY A 1 14  ? 15.695  -3.325  -2.902  1.00 28.43 ? 14  GLY A N     1 
ATOM   92   C CA    . GLY A 1 14  ? 16.885  -4.172  -2.985  1.00 30.24 ? 14  GLY A CA    1 
ATOM   93   C C     . GLY A 1 14  ? 16.611  -5.655  -2.817  1.00 31.65 ? 14  GLY A C     1 
ATOM   94   O O     . GLY A 1 14  ? 15.608  -6.036  -2.206  1.00 31.61 ? 14  GLY A O     1 
ATOM   95   N N     . PRO A 1 15  ? 17.508  -6.509  -3.351  1.00 32.35 ? 15  PRO A N     1 
ATOM   96   C CA    . PRO A 1 15  ? 17.289  -7.960  -3.315  1.00 33.93 ? 15  PRO A CA    1 
ATOM   97   C C     . PRO A 1 15  ? 17.106  -8.540  -1.913  1.00 33.68 ? 15  PRO A C     1 
ATOM   98   O O     . PRO A 1 15  ? 16.390  -9.513  -1.756  1.00 35.24 ? 15  PRO A O     1 
ATOM   99   C CB    . PRO A 1 15  ? 18.557  -8.529  -3.973  1.00 34.25 ? 15  PRO A CB    1 
ATOM   100  C CG    . PRO A 1 15  ? 19.080  -7.415  -4.824  1.00 35.05 ? 15  PRO A CG    1 
ATOM   101  C CD    . PRO A 1 15  ? 18.757  -6.162  -4.058  1.00 34.14 ? 15  PRO A CD    1 
ATOM   102  N N     . GLU A 1 16  ? 17.741  -7.945  -0.920  1.00 37.16 ? 16  GLU A N     1 
ATOM   103  C CA    . GLU A 1 16  ? 17.686  -8.409  0.465   1.00 39.53 ? 16  GLU A CA    1 
ATOM   104  C C     . GLU A 1 16  ? 16.324  -8.337  1.091   1.00 35.95 ? 16  GLU A C     1 
ATOM   105  O O     . GLU A 1 16  ? 16.034  -9.063  1.973   1.00 34.73 ? 16  GLU A O     1 
ATOM   106  C CB    . GLU A 1 16  ? 18.616  -7.641  1.351   1.00 44.94 ? 16  GLU A CB    1 
ATOM   107  C CG    . GLU A 1 16  ? 19.754  -7.078  0.576   1.00 49.93 ? 16  GLU A CG    1 
ATOM   108  C CD    . GLU A 1 16  ? 19.679  -5.617  0.538   1.00 52.95 ? 16  GLU A CD    1 
ATOM   109  O OE1   . GLU A 1 16  ? 20.053  -5.044  1.566   1.00 56.60 ? 16  GLU A OE1   1 
ATOM   110  O OE2   . GLU A 1 16  ? 19.252  -5.071  -0.498  1.00 56.26 ? 16  GLU A OE2   1 
ATOM   111  N N     . TYR A 1 17  ? 15.553  -7.370  0.663   1.00 32.37 ? 17  TYR A N     1 
ATOM   112  C CA    . TYR A 1 17  ? 14.233  -7.113  1.227   1.00 30.72 ? 17  TYR A CA    1 
ATOM   113  C C     . TYR A 1 17  ? 13.109  -7.603  0.320   1.00 29.66 ? 17  TYR A C     1 
ATOM   114  O O     . TYR A 1 17  ? 11.947  -7.626  0.716   1.00 29.06 ? 17  TYR A O     1 
ATOM   115  C CB    . TYR A 1 17  ? 14.076  -5.620  1.493   1.00 30.40 ? 17  TYR A CB    1 
ATOM   116  C CG    . TYR A 1 17  ? 15.051  -5.095  2.522   1.00 30.98 ? 17  TYR A CG    1 
ATOM   117  C CD1   . TYR A 1 17  ? 14.809  -5.255  3.883   1.00 31.62 ? 17  TYR A CD1   1 
ATOM   118  C CD2   . TYR A 1 17  ? 16.220  -4.444  2.135   1.00 30.69 ? 17  TYR A CD2   1 
ATOM   119  C CE1   . TYR A 1 17  ? 15.699  -4.777  4.831   1.00 32.35 ? 17  TYR A CE1   1 
ATOM   120  C CE2   . TYR A 1 17  ? 17.117  -3.968  3.075   1.00 31.36 ? 17  TYR A CE2   1 
ATOM   121  C CZ    . TYR A 1 17  ? 16.853  -4.131  4.418   1.00 32.38 ? 17  TYR A CZ    1 
ATOM   122  O OH    . TYR A 1 17  ? 17.739  -3.651  5.355   1.00 33.15 ? 17  TYR A OH    1 
ATOM   123  N N     . ASP A 1 18  ? 13.454  -7.984  -0.904  1.00 30.36 ? 18  ASP A N     1 
ATOM   124  C CA    . ASP A 1 18  ? 12.462  -8.412  -1.867  1.00 30.96 ? 18  ASP A CA    1 
ATOM   125  C C     . ASP A 1 18  ? 11.770  -9.688  -1.376  1.00 31.10 ? 18  ASP A C     1 
ATOM   126  O O     . ASP A 1 18  ? 12.411  -10.588 -0.840  1.00 31.52 ? 18  ASP A O     1 
ATOM   127  C CB    . ASP A 1 18  ? 13.121  -8.651  -3.225  1.00 33.79 ? 18  ASP A CB    1 
ATOM   128  C CG    . ASP A 1 18  ? 12.113  -8.883  -4.331  1.00 35.06 ? 18  ASP A CG    1 
ATOM   129  O OD1   . ASP A 1 18  ? 11.166  -8.082  -4.471  1.00 36.46 ? 18  ASP A OD1   1 
ATOM   130  O OD2   . ASP A 1 18  ? 12.267  -9.870  -5.071  1.00 38.89 ? 18  ASP A OD2   1 
ATOM   131  N N     . GLN A 1 19  ? 10.471  -9.718  -1.521  1.00 30.60 ? 19  GLN A N     1 
ATOM   132  C CA    . GLN A 1 19  ? 9.670   -10.849 -1.108  1.00 30.76 ? 19  GLN A CA    1 
ATOM   133  C C     . GLN A 1 19  ? 9.521   -10.984 0.411   1.00 26.32 ? 19  GLN A C     1 
ATOM   134  O O     . GLN A 1 19  ? 8.967   -11.922 0.862   1.00 25.29 ? 19  GLN A O     1 
ATOM   135  C CB    . GLN A 1 19  ? 10.185  -12.154 -1.701  1.00 33.99 ? 19  GLN A CB    1 
ATOM   136  C CG    . GLN A 1 19  ? 10.588  -12.138 -3.168  1.00 37.57 ? 19  GLN A CG    1 
ATOM   137  C CD    . GLN A 1 19  ? 9.466   -11.856 -4.136  1.00 40.36 ? 19  GLN A CD    1 
ATOM   138  O OE1   . GLN A 1 19  ? 8.849   -12.754 -4.646  1.00 45.46 ? 19  GLN A OE1   1 
ATOM   139  N NE2   . GLN A 1 19  ? 9.226   -10.614 -4.409  1.00 42.92 ? 19  GLN A NE2   1 
ATOM   140  N N     . THR A 1 20  ? 9.995   -10.027 1.187   1.00 23.13 ? 20  THR A N     1 
ATOM   141  C CA    . THR A 1 20  ? 9.778   -10.044 2.638   1.00 22.13 ? 20  THR A CA    1 
ATOM   142  C C     . THR A 1 20  ? 8.389   -9.505  2.961   1.00 20.58 ? 20  THR A C     1 
ATOM   143  O O     . THR A 1 20  ? 7.759   -8.840  2.134   1.00 20.17 ? 20  THR A O     1 
ATOM   144  C CB    . THR A 1 20  ? 10.834  -9.231  3.410   1.00 22.12 ? 20  THR A CB    1 
ATOM   145  O OG1   . THR A 1 20  ? 10.794  -7.855  2.998   1.00 21.39 ? 20  THR A OG1   1 
ATOM   146  C CG2   . THR A 1 20  ? 12.215  -9.808  3.181   1.00 22.98 ? 20  THR A CG2   1 
ATOM   147  N N     . ARG A 1 21  ? 7.935   -9.774  4.178   1.00 19.73 ? 21  ARG A N     1 
ATOM   148  C CA    . ARG A 1 21  ? 6.590   -9.401  4.614   1.00 18.72 ? 21  ARG A CA    1 
ATOM   149  C C     . ARG A 1 21  ? 6.325   -7.891  4.541   1.00 18.72 ? 21  ARG A C     1 
ATOM   150  O O     . ARG A 1 21  ? 5.243   -7.473  4.138   1.00 18.15 ? 21  ARG A O     1 
ATOM   151  C CB    . ARG A 1 21  ? 6.328   -9.911  6.036   1.00 19.36 ? 21  ARG A CB    1 
ATOM   152  C CG    . ARG A 1 21  ? 6.321   -11.428 6.180   1.00 19.74 ? 21  ARG A CG    1 
ATOM   153  C CD    . ARG A 1 21  ? 5.933   -11.817 7.601   1.00 20.11 ? 21  ARG A CD    1 
ATOM   154  N NE    . ARG A 1 21  ? 5.849   -13.262 7.800   1.00 21.00 ? 21  ARG A NE    1 
ATOM   155  C CZ    . ARG A 1 21  ? 6.820   -14.039 8.287   1.00 21.99 ? 21  ARG A CZ    1 
ATOM   156  N NH1   . ARG A 1 21  ? 8.006   -13.541 8.639   1.00 22.59 ? 21  ARG A NH1   1 
ATOM   157  N NH2   . ARG A 1 21  ? 6.608   -15.342 8.418   1.00 22.87 ? 21  ARG A NH2   1 
ATOM   158  N N     . HIS A 1 22  ? 7.323   -7.090  4.857   1.00 17.91 ? 22  HIS A N     1 
ATOM   159  C CA    . HIS A 1 22  ? 7.201   -5.648  4.908   1.00 18.62 ? 22  HIS A CA    1 
ATOM   160  C C     . HIS A 1 22  ? 6.976   -5.035  3.518   1.00 18.23 ? 22  HIS A C     1 
ATOM   161  O O     . HIS A 1 22  ? 6.762   -3.866  3.419   1.00 18.17 ? 22  HIS A O     1 
ATOM   162  C CB    . HIS A 1 22  ? 8.450   -5.031  5.543   1.00 19.26 ? 22  HIS A CB    1 
ATOM   163  C CG    . HIS A 1 22  ? 8.193   -3.865  6.445   1.00 19.74 ? 22  HIS A CG    1 
ATOM   164  N ND1   . HIS A 1 22  ? 6.982   -3.614  7.027   1.00 20.45 ? 22  HIS A ND1   1 
ATOM   165  C CD2   . HIS A 1 22  ? 9.022   -2.893  6.877   1.00 20.57 ? 22  HIS A CD2   1 
ATOM   166  C CE1   . HIS A 1 22  ? 7.080   -2.542  7.784   1.00 21.25 ? 22  HIS A CE1   1 
ATOM   167  N NE2   . HIS A 1 22  ? 8.315   -2.094  7.719   1.00 20.72 ? 22  HIS A NE2   1 
ATOM   168  N N     . ASN A 1 23  ? 7.157   -5.830  2.477   1.00 17.94 ? 23  ASN A N     1 
ATOM   169  C CA    . ASN A 1 23  ? 6.937   -5.379  1.091   1.00 18.42 ? 23  ASN A CA    1 
ATOM   170  C C     . ASN A 1 23  ? 5.575   -5.751  0.494   1.00 18.39 ? 23  ASN A C     1 
ATOM   171  O O     . ASN A 1 23  ? 5.386   -5.653  -0.726  1.00 17.93 ? 23  ASN A O     1 
ATOM   172  C CB    . ASN A 1 23  ? 8.049   -5.910  0.185   1.00 19.16 ? 23  ASN A CB    1 
ATOM   173  C CG    . ASN A 1 23  ? 9.353   -5.169  0.383   1.00 19.82 ? 23  ASN A CG    1 
ATOM   174  O OD1   . ASN A 1 23  ? 9.610   -4.607  1.454   1.00 20.42 ? 23  ASN A OD1   1 
ATOM   175  N ND2   . ASN A 1 23  ? 10.173  -5.144  -0.653  1.00 20.60 ? 23  ASN A ND2   1 
ATOM   176  N N     . ALA A 1 24  ? 4.628   -6.142  1.348   1.00 18.22 ? 24  ALA A N     1 
ATOM   177  C CA    . ALA A 1 24  ? 3.285   -6.542  0.898   1.00 18.34 ? 24  ALA A CA    1 
ATOM   178  C C     . ALA A 1 24  ? 2.588   -5.458  0.077   1.00 18.11 ? 24  ALA A C     1 
ATOM   179  O O     . ALA A 1 24  ? 1.939   -5.747  -0.934  1.00 18.08 ? 24  ALA A O     1 
ATOM   180  C CB    . ALA A 1 24  ? 2.419   -6.916  2.093   1.00 18.53 ? 24  ALA A CB    1 
ATOM   181  N N     . GLY A 1 25  ? 2.696   -4.215  0.531   1.00 17.29 ? 25  GLY A N     1 
ATOM   182  C CA    . GLY A 1 25  ? 2.106   -3.094  -0.182  1.00 17.58 ? 25  GLY A CA    1 
ATOM   183  C C     . GLY A 1 25  ? 2.656   -2.922  -1.586  1.00 17.65 ? 25  GLY A C     1 
ATOM   184  O O     . GLY A 1 25  ? 1.900   -2.710  -2.531  1.00 17.19 ? 25  GLY A O     1 
ATOM   185  N N     . ALA A 1 26  ? 3.980   -3.000  -1.712  1.00 18.22 ? 26  ALA A N     1 
ATOM   186  C CA    . ALA A 1 26  ? 4.651   -2.882  -3.001  1.00 18.59 ? 26  ALA A CA    1 
ATOM   187  C C     . ALA A 1 26  ? 4.231   -4.020  -3.931  1.00 19.03 ? 26  ALA A C     1 
ATOM   188  O O     . ALA A 1 26  ? 4.021   -3.808  -5.129  1.00 19.65 ? 26  ALA A O     1 
ATOM   189  C CB    . ALA A 1 26  ? 6.160   -2.885  -2.812  1.00 18.22 ? 26  ALA A CB    1 
ATOM   190  N N     . LEU A 1 27  ? 4.115   -5.219  -3.372  1.00 19.06 ? 27  LEU A N     1 
ATOM   191  C CA    . LEU A 1 27  ? 3.607   -6.372  -4.120  1.00 19.62 ? 27  LEU A CA    1 
ATOM   192  C C     . LEU A 1 27  ? 2.205   -6.102  -4.675  1.00 19.35 ? 27  LEU A C     1 
ATOM   193  O O     . LEU A 1 27  ? 1.928   -6.409  -5.847  1.00 19.85 ? 27  LEU A O     1 
ATOM   194  C CB    . LEU A 1 27  ? 3.590   -7.637  -3.262  1.00 19.42 ? 27  LEU A CB    1 
ATOM   195  C CG    . LEU A 1 27  ? 3.096   -8.906  -3.989  1.00 20.06 ? 27  LEU A CG    1 
ATOM   196  C CD1   . LEU A 1 27  ? 4.015   -9.258  -5.153  1.00 20.58 ? 27  LEU A CD1   1 
ATOM   197  C CD2   . LEU A 1 27  ? 2.991   -10.083 -3.030  1.00 20.25 ? 27  LEU A CD2   1 
ATOM   198  N N     . PHE A 1 28  ? 1.322   -5.548  -3.842  1.00 18.58 ? 28  PHE A N     1 
ATOM   199  C CA    . PHE A 1 28  ? -0.010  -5.166  -4.304  1.00 18.32 ? 28  PHE A CA    1 
ATOM   200  C C     . PHE A 1 28  ? 0.078   -4.225  -5.513  1.00 18.77 ? 28  PHE A C     1 
ATOM   201  O O     . PHE A 1 28  ? -0.600  -4.439  -6.517  1.00 19.35 ? 28  PHE A O     1 
ATOM   202  C CB    . PHE A 1 28  ? -0.852  -4.512  -3.181  1.00 18.67 ? 28  PHE A CB    1 
ATOM   203  C CG    . PHE A 1 28  ? -2.142  -3.926  -3.675  1.00 18.29 ? 28  PHE A CG    1 
ATOM   204  C CD1   . PHE A 1 28  ? -3.246  -4.737  -3.900  1.00 18.41 ? 28  PHE A CD1   1 
ATOM   205  C CD2   . PHE A 1 28  ? -2.246  -2.573  -3.954  1.00 17.90 ? 28  PHE A CD2   1 
ATOM   206  C CE1   . PHE A 1 28  ? -4.426  -4.205  -4.395  1.00 17.73 ? 28  PHE A CE1   1 
ATOM   207  C CE2   . PHE A 1 28  ? -3.422  -2.038  -4.437  1.00 18.55 ? 28  PHE A CE2   1 
ATOM   208  C CZ    . PHE A 1 28  ? -4.515  -2.860  -4.662  1.00 18.17 ? 28  PHE A CZ    1 
ATOM   209  N N     . VAL A 1 29  ? 0.901   -3.183  -5.414  1.00 18.64 ? 29  VAL A N     1 
ATOM   210  C CA    . VAL A 1 29  ? 0.992   -2.208  -6.492  1.00 18.84 ? 29  VAL A CA    1 
ATOM   211  C C     . VAL A 1 29  ? 1.637   -2.833  -7.737  1.00 19.82 ? 29  VAL A C     1 
ATOM   212  O O     . VAL A 1 29  ? 1.226   -2.528  -8.847  1.00 19.55 ? 29  VAL A O     1 
ATOM   213  C CB    . VAL A 1 29  ? 1.706   -0.918  -6.043  1.00 18.53 ? 29  VAL A CB    1 
ATOM   214  C CG1   . VAL A 1 29  ? 1.969   0.006   -7.224  1.00 18.13 ? 29  VAL A CG1   1 
ATOM   215  C CG2   . VAL A 1 29  ? 0.844   -0.197  -5.004  1.00 18.89 ? 29  VAL A CG2   1 
ATOM   216  N N     . GLU A 1 30  ? 2.619   -3.708  -7.546  1.00 21.11 ? 30  GLU A N     1 
ATOM   217  C CA    . GLU A 1 30  ? 3.198   -4.475  -8.657  1.00 23.34 ? 30  GLU A CA    1 
ATOM   218  C C     . GLU A 1 30  ? 2.138   -5.295  -9.398  1.00 22.72 ? 30  GLU A C     1 
ATOM   219  O O     . GLU A 1 30  ? 2.085   -5.311  -10.634 1.00 20.38 ? 30  GLU A O     1 
ATOM   220  C CB    . GLU A 1 30  ? 4.248   -5.452  -8.145  1.00 26.70 ? 30  GLU A CB    1 
ATOM   221  C CG    . GLU A 1 30  ? 5.675   -4.981  -8.217  1.00 30.93 ? 30  GLU A CG    1 
ATOM   222  C CD    . GLU A 1 30  ? 6.627   -6.162  -8.179  1.00 32.70 ? 30  GLU A CD    1 
ATOM   223  O OE1   . GLU A 1 30  ? 7.063   -6.526  -7.075  1.00 39.38 ? 30  GLU A OE1   1 
ATOM   224  O OE2   . GLU A 1 30  ? 6.896   -6.763  -9.237  1.00 36.35 ? 30  GLU A OE2   1 
ATOM   225  N N     . ARG A 1 31  ? 1.321   -5.973  -8.621  1.00 22.48 ? 31  ARG A N     1 
ATOM   226  C CA    . ARG A 1 31  ? 0.250   -6.752  -9.166  1.00 23.57 ? 31  ARG A CA    1 
ATOM   227  C C     . ARG A 1 31  ? -0.768  -5.909  -9.928  1.00 22.65 ? 31  ARG A C     1 
ATOM   228  O O     . ARG A 1 31  ? -1.149  -6.231  -11.008 1.00 20.86 ? 31  ARG A O     1 
ATOM   229  C CB    . ARG A 1 31  ? -0.495  -7.380  -8.025  1.00 26.23 ? 31  ARG A CB    1 
ATOM   230  C CG    . ARG A 1 31  ? -0.311  -8.836  -7.861  1.00 30.28 ? 31  ARG A CG    1 
ATOM   231  C CD    . ARG A 1 31  ? 1.047   -9.235  -7.483  1.00 32.94 ? 31  ARG A CD    1 
ATOM   232  N NE    . ARG A 1 31  ? 1.372   -10.551 -8.024  1.00 35.35 ? 31  ARG A NE    1 
ATOM   233  C CZ    . ARG A 1 31  ? 1.410   -11.644 -7.305  1.00 38.62 ? 31  ARG A CZ    1 
ATOM   234  N NH1   . ARG A 1 31  ? 1.728   -12.782 -7.900  1.00 40.73 ? 31  ARG A NH1   1 
ATOM   235  N NH2   . ARG A 1 31  ? 1.070   -11.612 -6.011  1.00 39.54 ? 31  ARG A NH2   1 
ATOM   236  N N     . LEU A 1 32  ? -1.129  -4.800  -9.331  1.00 20.81 ? 32  LEU A N     1 
ATOM   237  C CA    . LEU A 1 32  ? -2.055  -3.900  -9.925  1.00 21.28 ? 32  LEU A CA    1 
ATOM   238  C C     . LEU A 1 32  ? -1.543  -3.296  -11.233 1.00 21.08 ? 32  LEU A C     1 
ATOM   239  O O     . LEU A 1 32  ? -2.235  -3.280  -12.209 1.00 20.29 ? 32  LEU A O     1 
ATOM   240  C CB    . LEU A 1 32  ? -2.308  -2.788  -8.940  1.00 22.05 ? 32  LEU A CB    1 
ATOM   241  C CG    . LEU A 1 32  ? -3.211  -1.640  -9.325  1.00 23.14 ? 32  LEU A CG    1 
ATOM   242  C CD1   . LEU A 1 32  ? -4.467  -2.139  -9.925  1.00 24.08 ? 32  LEU A CD1   1 
ATOM   243  C CD2   . LEU A 1 32  ? -3.490  -0.775  -8.134  1.00 23.37 ? 32  LEU A CD2   1 
ATOM   244  N N     . ALA A 1 33  ? -0.291  -2.844  -11.206 1.00 20.06 ? 33  ALA A N     1 
ATOM   245  C CA    . ALA A 1 33  ? 0.364   -2.319  -12.406 1.00 20.40 ? 33  ALA A CA    1 
ATOM   246  C C     . ALA A 1 33  ? 0.381   -3.350  -13.540 1.00 21.22 ? 33  ALA A C     1 
ATOM   247  O O     . ALA A 1 33  ? 0.080   -3.024  -14.684 1.00 21.34 ? 33  ALA A O     1 
ATOM   248  C CB    . ALA A 1 33  ? 1.784   -1.869  -12.088 1.00 20.08 ? 33  ALA A CB    1 
ATOM   249  N N     . HIS A 1 34  ? 0.724   -4.590  -13.217 1.00 21.93 ? 34  HIS A N     1 
ATOM   250  C CA    . HIS A 1 34  ? 0.772   -5.642  -14.224 1.00 23.76 ? 34  HIS A CA    1 
ATOM   251  C C     . HIS A 1 34  ? -0.619  -5.891  -14.811 1.00 23.97 ? 34  HIS A C     1 
ATOM   252  O O     . HIS A 1 34  ? -0.768  -5.984  -16.027 1.00 23.81 ? 34  HIS A O     1 
ATOM   253  C CB    . HIS A 1 34  ? 1.354   -6.937  -13.650 1.00 25.21 ? 34  HIS A CB    1 
ATOM   254  C CG    . HIS A 1 34  ? 1.553   -8.014  -14.675 1.00 26.85 ? 34  HIS A CG    1 
ATOM   255  N ND1   . HIS A 1 34  ? 2.608   -8.013  -15.561 1.00 28.71 ? 34  HIS A ND1   1 
ATOM   256  C CD2   . HIS A 1 34  ? 0.830   -9.123  -14.955 1.00 27.93 ? 34  HIS A CD2   1 
ATOM   257  C CE1   . HIS A 1 34  ? 2.526   -9.074  -16.345 1.00 29.14 ? 34  HIS A CE1   1 
ATOM   258  N NE2   . HIS A 1 34  ? 1.458   -9.766  -15.994 1.00 29.08 ? 34  HIS A NE2   1 
ATOM   259  N N     . ALA A 1 35  ? -1.628  -5.986  -13.946 1.00 24.20 ? 35  ALA A N     1 
ATOM   260  C CA    . ALA A 1 35  ? -3.004  -6.226  -14.392 1.00 25.07 ? 35  ALA A CA    1 
ATOM   261  C C     . ALA A 1 35  ? -3.540  -5.098  -15.274 1.00 26.06 ? 35  ALA A C     1 
ATOM   262  O O     . ALA A 1 35  ? -4.330  -5.346  -16.180 1.00 25.80 ? 35  ALA A O     1 
ATOM   263  C CB    . ALA A 1 35  ? -3.927  -6.414  -13.196 1.00 25.04 ? 35  ALA A CB    1 
ATOM   264  N N     . GLN A 1 36  ? -3.133  -3.866  -14.983 1.00 25.42 ? 36  GLN A N     1 
ATOM   265  C CA    . GLN A 1 36  ? -3.588  -2.698  -15.744 1.00 26.39 ? 36  GLN A CA    1 
ATOM   266  C C     . GLN A 1 36  ? -2.668  -2.345  -16.927 1.00 25.92 ? 36  GLN A C     1 
ATOM   267  O O     . GLN A 1 36  ? -2.952  -1.395  -17.652 1.00 25.43 ? 36  GLN A O     1 
ATOM   268  C CB    . GLN A 1 36  ? -3.720  -1.489  -14.816 1.00 28.01 ? 36  GLN A CB    1 
ATOM   269  C CG    . GLN A 1 36  ? -4.776  -1.650  -13.728 1.00 29.44 ? 36  GLN A CG    1 
ATOM   270  C CD    . GLN A 1 36  ? -6.180  -1.716  -14.291 1.00 30.80 ? 36  GLN A CD    1 
ATOM   271  O OE1   . GLN A 1 36  ? -6.601  -0.828  -15.039 1.00 33.93 ? 36  GLN A OE1   1 
ATOM   272  N NE2   . GLN A 1 36  ? -6.907  -2.773  -13.956 1.00 32.07 ? 36  GLN A NE2   1 
ATOM   273  N N     . GLY A 1 37  ? -1.578  -3.090  -17.112 1.00 25.20 ? 37  GLY A N     1 
ATOM   274  C CA    . GLY A 1 37  ? -0.631  -2.835  -18.205 1.00 26.21 ? 37  GLY A CA    1 
ATOM   275  C C     . GLY A 1 37  ? 0.181   -1.561  -18.022 1.00 26.06 ? 37  GLY A C     1 
ATOM   276  O O     . GLY A 1 37  ? 0.577   -0.923  -19.001 1.00 26.74 ? 37  GLY A O     1 
ATOM   277  N N     . VAL A 1 38  ? 0.448   -1.205  -16.767 1.00 24.60 ? 38  VAL A N     1 
ATOM   278  C CA    . VAL A 1 38  ? 1.153   0.025   -16.434 1.00 24.38 ? 38  VAL A CA    1 
ATOM   279  C C     . VAL A 1 38  ? 2.636   -0.265  -16.202 1.00 23.73 ? 38  VAL A C     1 
ATOM   280  O O     . VAL A 1 38  ? 2.983   -1.171  -15.450 1.00 22.99 ? 38  VAL A O     1 
ATOM   281  C CB    . VAL A 1 38  ? 0.559   0.661   -15.163 1.00 24.92 ? 38  VAL A CB    1 
ATOM   282  C CG1   . VAL A 1 38  ? 1.306   1.929   -14.776 1.00 24.94 ? 38  VAL A CG1   1 
ATOM   283  C CG2   . VAL A 1 38  ? -0.924  0.934   -15.360 1.00 25.80 ? 38  VAL A CG2   1 
ATOM   284  N N     . SER A 1 39  ? 3.498   0.518   -16.845 1.00 22.86 ? 39  SER A N     1 
ATOM   285  C CA    . SER A 1 39  ? 4.931   0.446   -16.605 1.00 23.70 ? 39  SER A CA    1 
ATOM   286  C C     . SER A 1 39  ? 5.280   1.292   -15.395 1.00 22.51 ? 39  SER A C     1 
ATOM   287  O O     . SER A 1 39  ? 4.763   2.392   -15.244 1.00 23.24 ? 39  SER A O     1 
ATOM   288  C CB    . SER A 1 39  ? 5.697   0.961   -17.823 1.00 24.51 ? 39  SER A CB    1 
ATOM   289  O OG    . SER A 1 39  ? 5.441   0.135   -18.933 1.00 26.75 ? 39  SER A OG    1 
ATOM   290  N N     . LEU A 1 40  ? 6.149   0.776   -14.532 1.00 21.86 ? 40  LEU A N     1 
ATOM   291  C CA    . LEU A 1 40  ? 6.633   1.529   -13.383 1.00 21.70 ? 40  LEU A CA    1 
ATOM   292  C C     . LEU A 1 40  ? 8.029   2.053   -13.696 1.00 22.42 ? 40  LEU A C     1 
ATOM   293  O O     . LEU A 1 40  ? 8.992   1.285   -13.800 1.00 21.18 ? 40  LEU A O     1 
ATOM   294  C CB    . LEU A 1 40  ? 6.644   0.663   -12.124 1.00 22.18 ? 40  LEU A CB    1 
ATOM   295  C CG    . LEU A 1 40  ? 5.266   0.139   -11.693 1.00 21.86 ? 40  LEU A CG    1 
ATOM   296  C CD1   . LEU A 1 40  ? 5.405   -0.851  -10.550 1.00 22.23 ? 40  LEU A CD1   1 
ATOM   297  C CD2   . LEU A 1 40  ? 4.351   1.288   -11.308 1.00 22.10 ? 40  LEU A CD2   1 
ATOM   298  N N     . VAL A 1 41  ? 8.122   3.368   -13.850 1.00 22.73 ? 41  VAL A N     1 
ATOM   299  C CA    . VAL A 1 41  ? 9.363   4.032   -14.261 1.00 23.34 ? 41  VAL A CA    1 
ATOM   300  C C     . VAL A 1 41  ? 10.149  4.496   -13.043 1.00 23.77 ? 41  VAL A C     1 
ATOM   301  O O     . VAL A 1 41  ? 9.587   5.111   -12.133 1.00 23.21 ? 41  VAL A O     1 
ATOM   302  C CB    . VAL A 1 41  ? 9.042   5.249   -15.150 1.00 23.61 ? 41  VAL A CB    1 
ATOM   303  C CG1   . VAL A 1 41  ? 10.306  6.010   -15.544 1.00 24.47 ? 41  VAL A CG1   1 
ATOM   304  C CG2   . VAL A 1 41  ? 8.278   4.800   -16.383 1.00 23.48 ? 41  VAL A CG2   1 
ATOM   305  N N     . ALA A 1 42  ? 11.449  4.206   -13.041 1.00 23.92 ? 42  ALA A N     1 
ATOM   306  C CA    . ALA A 1 42  ? 12.356  4.704   -12.018 1.00 24.53 ? 42  ALA A CA    1 
ATOM   307  C C     . ALA A 1 42  ? 12.517  6.198   -12.235 1.00 25.37 ? 42  ALA A C     1 
ATOM   308  O O     . ALA A 1 42  ? 13.039  6.616   -13.269 1.00 26.48 ? 42  ALA A O     1 
ATOM   309  C CB    . ALA A 1 42  ? 13.705  3.996   -12.111 1.00 24.41 ? 42  ALA A CB    1 
ATOM   310  N N     . ASP A 1 43  ? 12.045  6.999   -11.279 1.00 24.76 ? 43  ASP A N     1 
ATOM   311  C CA    . ASP A 1 43  ? 12.082  8.455   -11.409 1.00 25.36 ? 43  ASP A CA    1 
ATOM   312  C C     . ASP A 1 43  ? 12.666  9.088   -10.144 1.00 25.35 ? 43  ASP A C     1 
ATOM   313  O O     . ASP A 1 43  ? 12.032  9.124   -9.086  1.00 23.45 ? 43  ASP A O     1 
ATOM   314  C CB    . ASP A 1 43  ? 10.684  9.004   -11.711 1.00 26.10 ? 43  ASP A CB    1 
ATOM   315  C CG    . ASP A 1 43  ? 10.717  10.440  -12.221 1.00 26.49 ? 43  ASP A CG    1 
ATOM   316  O OD1   . ASP A 1 43  ? 11.725  11.125  -11.991 1.00 27.45 ? 43  ASP A OD1   1 
ATOM   317  O OD2   . ASP A 1 43  ? 9.741   10.879  -12.851 1.00 27.23 ? 43  ASP A OD2   1 
ATOM   318  N N     . ARG A 1 44  ? 13.896  9.579   -10.264 1.00 25.90 ? 44  ARG A N     1 
ATOM   319  C CA    . ARG A 1 44  ? 14.609  10.116  -9.111  1.00 27.60 ? 44  ARG A CA    1 
ATOM   320  C C     . ARG A 1 44  ? 13.888  11.267  -8.445  1.00 25.71 ? 44  ARG A C     1 
ATOM   321  O O     . ARG A 1 44  ? 13.983  11.422  -7.230  1.00 25.31 ? 44  ARG A O     1 
ATOM   322  C CB    . ARG A 1 44  ? 16.010  10.589  -9.493  1.00 28.93 ? 44  ARG A CB    1 
ATOM   323  C CG    . ARG A 1 44  ? 17.054  9.501   -9.434  1.00 30.93 ? 44  ARG A CG    1 
ATOM   324  C CD    . ARG A 1 44  ? 18.437  10.121  -9.429  1.00 32.44 ? 44  ARG A CD    1 
ATOM   325  N NE    . ARG A 1 44  ? 19.446  9.085   -9.544  1.00 33.30 ? 44  ARG A NE    1 
ATOM   326  C CZ    . ARG A 1 44  ? 19.996  8.435   -8.525  1.00 33.91 ? 44  ARG A CZ    1 
ATOM   327  N NH1   . ARG A 1 44  ? 19.647  8.703   -7.265  1.00 34.34 ? 44  ARG A NH1   1 
ATOM   328  N NH2   . ARG A 1 44  ? 20.907  7.502   -8.775  1.00 33.93 ? 44  ARG A NH2   1 
ATOM   329  N N     . LYS A 1 45  ? 13.155  12.030  -9.228  1.00 26.32 ? 45  LYS A N     1 
ATOM   330  C CA    . LYS A 1 45  ? 12.471  13.173  -8.681  1.00 27.79 ? 45  LYS A CA    1 
ATOM   331  C C     . LYS A 1 45  ? 11.422  12.798  -7.645  1.00 25.56 ? 45  LYS A C     1 
ATOM   332  O O     . LYS A 1 45  ? 11.086  13.581  -6.835  1.00 23.14 ? 45  LYS A O     1 
ATOM   333  C CB    . LYS A 1 45  ? 11.923  14.151  -9.725  1.00 31.58 ? 45  LYS A CB    1 
ATOM   334  C CG    . LYS A 1 45  ? 11.101  13.615  -10.847 1.00 34.84 ? 45  LYS A CG    1 
ATOM   335  C CD    . LYS A 1 45  ? 11.253  14.504  -12.080 1.00 36.96 ? 45  LYS A CD    1 
ATOM   336  C CE    . LYS A 1 45  ? 11.163  13.693  -13.371 1.00 39.31 ? 45  LYS A CE    1 
ATOM   337  N NZ    . LYS A 1 45  ? 9.786   13.448  -13.875 1.00 39.35 ? 45  LYS A NZ    1 
ATOM   338  N N     . TYR A 1 46  ? 10.870  11.611  -7.766  1.00 23.88 ? 46  TYR A N     1 
ATOM   339  C CA    . TYR A 1 46  ? 9.874   11.132  -6.793  1.00 23.23 ? 46  TYR A CA    1 
ATOM   340  C C     . TYR A 1 46  ? 10.403  10.025  -5.886  1.00 22.09 ? 46  TYR A C     1 
ATOM   341  O O     . TYR A 1 46  ? 9.629   9.398   -5.167  1.00 22.93 ? 46  TYR A O     1 
ATOM   342  C CB    . TYR A 1 46  ? 8.607   10.686  -7.512  1.00 23.83 ? 46  TYR A CB    1 
ATOM   343  C CG    . TYR A 1 46  ? 8.101   11.727  -8.467  1.00 24.86 ? 46  TYR A CG    1 
ATOM   344  C CD1   . TYR A 1 46  ? 7.685   12.979  -8.005  1.00 25.61 ? 46  TYR A CD1   1 
ATOM   345  C CD2   . TYR A 1 46  ? 8.050   11.477  -9.833  1.00 26.11 ? 46  TYR A CD2   1 
ATOM   346  C CE1   . TYR A 1 46  ? 7.232   13.947  -8.885  1.00 26.38 ? 46  TYR A CE1   1 
ATOM   347  C CE2   . TYR A 1 46  ? 7.599   12.437  -10.722 1.00 26.86 ? 46  TYR A CE2   1 
ATOM   348  C CZ    . TYR A 1 46  ? 7.192   13.671  -10.241 1.00 27.86 ? 46  TYR A CZ    1 
ATOM   349  O OH    . TYR A 1 46  ? 6.735   14.622  -11.128 1.00 29.87 ? 46  TYR A OH    1 
ATOM   350  N N     . PHE A 1 47  ? 11.701  9.788   -5.927  1.00 21.40 ? 47  PHE A N     1 
ATOM   351  C CA    . PHE A 1 47  ? 12.354  8.861   -5.026  1.00 21.07 ? 47  PHE A CA    1 
ATOM   352  C C     . PHE A 1 47  ? 11.664  7.502   -5.078  1.00 19.57 ? 47  PHE A C     1 
ATOM   353  O O     . PHE A 1 47  ? 11.435  6.920   -4.092  1.00 18.74 ? 47  PHE A O     1 
ATOM   354  C CB    . PHE A 1 47  ? 12.381  9.393   -3.596  1.00 21.87 ? 47  PHE A CB    1 
ATOM   355  C CG    . PHE A 1 47  ? 12.954  10.766  -3.464  1.00 24.13 ? 47  PHE A CG    1 
ATOM   356  C CD1   . PHE A 1 47  ? 14.281  10.987  -3.598  1.00 26.22 ? 47  PHE A CD1   1 
ATOM   357  C CD2   . PHE A 1 47  ? 12.148  11.824  -3.207  1.00 26.46 ? 47  PHE A CD2   1 
ATOM   358  C CE1   . PHE A 1 47  ? 14.805  12.257  -3.471  1.00 26.98 ? 47  PHE A CE1   1 
ATOM   359  C CE2   . PHE A 1 47  ? 12.647  13.081  -3.087  1.00 26.68 ? 47  PHE A CE2   1 
ATOM   360  C CZ    . PHE A 1 47  ? 13.973  13.302  -3.219  1.00 26.94 ? 47  PHE A CZ    1 
ATOM   361  N N     . GLY A 1 48  ? 11.334  7.036   -6.261  1.00 18.94 ? 48  GLY A N     1 
ATOM   362  C CA    . GLY A 1 48  ? 10.668  5.745   -6.398  1.00 19.75 ? 48  GLY A CA    1 
ATOM   363  C C     . GLY A 1 48  ? 10.339  5.361   -7.814  1.00 19.24 ? 48  GLY A C     1 
ATOM   364  O O     . GLY A 1 48  ? 10.825  5.975   -8.762  1.00 20.22 ? 48  GLY A O     1 
ATOM   365  N N     . LEU A 1 49  ? 9.508   4.326   -7.942  1.00 19.30 ? 49  LEU A N     1 
ATOM   366  C CA    . LEU A 1 49  ? 9.007   3.862   -9.217  1.00 19.41 ? 49  LEU A CA    1 
ATOM   367  C C     . LEU A 1 49  ? 7.601   4.403   -9.393  1.00 19.85 ? 49  LEU A C     1 
ATOM   368  O O     . LEU A 1 49  ? 6.761   4.250   -8.506  1.00 18.59 ? 49  LEU A O     1 
ATOM   369  C CB    . LEU A 1 49  ? 8.960   2.334   -9.259  1.00 19.87 ? 49  LEU A CB    1 
ATOM   370  C CG    . LEU A 1 49  ? 10.181  1.574   -8.757  1.00 20.52 ? 49  LEU A CG    1 
ATOM   371  C CD1   . LEU A 1 49  ? 9.928   0.076   -8.877  1.00 20.54 ? 49  LEU A CD1   1 
ATOM   372  C CD2   . LEU A 1 49  ? 11.414  1.972   -9.545  1.00 20.98 ? 49  LEU A CD2   1 
ATOM   373  N N     . VAL A 1 50  ? 7.346   5.030   -10.532 1.00 19.59 ? 50  VAL A N     1 
ATOM   374  C CA    . VAL A 1 50  ? 6.090   5.705   -10.753 1.00 20.33 ? 50  VAL A CA    1 
ATOM   375  C C     . VAL A 1 50  ? 5.429   5.245   -12.036 1.00 20.85 ? 50  VAL A C     1 
ATOM   376  O O     . VAL A 1 50  ? 6.067   5.157   -13.091 1.00 20.66 ? 50  VAL A O     1 
ATOM   377  C CB    . VAL A 1 50  ? 6.292   7.225   -10.823 1.00 20.70 ? 50  VAL A CB    1 
ATOM   378  C CG1   . VAL A 1 50  ? 4.949   7.927   -10.954 1.00 21.79 ? 50  VAL A CG1   1 
ATOM   379  C CG2   . VAL A 1 50  ? 7.053   7.696   -9.597  1.00 21.21 ? 50  VAL A CG2   1 
ATOM   380  N N     . GLY A 1 51  ? 4.134   4.983   -11.939 1.00 20.78 ? 51  GLY A N     1 
ATOM   381  C CA    . GLY A 1 51  ? 3.327   4.598   -13.076 1.00 21.97 ? 51  GLY A CA    1 
ATOM   382  C C     . GLY A 1 51  ? 2.088   5.462   -13.152 1.00 22.24 ? 51  GLY A C     1 
ATOM   383  O O     . GLY A 1 51  ? 1.720   6.130   -12.173 1.00 20.41 ? 51  GLY A O     1 
ATOM   384  N N     . LYS A 1 52  ? 1.458   5.434   -14.306 1.00 23.84 ? 52  LYS A N     1 
ATOM   385  C CA    . LYS A 1 52  ? 0.279   6.233   -14.556 1.00 26.54 ? 52  LYS A CA    1 
ATOM   386  C C     . LYS A 1 52  ? -0.712  5.564   -15.474 1.00 27.88 ? 52  LYS A C     1 
ATOM   387  O O     . LYS A 1 52  ? -0.356  5.007   -16.453 1.00 26.78 ? 52  LYS A O     1 
ATOM   388  C CB    . LYS A 1 52  ? 0.713   7.550   -15.159 1.00 29.01 ? 52  LYS A CB    1 
ATOM   389  C CG    . LYS A 1 52  ? -0.396  8.485   -15.498 1.00 30.06 ? 52  LYS A CG    1 
ATOM   390  C CD    . LYS A 1 52  ? 0.144   9.820   -15.927 1.00 31.73 ? 52  LYS A CD    1 
ATOM   391  C CE    . LYS A 1 52  ? 0.347   9.872   -17.411 1.00 32.45 ? 52  LYS A CE    1 
ATOM   392  N NZ    . LYS A 1 52  ? 0.957   11.138  -17.846 1.00 34.21 ? 52  LYS A NZ    1 
ATOM   393  N N     . PHE A 1 53  ? -1.975  5.668   -15.137 1.00 28.33 ? 53  PHE A N     1 
ATOM   394  C CA    . PHE A 1 53  ? -3.057  5.243   -16.005 1.00 29.28 ? 53  PHE A CA    1 
ATOM   395  C C     . PHE A 1 53  ? -4.277  6.122   -15.893 1.00 30.45 ? 53  PHE A C     1 
ATOM   396  O O     . PHE A 1 53  ? -4.400  6.875   -14.973 1.00 30.59 ? 53  PHE A O     1 
ATOM   397  C CB    . PHE A 1 53  ? -3.419  3.791   -15.842 1.00 29.40 ? 53  PHE A CB    1 
ATOM   398  C CG    . PHE A 1 53  ? -4.092  3.471   -14.560 1.00 30.28 ? 53  PHE A CG    1 
ATOM   399  C CD1   . PHE A 1 53  ? -3.378  3.324   -13.417 1.00 30.91 ? 53  PHE A CD1   1 
ATOM   400  C CD2   . PHE A 1 53  ? -5.439  3.287   -14.514 1.00 31.08 ? 53  PHE A CD2   1 
ATOM   401  C CE1   . PHE A 1 53  ? -3.990  3.013   -12.254 1.00 30.61 ? 53  PHE A CE1   1 
ATOM   402  C CE2   . PHE A 1 53  ? -6.062  2.990   -13.355 1.00 30.91 ? 53  PHE A CE2   1 
ATOM   403  C CZ    . PHE A 1 53  ? -5.330  2.846   -12.222 1.00 31.24 ? 53  PHE A CZ    1 
ATOM   404  N N     . SER A 1 54  ? -5.139  6.042   -16.876 1.00 29.90 ? 54  SER A N     1 
ATOM   405  C CA    . SER A 1 54  ? -6.293  6.907   -16.937 1.00 30.20 ? 54  SER A CA    1 
ATOM   406  C C     . SER A 1 54  ? -7.527  6.143   -16.473 1.00 28.61 ? 54  SER A C     1 
ATOM   407  O O     . SER A 1 54  ? -7.718  4.978   -16.821 1.00 27.54 ? 54  SER A O     1 
ATOM   408  C CB    . SER A 1 54  ? -6.485  7.416   -18.368 1.00 32.03 ? 54  SER A CB    1 
ATOM   409  O OG    . SER A 1 54  ? -7.455  8.446   -18.411 1.00 34.83 ? 54  SER A OG    1 
ATOM   410  N N     . HIS A 1 55  ? -8.355  6.800   -15.669 1.00 27.24 ? 55  HIS A N     1 
ATOM   411  C CA    . HIS A 1 55  ? -9.611  6.214   -15.220 1.00 25.85 ? 55  HIS A CA    1 
ATOM   412  C C     . HIS A 1 55  ? -10.659 7.298   -15.077 1.00 25.58 ? 55  HIS A C     1 
ATOM   413  O O     . HIS A 1 55  ? -10.452 8.294   -14.373 1.00 25.11 ? 55  HIS A O     1 
ATOM   414  C CB    . HIS A 1 55  ? -9.438  5.493   -13.887 1.00 25.70 ? 55  HIS A CB    1 
ATOM   415  C CG    . HIS A 1 55  ? -10.685 4.818   -13.411 1.00 25.00 ? 55  HIS A CG    1 
ATOM   416  N ND1   . HIS A 1 55  ? -11.197 3.692   -14.018 1.00 24.27 ? 55  HIS A ND1   1 
ATOM   417  C CD2   . HIS A 1 55  ? -11.534 5.120   -12.399 1.00 25.32 ? 55  HIS A CD2   1 
ATOM   418  C CE1   . HIS A 1 55  ? -12.295 3.315   -13.389 1.00 24.86 ? 55  HIS A CE1   1 
ATOM   419  N NE2   . HIS A 1 55  ? -12.526 4.167   -12.404 1.00 25.15 ? 55  HIS A NE2   1 
ATOM   420  N N     . GLN A 1 56  ? -11.741 7.117   -15.795 1.00 25.28 ? 56  GLN A N     1 
ATOM   421  C CA    . GLN A 1 56  ? -12.835 8.043   -15.775 1.00 26.04 ? 56  GLN A CA    1 
ATOM   422  C C     . GLN A 1 56  ? -12.373 9.481   -16.052 1.00 26.92 ? 56  GLN A C     1 
ATOM   423  O O     . GLN A 1 56  ? -12.778 10.396  -15.426 1.00 26.69 ? 56  GLN A O     1 
ATOM   424  C CB    . GLN A 1 56  ? -13.696 7.896   -14.521 1.00 26.10 ? 56  GLN A CB    1 
ATOM   425  C CG    . GLN A 1 56  ? -14.354 6.539   -14.413 1.00 27.17 ? 56  GLN A CG    1 
ATOM   426  C CD    . GLN A 1 56  ? -15.200 6.354   -13.182 1.00 28.13 ? 56  GLN A CD    1 
ATOM   427  O OE1   . GLN A 1 56  ? -15.351 7.245   -12.415 1.00 32.39 ? 56  GLN A OE1   1 
ATOM   428  N NE2   . GLN A 1 56  ? -15.769 5.203   -13.027 1.00 27.89 ? 56  GLN A NE2   1 
ATOM   429  N N     . GLY A 1 57  ? -11.478 9.621   -17.003 1.00 27.62 ? 57  GLY A N     1 
ATOM   430  C CA    . GLY A 1 57  ? -11.001 10.921  -17.458 1.00 29.21 ? 57  GLY A CA    1 
ATOM   431  C C     . GLY A 1 57  ? -9.997  11.613  -16.550 1.00 30.28 ? 57  GLY A C     1 
ATOM   432  O O     . GLY A 1 57  ? -9.742  12.808  -16.722 1.00 30.36 ? 57  GLY A O     1 
ATOM   433  N N     . LYS A 1 58  ? -9.430  10.868  -15.597 1.00 29.97 ? 58  LYS A N     1 
ATOM   434  C CA    . LYS A 1 58  ? -8.444  11.394  -14.652 1.00 31.40 ? 58  LYS A CA    1 
ATOM   435  C C     . LYS A 1 58  ? -7.222  10.482  -14.595 1.00 30.68 ? 58  LYS A C     1 
ATOM   436  O O     . LYS A 1 58  ? -7.353  9.260   -14.678 1.00 29.90 ? 58  LYS A O     1 
ATOM   437  C CB    . LYS A 1 58  ? -9.054  11.486  -13.254 1.00 33.82 ? 58  LYS A CB    1 
ATOM   438  C CG    . LYS A 1 58  ? -10.131 12.553  -13.115 1.00 37.40 ? 58  LYS A CG    1 
ATOM   439  C CD    . LYS A 1 58  ? -11.172 12.161  -12.076 1.00 40.75 ? 58  LYS A CD    1 
ATOM   440  C CE    . LYS A 1 58  ? -11.843 13.381  -11.459 1.00 42.65 ? 58  LYS A CE    1 
ATOM   441  N NZ    . LYS A 1 58  ? -12.721 12.981  -10.323 1.00 44.34 ? 58  LYS A NZ    1 
ATOM   442  N N     . ASP A 1 59  ? -6.045  11.082  -14.438 1.00 29.73 ? 59  ASP A N     1 
ATOM   443  C CA    . ASP A 1 59  ? -4.815  10.323  -14.262 1.00 30.03 ? 59  ASP A CA    1 
ATOM   444  C C     . ASP A 1 59  ? -4.764  9.743   -12.852 1.00 27.91 ? 59  ASP A C     1 
ATOM   445  O O     . ASP A 1 59  ? -4.976  10.450  -11.858 1.00 28.93 ? 59  ASP A O     1 
ATOM   446  C CB    . ASP A 1 59  ? -3.587  11.200  -14.506 1.00 31.76 ? 59  ASP A CB    1 
ATOM   447  C CG    . ASP A 1 59  ? -3.426  11.604  -15.960 1.00 33.32 ? 59  ASP A CG    1 
ATOM   448  O OD1   . ASP A 1 59  ? -3.821  10.824  -16.853 1.00 35.47 ? 59  ASP A OD1   1 
ATOM   449  O OD2   . ASP A 1 59  ? -2.874  12.695  -16.208 1.00 36.61 ? 59  ASP A OD2   1 
ATOM   450  N N     . VAL A 1 60  ? -4.531  8.442   -12.783 1.00 24.95 ? 60  VAL A N     1 
ATOM   451  C CA    . VAL A 1 60  ? -4.284  7.741   -11.541 1.00 23.61 ? 60  VAL A CA    1 
ATOM   452  C C     . VAL A 1 60  ? -2.828  7.289   -11.566 1.00 24.04 ? 60  VAL A C     1 
ATOM   453  O O     . VAL A 1 60  ? -2.389  6.629   -12.528 1.00 23.63 ? 60  VAL A O     1 
ATOM   454  C CB    . VAL A 1 60  ? -5.192  6.510   -11.401 1.00 23.50 ? 60  VAL A CB    1 
ATOM   455  C CG1   . VAL A 1 60  ? -4.895  5.759   -10.107 1.00 23.56 ? 60  VAL A CG1   1 
ATOM   456  C CG2   . VAL A 1 60  ? -6.659  6.925   -11.460 1.00 23.39 ? 60  VAL A CG2   1 
ATOM   457  N N     . ARG A 1 61  ? -2.086  7.629   -10.517 1.00 22.26 ? 61  ARG A N     1 
ATOM   458  C CA    . ARG A 1 61  ? -0.678  7.274   -10.437 1.00 22.05 ? 61  ARG A CA    1 
ATOM   459  C C     . ARG A 1 61  ? -0.412  6.165   -9.429  1.00 20.63 ? 61  ARG A C     1 
ATOM   460  O O     . ARG A 1 61  ? -1.107  6.032   -8.415  1.00 19.43 ? 61  ARG A O     1 
ATOM   461  C CB    . ARG A 1 61  ? 0.164   8.521   -10.153 1.00 23.60 ? 61  ARG A CB    1 
ATOM   462  C CG    . ARG A 1 61  ? 0.246   9.417   -11.381 1.00 24.81 ? 61  ARG A CG    1 
ATOM   463  C CD    . ARG A 1 61  ? 1.175   10.604  -11.199 1.00 26.70 ? 61  ARG A CD    1 
ATOM   464  N NE    . ARG A 1 61  ? 1.331   11.313  -12.467 1.00 28.16 ? 61  ARG A NE    1 
ATOM   465  C CZ    . ARG A 1 61  ? 0.448   12.168  -12.985 1.00 28.47 ? 61  ARG A CZ    1 
ATOM   466  N NH1   . ARG A 1 61  ? 0.711   12.744  -14.151 1.00 30.12 ? 61  ARG A NH1   1 
ATOM   467  N NH2   . ARG A 1 61  ? -0.686  12.454  -12.357 1.00 29.03 ? 61  ARG A NH2   1 
ATOM   468  N N     . LEU A 1 62  ? 0.588   5.355   -9.750  1.00 19.73 ? 62  LEU A N     1 
ATOM   469  C CA    . LEU A 1 62  ? 1.062   4.271   -8.895  1.00 19.13 ? 62  LEU A CA    1 
ATOM   470  C C     . LEU A 1 62  ? 2.464   4.618   -8.438  1.00 19.77 ? 62  LEU A C     1 
ATOM   471  O O     . LEU A 1 62  ? 3.278   5.095   -9.238  1.00 21.04 ? 62  LEU A O     1 
ATOM   472  C CB    . LEU A 1 62  ? 1.094   2.957   -9.676  1.00 19.28 ? 62  LEU A CB    1 
ATOM   473  C CG    . LEU A 1 62  ? -0.230  2.514   -10.303 1.00 19.15 ? 62  LEU A CG    1 
ATOM   474  C CD1   . LEU A 1 62  ? -0.071  1.176   -11.007 1.00 19.19 ? 62  LEU A CD1   1 
ATOM   475  C CD2   . LEU A 1 62  ? -1.335  2.452   -9.263  1.00 19.47 ? 62  LEU A CD2   1 
ATOM   476  N N     . LEU A 1 63  ? 2.745   4.398   -7.158  1.00 18.60 ? 63  LEU A N     1 
ATOM   477  C CA    . LEU A 1 63  ? 4.041   4.728   -6.594  1.00 18.75 ? 63  LEU A CA    1 
ATOM   478  C C     . LEU A 1 63  ? 4.542   3.626   -5.685  1.00 19.09 ? 63  LEU A C     1 
ATOM   479  O O     . LEU A 1 63  ? 3.851   3.213   -4.754  1.00 18.86 ? 63  LEU A O     1 
ATOM   480  C CB    . LEU A 1 63  ? 3.973   6.041   -5.810  1.00 18.75 ? 63  LEU A CB    1 
ATOM   481  C CG    . LEU A 1 63  ? 5.233   6.433   -5.017  1.00 19.11 ? 63  LEU A CG    1 
ATOM   482  C CD1   . LEU A 1 63  ? 6.411   6.723   -5.941  1.00 19.03 ? 63  LEU A CD1   1 
ATOM   483  C CD2   . LEU A 1 63  ? 4.932   7.647   -4.150  1.00 19.25 ? 63  LEU A CD2   1 
ATOM   484  N N     . ILE A 1 64  ? 5.756   3.159   -5.961  1.00 18.71 ? 64  ILE A N     1 
ATOM   485  C CA    . ILE A 1 64  ? 6.483   2.323   -5.029  1.00 18.91 ? 64  ILE A CA    1 
ATOM   486  C C     . ILE A 1 64  ? 7.737   3.121   -4.668  1.00 18.97 ? 64  ILE A C     1 
ATOM   487  O O     . ILE A 1 64  ? 8.607   3.319   -5.520  1.00 18.22 ? 64  ILE A O     1 
ATOM   488  C CB    . ILE A 1 64  ? 6.841   0.945   -5.623  1.00 19.27 ? 64  ILE A CB    1 
ATOM   489  C CG1   . ILE A 1 64  ? 5.565   0.162   -5.973  1.00 19.75 ? 64  ILE A CG1   1 
ATOM   490  C CG2   . ILE A 1 64  ? 7.697   0.161   -4.639  1.00 19.31 ? 64  ILE A CG2   1 
ATOM   491  C CD1   . ILE A 1 64  ? 5.811   -1.143  -6.708  1.00 20.36 ? 64  ILE A CD1   1 
ATOM   492  N N     . PRO A 1 65  ? 7.805   3.633   -3.427  1.00 19.24 ? 65  PRO A N     1 
ATOM   493  C CA    . PRO A 1 65  ? 9.005   4.358   -3.009  1.00 19.66 ? 65  PRO A CA    1 
ATOM   494  C C     . PRO A 1 65  ? 10.225  3.455   -3.018  1.00 19.99 ? 65  PRO A C     1 
ATOM   495  O O     . PRO A 1 65  ? 10.108  2.251   -2.728  1.00 19.57 ? 65  PRO A O     1 
ATOM   496  C CB    . PRO A 1 65  ? 8.674   4.797   -1.580  1.00 19.75 ? 65  PRO A CB    1 
ATOM   497  C CG    . PRO A 1 65  ? 7.178   4.818   -1.525  1.00 19.84 ? 65  PRO A CG    1 
ATOM   498  C CD    . PRO A 1 65  ? 6.769   3.657   -2.381  1.00 19.46 ? 65  PRO A CD    1 
ATOM   499  N N     . THR A 1 66  ? 11.379  4.019   -3.371  1.00 20.23 ? 66  THR A N     1 
ATOM   500  C CA    . THR A 1 66  ? 12.627  3.286   -3.336  1.00 21.51 ? 66  THR A CA    1 
ATOM   501  C C     . THR A 1 66  ? 13.585  3.898   -2.311  1.00 22.08 ? 66  THR A C     1 
ATOM   502  O O     . THR A 1 66  ? 14.784  3.647   -2.349  1.00 21.28 ? 66  THR A O     1 
ATOM   503  C CB    . THR A 1 66  ? 13.285  3.203   -4.723  1.00 21.52 ? 66  THR A CB    1 
ATOM   504  O OG1   . THR A 1 66  ? 13.464  4.520   -5.255  1.00 21.97 ? 66  THR A OG1   1 
ATOM   505  C CG2   . THR A 1 66  ? 12.418  2.365   -5.656  1.00 22.08 ? 66  THR A CG2   1 
ATOM   506  N N     . THR A 1 67  ? 13.025  4.672   -1.386  1.00 22.15 ? 67  THR A N     1 
ATOM   507  C CA    . THR A 1 67  ? 13.691  5.028   -0.149  1.00 23.78 ? 67  THR A CA    1 
ATOM   508  C C     . THR A 1 67  ? 13.627  3.802   0.748   1.00 24.39 ? 67  THR A C     1 
ATOM   509  O O     . THR A 1 67  ? 12.888  2.864   0.469   1.00 25.40 ? 67  THR A O     1 
ATOM   510  C CB    . THR A 1 67  ? 12.924  6.150   0.567   1.00 24.21 ? 67  THR A CB    1 
ATOM   511  O OG1   . THR A 1 67  ? 11.584  5.703   0.839   1.00 24.20 ? 67  THR A OG1   1 
ATOM   512  C CG2   . THR A 1 67  ? 12.880  7.416   -0.278  1.00 24.79 ? 67  THR A CG2   1 
ATOM   513  N N     . TYR A 1 68  ? 14.297  3.837   1.863   1.00 26.23 ? 68  TYR A N     1 
ATOM   514  C CA    . TYR A 1 68  ? 14.045  2.847   2.857   1.00 27.88 ? 68  TYR A CA    1 
ATOM   515  C C     . TYR A 1 68  ? 12.613  3.096   3.399   1.00 26.48 ? 68  TYR A C     1 
ATOM   516  O O     . TYR A 1 68  ? 12.074  4.166   3.243   1.00 25.20 ? 68  TYR A O     1 
ATOM   517  C CB    . TYR A 1 68  ? 15.105  2.901   3.936   1.00 31.16 ? 68  TYR A CB    1 
ATOM   518  C CG    . TYR A 1 68  ? 16.286  2.011   3.560   1.00 34.23 ? 68  TYR A CG    1 
ATOM   519  C CD1   . TYR A 1 68  ? 16.071  0.704   3.188   1.00 36.52 ? 68  TYR A CD1   1 
ATOM   520  C CD2   . TYR A 1 68  ? 17.569  2.484   3.542   1.00 35.78 ? 68  TYR A CD2   1 
ATOM   521  C CE1   . TYR A 1 68  ? 17.102  -0.116  2.835   1.00 39.24 ? 68  TYR A CE1   1 
ATOM   522  C CE2   . TYR A 1 68  ? 18.629  1.681   3.188   1.00 36.77 ? 68  TYR A CE2   1 
ATOM   523  C CZ    . TYR A 1 68  ? 18.387  0.382   2.832   1.00 39.79 ? 68  TYR A CZ    1 
ATOM   524  O OH    . TYR A 1 68  ? 19.390  -0.466  2.478   1.00 44.94 ? 68  TYR A OH    1 
ATOM   525  N N     . MET A 1 69  ? 12.000  2.068   3.948   1.00 24.43 ? 69  MET A N     1 
ATOM   526  C CA    . MET A 1 69  ? 10.640  2.166   4.469   1.00 23.71 ? 69  MET A CA    1 
ATOM   527  C C     . MET A 1 69  ? 10.446  3.412   5.331   1.00 23.86 ? 69  MET A C     1 
ATOM   528  O O     . MET A 1 69  ? 9.486   4.155   5.137   1.00 22.73 ? 69  MET A O     1 
ATOM   529  C CB    . MET A 1 69  ? 10.283  0.924   5.289   1.00 22.96 ? 69  MET A CB    1 
ATOM   530  C CG    . MET A 1 69  ? 8.857   0.918   5.801   1.00 22.98 ? 69  MET A CG    1 
ATOM   531  S SD    . MET A 1 69  ? 7.671   0.863   4.441   1.00 21.11 ? 69  MET A SD    1 
ATOM   532  C CE    . MET A 1 69  ? 7.520   -0.909  4.228   1.00 20.43 ? 69  MET A CE    1 
ATOM   533  N N     . ASN A 1 70  ? 11.367  3.646   6.266   1.00 24.24 ? 70  ASN A N     1 
ATOM   534  C CA    . ASN A 1 70  ? 11.254  4.781   7.185   1.00 24.31 ? 70  ASN A CA    1 
ATOM   535  C C     . ASN A 1 70  ? 11.361  6.173   6.545   1.00 24.71 ? 70  ASN A C     1 
ATOM   536  O O     . ASN A 1 70  ? 11.150  7.174   7.235   1.00 24.71 ? 70  ASN A O     1 
ATOM   537  C CB    . ASN A 1 70  ? 12.258  4.656   8.337   1.00 25.32 ? 70  ASN A CB    1 
ATOM   538  C CG    . ASN A 1 70  ? 13.693  4.769   7.868   1.00 26.67 ? 70  ASN A CG    1 
ATOM   539  O OD1   . ASN A 1 70  ? 14.096  4.086   6.923   1.00 28.91 ? 70  ASN A OD1   1 
ATOM   540  N ND2   . ASN A 1 70  ? 14.469  5.627   8.512   1.00 26.40 ? 70  ASN A ND2   1 
ATOM   541  N N     . ARG A 1 71  ? 11.681  6.240   5.270   1.00 24.21 ? 71  ARG A N     1 
ATOM   542  C CA    . ARG A 1 71  ? 11.662  7.484   4.533   1.00 25.03 ? 71  ARG A CA    1 
ATOM   543  C C     . ARG A 1 71  ? 10.656  7.550   3.360   1.00 23.64 ? 71  ARG A C     1 
ATOM   544  O O     . ARG A 1 71  ? 10.723  8.392   2.526   1.00 24.33 ? 71  ARG A O     1 
ATOM   545  C CB    . ARG A 1 71  ? 13.065  7.880   4.110   1.00 26.29 ? 71  ARG A CB    1 
ATOM   546  C CG    . ARG A 1 71  ? 13.998  8.188   5.254   1.00 28.72 ? 71  ARG A CG    1 
ATOM   547  C CD    . ARG A 1 71  ? 13.470  9.224   6.199   1.00 30.70 ? 71  ARG A CD    1 
ATOM   548  N NE    . ARG A 1 71  ? 14.130  9.221   7.493   1.00 33.18 ? 71  ARG A NE    1 
ATOM   549  C CZ    . ARG A 1 71  ? 15.248  9.864   7.713   1.00 35.59 ? 71  ARG A CZ    1 
ATOM   550  N NH1   . ARG A 1 71  ? 15.807  10.538  6.727   1.00 36.66 ? 71  ARG A NH1   1 
ATOM   551  N NH2   . ARG A 1 71  ? 15.827  9.856   8.894   1.00 37.19 ? 71  ARG A NH2   1 
ATOM   552  N N     . SER A 1 72  ? 9.729   6.623   3.337   1.00 22.40 ? 72  SER A N     1 
ATOM   553  C CA    . SER A 1 72  ? 8.670   6.573   2.328   1.00 21.70 ? 72  SER A CA    1 
ATOM   554  C C     . SER A 1 72  ? 7.922   7.904   2.142   1.00 20.61 ? 72  SER A C     1 
ATOM   555  O O     . SER A 1 72  ? 7.467   8.200   1.053   1.00 18.78 ? 72  SER A O     1 
ATOM   556  C CB    . SER A 1 72  ? 7.645   5.493   2.705   1.00 21.69 ? 72  SER A CB    1 
ATOM   557  O OG    . SER A 1 72  ? 8.238   4.211   2.759   1.00 22.92 ? 72  SER A OG    1 
ATOM   558  N N     . GLY A 1 73  ? 7.770   8.687   3.209   1.00 20.98 ? 73  GLY A N     1 
ATOM   559  C CA    . GLY A 1 73  ? 7.039   9.960   3.127   1.00 22.08 ? 73  GLY A CA    1 
ATOM   560  C C     . GLY A 1 73  ? 7.649   10.949  2.151   1.00 22.70 ? 73  GLY A C     1 
ATOM   561  O O     . GLY A 1 73  ? 6.945   11.706  1.499   1.00 22.59 ? 73  GLY A O     1 
ATOM   562  N N     . GLN A 1 74  ? 8.947   10.888  2.018   1.00 24.20 ? 74  GLN A N     1 
ATOM   563  C CA    . GLN A 1 74  ? 9.670   11.754  1.137   1.00 26.08 ? 74  GLN A CA    1 
ATOM   564  C C     . GLN A 1 74  ? 9.209   11.555  -0.305  1.00 23.13 ? 74  GLN A C     1 
ATOM   565  O O     . GLN A 1 74  ? 9.003   12.465  -1.027  1.00 22.84 ? 74  GLN A O     1 
ATOM   566  C CB    . GLN A 1 74  ? 11.122  11.362  1.269   1.00 29.59 ? 74  GLN A CB    1 
ATOM   567  C CG    . GLN A 1 74  ? 12.107  12.217  0.578   1.00 33.69 ? 74  GLN A CG    1 
ATOM   568  C CD    . GLN A 1 74  ? 13.505  11.656  0.735   1.00 37.06 ? 74  GLN A CD    1 
ATOM   569  O OE1   . GLN A 1 74  ? 14.130  11.363  -0.218  1.00 43.36 ? 74  GLN A OE1   1 
ATOM   570  N NE2   . GLN A 1 74  ? 13.947  11.470  1.938   1.00 38.57 ? 74  GLN A NE2   1 
ATOM   571  N N     . SER A 1 75  ? 9.032   10.309  -0.668  1.00 21.81 ? 75  SER A N     1 
ATOM   572  C CA    . SER A 1 75  ? 8.558   9.910   -1.982  1.00 20.45 ? 75  SER A CA    1 
ATOM   573  C C     . SER A 1 75  ? 7.103   10.318  -2.206  1.00 20.31 ? 75  SER A C     1 
ATOM   574  O O     . SER A 1 75  ? 6.774   10.949  -3.205  1.00 19.54 ? 75  SER A O     1 
ATOM   575  C CB    . SER A 1 75  ? 8.721   8.394   -2.132  1.00 20.63 ? 75  SER A CB    1 
ATOM   576  O OG    . SER A 1 75  ? 8.284   7.947   -3.391  1.00 20.73 ? 75  SER A OG    1 
ATOM   577  N N     . VAL A 1 76  ? 6.236   9.956   -1.264  1.00 20.06 ? 76  VAL A N     1 
ATOM   578  C CA    . VAL A 1 76  ? 4.814   10.275  -1.369  1.00 20.57 ? 76  VAL A CA    1 
ATOM   579  C C     . VAL A 1 76  ? 4.596   11.791  -1.405  1.00 21.23 ? 76  VAL A C     1 
ATOM   580  O O     . VAL A 1 76  ? 3.828   12.295  -2.244  1.00 21.43 ? 76  VAL A O     1 
ATOM   581  C CB    . VAL A 1 76  ? 4.014   9.645   -0.208  1.00 20.81 ? 76  VAL A CB    1 
ATOM   582  C CG1   . VAL A 1 76  ? 2.534   10.023  -0.293  1.00 20.68 ? 76  VAL A CG1   1 
ATOM   583  C CG2   . VAL A 1 76  ? 4.200   8.128   -0.207  1.00 20.97 ? 76  VAL A CG2   1 
ATOM   584  N N     . ALA A 1 77  ? 5.281   12.525  -0.524  1.00 21.18 ? 77  ALA A N     1 
ATOM   585  C CA    . ALA A 1 77  ? 5.172   13.992  -0.525  1.00 21.78 ? 77  ALA A CA    1 
ATOM   586  C C     . ALA A 1 77  ? 5.666   14.638  -1.832  1.00 21.95 ? 77  ALA A C     1 
ATOM   587  O O     . ALA A 1 77  ? 5.055   15.588  -2.325  1.00 22.36 ? 77  ALA A O     1 
ATOM   588  C CB    . ALA A 1 77  ? 5.901   14.593  0.672   1.00 22.18 ? 77  ALA A CB    1 
ATOM   589  N N     . ALA A 1 78  ? 6.756   14.118  -2.399  1.00 22.58 ? 78  ALA A N     1 
ATOM   590  C CA    . ALA A 1 78  ? 7.299   14.647  -3.657  1.00 22.95 ? 78  ALA A CA    1 
ATOM   591  C C     . ALA A 1 78  ? 6.266   14.527  -4.779  1.00 23.09 ? 78  ALA A C     1 
ATOM   592  O O     . ALA A 1 78  ? 5.943   15.504  -5.462  1.00 22.81 ? 78  ALA A O     1 
ATOM   593  C CB    . ALA A 1 78  ? 8.589   13.916  -4.035  1.00 23.92 ? 78  ALA A CB    1 
ATOM   594  N N     . LEU A 1 79  ? 5.718   13.332  -4.946  1.00 23.79 ? 79  LEU A N     1 
ATOM   595  C CA    . LEU A 1 79  ? 4.799   13.072  -6.042  1.00 23.74 ? 79  LEU A CA    1 
ATOM   596  C C     . LEU A 1 79  ? 3.442   13.756  -5.837  1.00 24.10 ? 79  LEU A C     1 
ATOM   597  O O     . LEU A 1 79  ? 2.923   14.398  -6.758  1.00 22.66 ? 79  LEU A O     1 
ATOM   598  C CB    . LEU A 1 79  ? 4.618   11.559  -6.235  1.00 23.66 ? 79  LEU A CB    1 
ATOM   599  C CG    . LEU A 1 79  ? 3.770   11.114  -7.434  1.00 23.72 ? 79  LEU A CG    1 
ATOM   600  C CD1   . LEU A 1 79  ? 4.320   11.670  -8.734  1.00 24.81 ? 79  LEU A CD1   1 
ATOM   601  C CD2   . LEU A 1 79  ? 3.737   9.600   -7.506  1.00 23.88 ? 79  LEU A CD2   1 
ATOM   602  N N     . ALA A 1 80  ? 2.870   13.604  -4.642  1.00 24.30 ? 80  ALA A N     1 
ATOM   603  C CA    . ALA A 1 80  ? 1.596   14.241  -4.308  1.00 25.13 ? 80  ALA A CA    1 
ATOM   604  C C     . ALA A 1 80  ? 1.699   15.763  -4.399  1.00 25.04 ? 80  ALA A C     1 
ATOM   605  O O     . ALA A 1 80  ? 0.819   16.410  -4.957  1.00 24.81 ? 80  ALA A O     1 
ATOM   606  C CB    . ALA A 1 80  ? 1.129   13.829  -2.920  1.00 24.23 ? 80  ALA A CB    1 
ATOM   607  N N     . GLY A 1 81  ? 2.776   16.323  -3.852  1.00 25.92 ? 81  GLY A N     1 
ATOM   608  C CA    . GLY A 1 81  ? 3.006   17.767  -3.900  1.00 26.24 ? 81  GLY A CA    1 
ATOM   609  C C     . GLY A 1 81  ? 3.102   18.283  -5.323  1.00 26.69 ? 81  GLY A C     1 
ATOM   610  O O     . GLY A 1 81  ? 2.450   19.265  -5.681  1.00 27.27 ? 81  GLY A O     1 
ATOM   611  N N     . PHE A 1 82  ? 3.889   17.602  -6.150  1.00 26.27 ? 82  PHE A N     1 
ATOM   612  C CA    . PHE A 1 82  ? 4.092   18.017  -7.541  1.00 27.11 ? 82  PHE A CA    1 
ATOM   613  C C     . PHE A 1 82  ? 2.783   18.072  -8.320  1.00 27.61 ? 82  PHE A C     1 
ATOM   614  O O     . PHE A 1 82  ? 2.560   19.007  -9.105  1.00 26.77 ? 82  PHE A O     1 
ATOM   615  C CB    . PHE A 1 82  ? 5.064   17.070  -8.251  1.00 27.50 ? 82  PHE A CB    1 
ATOM   616  C CG    . PHE A 1 82  ? 5.489   17.538  -9.610  1.00 29.04 ? 82  PHE A CG    1 
ATOM   617  C CD1   . PHE A 1 82  ? 4.738   17.223  -10.736 1.00 29.47 ? 82  PHE A CD1   1 
ATOM   618  C CD2   . PHE A 1 82  ? 6.656   18.284  -9.768  1.00 30.42 ? 82  PHE A CD2   1 
ATOM   619  C CE1   . PHE A 1 82  ? 5.134   17.651  -11.998 1.00 31.21 ? 82  PHE A CE1   1 
ATOM   620  C CE2   . PHE A 1 82  ? 7.056   18.719  -11.023 1.00 31.24 ? 82  PHE A CE2   1 
ATOM   621  C CZ    . PHE A 1 82  ? 6.298   18.401  -12.140 1.00 31.85 ? 82  PHE A CZ    1 
ATOM   622  N N     . PHE A 1 83  ? 1.930   17.067  -8.105  1.00 26.61 ? 83  PHE A N     1 
ATOM   623  C CA    . PHE A 1 83  ? 0.654   16.972  -8.804  1.00 27.93 ? 83  PHE A CA    1 
ATOM   624  C C     . PHE A 1 83  ? -0.537  17.477  -7.976  1.00 28.51 ? 83  PHE A C     1 
ATOM   625  O O     . PHE A 1 83  ? -1.684  17.291  -8.372  1.00 30.34 ? 83  PHE A O     1 
ATOM   626  C CB    . PHE A 1 83  ? 0.425   15.534  -9.289  1.00 27.50 ? 83  PHE A CB    1 
ATOM   627  C CG    . PHE A 1 83  ? 1.372   15.115  -10.385 1.00 27.41 ? 83  PHE A CG    1 
ATOM   628  C CD1   . PHE A 1 83  ? 1.237   15.633  -11.664 1.00 27.76 ? 83  PHE A CD1   1 
ATOM   629  C CD2   . PHE A 1 83  ? 2.408   14.223  -10.134 1.00 28.00 ? 83  PHE A CD2   1 
ATOM   630  C CE1   . PHE A 1 83  ? 2.113   15.269  -12.679 1.00 28.50 ? 83  PHE A CE1   1 
ATOM   631  C CE2   . PHE A 1 83  ? 3.283   13.852  -11.145 1.00 27.76 ? 83  PHE A CE2   1 
ATOM   632  C CZ    . PHE A 1 83  ? 3.135   14.373  -12.421 1.00 27.76 ? 83  PHE A CZ    1 
ATOM   633  N N     . ARG A 1 84  ? -0.258  18.118  -6.841  1.00 29.09 ? 84  ARG A N     1 
ATOM   634  C CA    . ARG A 1 84  ? -1.279  18.768  -6.018  1.00 30.50 ? 84  ARG A CA    1 
ATOM   635  C C     . ARG A 1 84  ? -2.394  17.803  -5.605  1.00 29.47 ? 84  ARG A C     1 
ATOM   636  O O     . ARG A 1 84  ? -3.579  18.144  -5.628  1.00 28.39 ? 84  ARG A O     1 
ATOM   637  C CB    . ARG A 1 84  ? -1.852  20.004  -6.740  1.00 32.26 ? 84  ARG A CB    1 
ATOM   638  C CG    . ARG A 1 84  ? -1.002  21.268  -6.627  1.00 34.87 ? 84  ARG A CG    1 
ATOM   639  C CD    . ARG A 1 84  ? 0.279   21.207  -7.447  1.00 37.39 ? 84  ARG A CD    1 
ATOM   640  N NE    . ARG A 1 84  ? 0.872   22.533  -7.666  1.00 39.81 ? 84  ARG A NE    1 
ATOM   641  C CZ    . ARG A 1 84  ? 2.113   22.753  -8.110  1.00 41.82 ? 84  ARG A CZ    1 
ATOM   642  N NH1   . ARG A 1 84  ? 2.550   24.002  -8.281  1.00 42.13 ? 84  ARG A NH1   1 
ATOM   643  N NH2   . ARG A 1 84  ? 2.930   21.738  -8.379  1.00 41.24 ? 84  ARG A NH2   1 
ATOM   644  N N     . ILE A 1 85  ? -1.992  16.599  -5.212  1.00 28.31 ? 85  ILE A N     1 
ATOM   645  C CA    . ILE A 1 85  ? -2.922  15.556  -4.811  1.00 27.94 ? 85  ILE A CA    1 
ATOM   646  C C     . ILE A 1 85  ? -3.135  15.652  -3.309  1.00 28.48 ? 85  ILE A C     1 
ATOM   647  O O     . ILE A 1 85  ? -2.171  15.624  -2.541  1.00 28.42 ? 85  ILE A O     1 
ATOM   648  C CB    . ILE A 1 85  ? -2.371  14.156  -5.173  1.00 27.28 ? 85  ILE A CB    1 
ATOM   649  C CG1   . ILE A 1 85  ? -2.079  14.087  -6.678  1.00 27.29 ? 85  ILE A CG1   1 
ATOM   650  C CG2   . ILE A 1 85  ? -3.345  13.068  -4.736  1.00 27.42 ? 85  ILE A CG2   1 
ATOM   651  C CD1   . ILE A 1 85  ? -1.331  12.844  -7.120  1.00 27.01 ? 85  ILE A CD1   1 
ATOM   652  N N     . ALA A 1 86  ? -4.398  15.792  -2.903  1.00 28.68 ? 86  ALA A N     1 
ATOM   653  C CA    . ALA A 1 86  ? -4.765  15.863  -1.488  1.00 28.71 ? 86  ALA A CA    1 
ATOM   654  C C     . ALA A 1 86  ? -4.700  14.474  -0.857  1.00 27.82 ? 86  ALA A C     1 
ATOM   655  O O     . ALA A 1 86  ? -4.894  13.476  -1.555  1.00 25.09 ? 86  ALA A O     1 
ATOM   656  C CB    . ALA A 1 86  ? -6.170  16.437  -1.341  1.00 29.02 ? 86  ALA A CB    1 
ATOM   657  N N     . PRO A 1 87  ? -4.441  14.400  0.464   1.00 28.23 ? 87  PRO A N     1 
ATOM   658  C CA    . PRO A 1 87  ? -4.432  13.123  1.202   1.00 28.82 ? 87  PRO A CA    1 
ATOM   659  C C     . PRO A 1 87  ? -5.679  12.263  1.013   1.00 27.94 ? 87  PRO A C     1 
ATOM   660  O O     . PRO A 1 87  ? -5.580  11.035  0.973   1.00 27.40 ? 87  PRO A O     1 
ATOM   661  C CB    . PRO A 1 87  ? -4.327  13.571  2.661   1.00 29.93 ? 87  PRO A CB    1 
ATOM   662  C CG    . PRO A 1 87  ? -3.557  14.842  2.595   1.00 30.61 ? 87  PRO A CG    1 
ATOM   663  C CD    . PRO A 1 87  ? -3.950  15.511  1.303   1.00 30.11 ? 87  PRO A CD    1 
ATOM   664  N N     . ASP A 1 88  ? -6.840  12.902  0.881   1.00 28.17 ? 88  ASP A N     1 
ATOM   665  C CA    . ASP A 1 88  ? -8.107  12.189  0.687   1.00 28.95 ? 88  ASP A CA    1 
ATOM   666  C C     . ASP A 1 88  ? -8.185  11.425  -0.641  1.00 26.31 ? 88  ASP A C     1 
ATOM   667  O O     . ASP A 1 88  ? -9.034  10.553  -0.791  1.00 26.11 ? 88  ASP A O     1 
ATOM   668  C CB    . ASP A 1 88  ? -9.288  13.170  0.781   1.00 31.85 ? 88  ASP A CB    1 
ATOM   669  C CG    . ASP A 1 88  ? -10.641 12.475  0.758   1.00 35.48 ? 88  ASP A CG    1 
ATOM   670  O OD1   . ASP A 1 88  ? -10.779 11.398  1.378   1.00 39.02 ? 88  ASP A OD1   1 
ATOM   671  O OD2   . ASP A 1 88  ? -11.579 13.011  0.124   1.00 39.45 ? 88  ASP A OD2   1 
ATOM   672  N N     . ALA A 1 89  ? -7.324  11.770  -1.601  1.00 24.93 ? 89  ALA A N     1 
ATOM   673  C CA    . ALA A 1 89  ? -7.238  11.054  -2.882  1.00 23.80 ? 89  ALA A CA    1 
ATOM   674  C C     . ALA A 1 89  ? -6.041  10.084  -2.957  1.00 23.50 ? 89  ALA A C     1 
ATOM   675  O O     . ALA A 1 89  ? -5.670  9.639   -4.047  1.00 22.44 ? 89  ALA A O     1 
ATOM   676  C CB    . ALA A 1 89  ? -7.172  12.054  -4.020  1.00 23.73 ? 89  ALA A CB    1 
ATOM   677  N N     . ILE A 1 90  ? -5.455  9.754   -1.804  1.00 22.52 ? 90  ILE A N     1 
ATOM   678  C CA    . ILE A 1 90  ? -4.327  8.824   -1.736  1.00 22.03 ? 90  ILE A CA    1 
ATOM   679  C C     . ILE A 1 90  ? -4.725  7.534   -1.014  1.00 21.55 ? 90  ILE A C     1 
ATOM   680  O O     . ILE A 1 90  ? -5.351  7.572   0.050   1.00 21.17 ? 90  ILE A O     1 
ATOM   681  C CB    . ILE A 1 90  ? -3.109  9.458   -1.030  1.00 21.71 ? 90  ILE A CB    1 
ATOM   682  C CG1   . ILE A 1 90  ? -2.696  10.754  -1.734  1.00 21.21 ? 90  ILE A CG1   1 
ATOM   683  C CG2   . ILE A 1 90  ? -1.936  8.475   -1.002  1.00 21.91 ? 90  ILE A CG2   1 
ATOM   684  C CD1   . ILE A 1 90  ? -1.590  11.512  -1.027  1.00 21.39 ? 90  ILE A CD1   1 
ATOM   685  N N     . LEU A 1 91  ? -4.377  6.401   -1.627  1.00 19.99 ? 91  LEU A N     1 
ATOM   686  C CA    . LEU A 1 91  ? -4.488  5.079   -1.016  1.00 19.75 ? 91  LEU A CA    1 
ATOM   687  C C     . LEU A 1 91  ? -3.080  4.510   -0.784  1.00 19.59 ? 91  LEU A C     1 
ATOM   688  O O     . LEU A 1 91  ? -2.273  4.453   -1.722  1.00 18.59 ? 91  LEU A O     1 
ATOM   689  C CB    . LEU A 1 91  ? -5.291  4.142   -1.931  1.00 20.02 ? 91  LEU A CB    1 
ATOM   690  C CG    . LEU A 1 91  ? -5.462  2.684   -1.501  1.00 19.91 ? 91  LEU A CG    1 
ATOM   691  C CD1   . LEU A 1 91  ? -6.220  2.589   -0.176  1.00 20.42 ? 91  LEU A CD1   1 
ATOM   692  C CD2   . LEU A 1 91  ? -6.174  1.881   -2.578  1.00 20.22 ? 91  LEU A CD2   1 
ATOM   693  N N     . VAL A 1 92  ? -2.785  4.099   0.452   1.00 18.87 ? 92  VAL A N     1 
ATOM   694  C CA    . VAL A 1 92  ? -1.494  3.461   0.774   1.00 18.87 ? 92  VAL A CA    1 
ATOM   695  C C     . VAL A 1 92  ? -1.714  2.004   1.140   1.00 18.82 ? 92  VAL A C     1 
ATOM   696  O O     . VAL A 1 92  ? -2.447  1.693   2.089   1.00 18.39 ? 92  VAL A O     1 
ATOM   697  C CB    . VAL A 1 92  ? -0.762  4.189   1.928   1.00 19.17 ? 92  VAL A CB    1 
ATOM   698  C CG1   . VAL A 1 92  ? 0.588   3.535   2.227   1.00 19.06 ? 92  VAL A CG1   1 
ATOM   699  C CG2   . VAL A 1 92  ? -0.589  5.656   1.589   1.00 19.02 ? 92  VAL A CG2   1 
ATOM   700  N N     . ALA A 1 93  ? -1.111  1.108   0.365   1.00 17.81 ? 93  ALA A N     1 
ATOM   701  C CA    . ALA A 1 93  ? -1.150  -0.312  0.651   1.00 18.23 ? 93  ALA A CA    1 
ATOM   702  C C     . ALA A 1 93  ? 0.038   -0.672  1.513   1.00 18.10 ? 93  ALA A C     1 
ATOM   703  O O     . ALA A 1 93  ? 1.173   -0.272  1.217   1.00 17.94 ? 93  ALA A O     1 
ATOM   704  C CB    . ALA A 1 93  ? -1.136  -1.129  -0.635  1.00 17.85 ? 93  ALA A CB    1 
ATOM   705  N N     . HIS A 1 94  ? -0.217  -1.434  2.569   1.00 18.12 ? 94  HIS A N     1 
ATOM   706  C CA    . HIS A 1 94  ? 0.836   -1.813  3.496   1.00 18.33 ? 94  HIS A CA    1 
ATOM   707  C C     . HIS A 1 94  ? 0.526   -3.123  4.218   1.00 18.67 ? 94  HIS A C     1 
ATOM   708  O O     . HIS A 1 94  ? -0.635  -3.544  4.342   1.00 18.17 ? 94  HIS A O     1 
ATOM   709  C CB    . HIS A 1 94  ? 1.057   -0.699  4.522   1.00 19.13 ? 94  HIS A CB    1 
ATOM   710  C CG    . HIS A 1 94  ? -0.092  -0.524  5.466   1.00 19.36 ? 94  HIS A CG    1 
ATOM   711  N ND1   . HIS A 1 94  ? -0.206  -1.247  6.633   1.00 19.56 ? 94  HIS A ND1   1 
ATOM   712  C CD2   . HIS A 1 94  ? -1.184  0.271   5.407   1.00 20.07 ? 94  HIS A CD2   1 
ATOM   713  C CE1   . HIS A 1 94  ? -1.317  -0.901  7.257   1.00 20.02 ? 94  HIS A CE1   1 
ATOM   714  N NE2   . HIS A 1 94  ? -1.927  0.022   6.536   1.00 20.48 ? 94  HIS A NE2   1 
ATOM   715  N N     . ASP A 1 95  ? 1.592   -3.753  4.689   1.00 18.50 ? 95  ASP A N     1 
ATOM   716  C CA    . ASP A 1 95  ? 1.499   -4.942  5.515   1.00 19.08 ? 95  ASP A CA    1 
ATOM   717  C C     . ASP A 1 95  ? 0.905   -4.597  6.877   1.00 19.31 ? 95  ASP A C     1 
ATOM   718  O O     . ASP A 1 95  ? 1.165   -3.518  7.432   1.00 18.47 ? 95  ASP A O     1 
ATOM   719  C CB    . ASP A 1 95  ? 2.876   -5.568  5.700   1.00 19.45 ? 95  ASP A CB    1 
ATOM   720  C CG    . ASP A 1 95  ? 3.905   -4.570  6.190   1.00 19.40 ? 95  ASP A CG    1 
ATOM   721  O OD1   . ASP A 1 95  ? 4.063   -3.510  5.541   1.00 20.60 ? 95  ASP A OD1   1 
ATOM   722  O OD2   . ASP A 1 95  ? 4.561   -4.852  7.207   1.00 19.34 ? 95  ASP A OD2   1 
ATOM   723  N N     . GLU A 1 96  ? 0.086   -5.492  7.400   1.00 19.97 ? 96  GLU A N     1 
ATOM   724  C CA    . GLU A 1 96  ? -0.573  -5.282  8.659   1.00 20.46 ? 96  GLU A CA    1 
ATOM   725  C C     . GLU A 1 96  ? -0.389  -6.484  9.589   1.00 20.46 ? 96  GLU A C     1 
ATOM   726  O O     . GLU A 1 96  ? -0.900  -7.543  9.338   1.00 20.57 ? 96  GLU A O     1 
ATOM   727  C CB    . GLU A 1 96  ? -2.042  -5.007  8.378   1.00 21.20 ? 96  GLU A CB    1 
ATOM   728  C CG    . GLU A 1 96  ? -2.972  -4.977  9.553   1.00 21.51 ? 96  GLU A CG    1 
ATOM   729  C CD    . GLU A 1 96  ? -2.612  -3.866  10.490  1.00 22.29 ? 96  GLU A CD    1 
ATOM   730  O OE1   . GLU A 1 96  ? -2.876  -2.747  10.167  1.00 22.43 ? 96  GLU A OE1   1 
ATOM   731  O OE2   . GLU A 1 96  ? -2.009  -4.148  11.486  1.00 22.75 ? 96  GLU A OE2   1 
ATOM   732  N N     . LEU A 1 97  ? 0.330   -6.261  10.680  1.00 19.75 ? 97  LEU A N     1 
ATOM   733  C CA    . LEU A 1 97  ? 0.570   -7.281  11.704  1.00 20.74 ? 97  LEU A CA    1 
ATOM   734  C C     . LEU A 1 97  ? -0.706  -7.790  12.372  1.00 20.72 ? 97  LEU A C     1 
ATOM   735  O O     . LEU A 1 97  ? -0.780  -8.958  12.750  1.00 20.87 ? 97  LEU A O     1 
ATOM   736  C CB    . LEU A 1 97  ? 1.501   -6.734  12.795  1.00 21.14 ? 97  LEU A CB    1 
ATOM   737  C CG    . LEU A 1 97  ? 2.949   -6.480  12.337  1.00 21.64 ? 97  LEU A CG    1 
ATOM   738  C CD1   . LEU A 1 97  ? 3.630   -5.407  13.177  1.00 22.86 ? 97  LEU A CD1   1 
ATOM   739  C CD2   . LEU A 1 97  ? 3.743   -7.772  12.348  1.00 21.93 ? 97  LEU A CD2   1 
ATOM   740  N N     . ASP A 1 98  ? -1.691  -6.913  12.529  1.00 20.71 ? 98  ASP A N     1 
ATOM   741  C CA    . ASP A 1 98  ? -2.872  -7.216  13.342  1.00 21.94 ? 98  ASP A CA    1 
ATOM   742  C C     . ASP A 1 98  ? -3.944  -8.041  12.632  1.00 22.90 ? 98  ASP A C     1 
ATOM   743  O O     . ASP A 1 98  ? -5.002  -8.306  13.208  1.00 22.50 ? 98  ASP A O     1 
ATOM   744  C CB    . ASP A 1 98  ? -3.483  -5.927  13.907  1.00 22.49 ? 98  ASP A CB    1 
ATOM   745  C CG    . ASP A 1 98  ? -2.690  -5.370  15.088  1.00 23.67 ? 98  ASP A CG    1 
ATOM   746  O OD1   . ASP A 1 98  ? -1.787  -6.070  15.611  1.00 24.05 ? 98  ASP A OD1   1 
ATOM   747  O OD2   . ASP A 1 98  ? -2.971  -4.218  15.473  1.00 25.03 ? 98  ASP A OD2   1 
ATOM   748  N N     . MET A 1 99  ? -3.663  -8.462  11.418  1.00 23.49 ? 99  MET A N     1 
ATOM   749  C CA    . MET A 1 99  ? -4.559  -9.339  10.678  1.00 24.50 ? 99  MET A CA    1 
ATOM   750  C C     . MET A 1 99  ? -3.746  -10.496 10.100  1.00 23.68 ? 99  MET A C     1 
ATOM   751  O O     . MET A 1 99  ? -2.639  -10.297 9.713   1.00 23.33 ? 99  MET A O     1 
ATOM   752  C CB    . MET A 1 99  ? -5.226  -8.571  9.563   1.00 27.14 ? 99  MET A CB    1 
ATOM   753  C CG    . MET A 1 99  ? -6.099  -7.412  10.004  1.00 29.45 ? 99  MET A CG    1 
ATOM   754  S SD    . MET A 1 99  ? -6.878  -6.365  8.763   1.00 33.64 ? 99  MET A SD    1 
ATOM   755  C CE    . MET A 1 99  ? -5.780  -6.502  7.422   1.00 33.97 ? 99  MET A CE    1 
ATOM   756  N N     . PRO A 1 100 ? -4.295  -11.690 10.025  1.00 23.02 ? 100 PRO A N     1 
ATOM   757  C CA    . PRO A 1 100 ? -3.534  -12.824 9.524   1.00 23.55 ? 100 PRO A CA    1 
ATOM   758  C C     . PRO A 1 100 ? -3.376  -12.808 8.007   1.00 22.51 ? 100 PRO A C     1 
ATOM   759  O O     . PRO A 1 100 ? -4.124  -12.107 7.324   1.00 21.60 ? 100 PRO A O     1 
ATOM   760  C CB    . PRO A 1 100 ? -4.383  -14.028 9.949   1.00 24.57 ? 100 PRO A CB    1 
ATOM   761  C CG    . PRO A 1 100 ? -5.773  -13.506 9.971   1.00 24.61 ? 100 PRO A CG    1 
ATOM   762  C CD    . PRO A 1 100 ? -5.673  -12.070 10.399  1.00 24.55 ? 100 PRO A CD    1 
ATOM   763  N N     . PRO A 1 101 ? -2.398  -13.570 7.484   1.00 22.54 ? 101 PRO A N     1 
ATOM   764  C CA    . PRO A 1 101 ? -2.310  -13.732 6.039   1.00 22.33 ? 101 PRO A CA    1 
ATOM   765  C C     . PRO A 1 101 ? -3.638  -14.238 5.479   1.00 22.73 ? 101 PRO A C     1 
ATOM   766  O O     . PRO A 1 101 ? -4.234  -15.148 6.055   1.00 22.23 ? 101 PRO A O     1 
ATOM   767  C CB    . PRO A 1 101 ? -1.207  -14.783 5.863   1.00 22.36 ? 101 PRO A CB    1 
ATOM   768  C CG    . PRO A 1 101 ? -0.403  -14.720 7.119   1.00 22.59 ? 101 PRO A CG    1 
ATOM   769  C CD    . PRO A 1 101 ? -1.403  -14.401 8.190   1.00 22.47 ? 101 PRO A CD    1 
ATOM   770  N N     . GLY A 1 102 ? -4.094  -13.652 4.375   1.00 23.28 ? 102 GLY A N     1 
ATOM   771  C CA    . GLY A 1 102 ? -5.391  -13.993 3.784   1.00 24.03 ? 102 GLY A CA    1 
ATOM   772  C C     . GLY A 1 102 ? -6.489  -12.974 4.037   1.00 24.49 ? 102 GLY A C     1 
ATOM   773  O O     . GLY A 1 102 ? -7.584  -13.099 3.495   1.00 25.32 ? 102 GLY A O     1 
ATOM   774  N N     . VAL A 1 103 ? -6.207  -11.959 4.852   1.00 25.09 ? 103 VAL A N     1 
ATOM   775  C CA    . VAL A 1 103 ? -7.189  -10.926 5.177   1.00 25.44 ? 103 VAL A CA    1 
ATOM   776  C C     . VAL A 1 103 ? -6.713  -9.567  4.683   1.00 26.27 ? 103 VAL A C     1 
ATOM   777  O O     . VAL A 1 103 ? -5.593  -9.152  4.999   1.00 25.90 ? 103 VAL A O     1 
ATOM   778  C CB    . VAL A 1 103 ? -7.420  -10.837 6.705   1.00 25.91 ? 103 VAL A CB    1 
ATOM   779  C CG1   . VAL A 1 103 ? -8.343  -9.676  7.061   1.00 26.27 ? 103 VAL A CG1   1 
ATOM   780  C CG2   . VAL A 1 103 ? -7.977  -12.151 7.239   1.00 26.52 ? 103 VAL A CG2   1 
ATOM   781  N N     . ALA A 1 104 ? -7.571  -8.876  3.930   1.00 26.04 ? 104 ALA A N     1 
ATOM   782  C CA    . ALA A 1 104 ? -7.330  -7.484  3.542   1.00 26.23 ? 104 ALA A CA    1 
ATOM   783  C C     . ALA A 1 104 ? -8.472  -6.606  4.036   1.00 26.41 ? 104 ALA A C     1 
ATOM   784  O O     . ALA A 1 104 ? -9.633  -6.984  3.933   1.00 25.07 ? 104 ALA A O     1 
ATOM   785  C CB    . ALA A 1 104 ? -7.209  -7.367  2.036   1.00 26.06 ? 104 ALA A CB    1 
ATOM   786  N N     . LYS A 1 105 ? -8.143  -5.428  4.556   1.00 26.34 ? 105 LYS A N     1 
ATOM   787  C CA    . LYS A 1 105 ? -9.154  -4.464  4.966   1.00 27.32 ? 105 LYS A CA    1 
ATOM   788  C C     . LYS A 1 105 ? -8.751  -3.050  4.587   1.00 26.20 ? 105 LYS A C     1 
ATOM   789  O O     . LYS A 1 105 ? -7.574  -2.758  4.385   1.00 25.51 ? 105 LYS A O     1 
ATOM   790  C CB    . LYS A 1 105 ? -9.426  -4.567  6.471   1.00 29.73 ? 105 LYS A CB    1 
ATOM   791  C CG    . LYS A 1 105 ? -10.037 -5.899  6.878   1.00 31.92 ? 105 LYS A CG    1 
ATOM   792  C CD    . LYS A 1 105 ? -10.487 -5.921  8.329   1.00 35.48 ? 105 LYS A CD    1 
ATOM   793  C CE    . LYS A 1 105 ? -11.203 -7.228  8.651   1.00 37.44 ? 105 LYS A CE    1 
ATOM   794  N NZ    . LYS A 1 105 ? -11.375 -7.438  10.114  1.00 40.83 ? 105 LYS A NZ    1 
ATOM   795  N N     . LEU A 1 106 ? -9.747  -2.179  4.489   1.00 25.27 ? 106 LEU A N     1 
ATOM   796  C CA    . LEU A 1 106 ? -9.559  -0.782  4.177   1.00 25.15 ? 106 LEU A CA    1 
ATOM   797  C C     . LEU A 1 106 ? -9.860  0.052   5.414   1.00 26.42 ? 106 LEU A C     1 
ATOM   798  O O     . LEU A 1 106 ? -10.711 -0.305  6.239   1.00 25.13 ? 106 LEU A O     1 
ATOM   799  C CB    . LEU A 1 106 ? -10.475 -0.369  3.022   1.00 25.62 ? 106 LEU A CB    1 
ATOM   800  C CG    . LEU A 1 106 ? -10.073 -0.933  1.653   1.00 25.43 ? 106 LEU A CG    1 
ATOM   801  C CD1   . LEU A 1 106 ? -11.260 -0.975  0.701   1.00 25.77 ? 106 LEU A CD1   1 
ATOM   802  C CD2   . LEU A 1 106 ? -8.931  -0.115  1.055   1.00 24.80 ? 106 LEU A CD2   1 
ATOM   803  N N     . LYS A 1 107 ? -9.157  1.164   5.537   1.00 26.77 ? 107 LYS A N     1 
ATOM   804  C CA    . LYS A 1 107 ? -9.269  2.024   6.706   1.00 29.37 ? 107 LYS A CA    1 
ATOM   805  C C     . LYS A 1 107 ? -8.964  3.417   6.231   1.00 28.57 ? 107 LYS A C     1 
ATOM   806  O O     . LYS A 1 107 ? -8.068  3.608   5.400   1.00 26.30 ? 107 LYS A O     1 
ATOM   807  C CB    . LYS A 1 107 ? -8.260  1.581   7.770   1.00 31.84 ? 107 LYS A CB    1 
ATOM   808  C CG    . LYS A 1 107 ? -8.206  2.386   9.063   1.00 35.04 ? 107 LYS A CG    1 
ATOM   809  C CD    . LYS A 1 107 ? -7.122  1.804   9.966   1.00 36.97 ? 107 LYS A CD    1 
ATOM   810  C CE    . LYS A 1 107 ? -6.852  2.635   11.212  1.00 39.50 ? 107 LYS A CE    1 
ATOM   811  N NZ    . LYS A 1 107 ? -7.890  2.480   12.268  1.00 40.32 ? 107 LYS A NZ    1 
ATOM   812  N N     . THR A 1 108 ? -9.722  4.390   6.728   1.00 28.98 ? 108 THR A N     1 
ATOM   813  C CA    . THR A 1 108 ? -9.440  5.787   6.445   1.00 29.99 ? 108 THR A CA    1 
ATOM   814  C C     . THR A 1 108 ? -8.857  6.406   7.709   1.00 31.85 ? 108 THR A C     1 
ATOM   815  O O     . THR A 1 108 ? -9.477  6.359   8.777   1.00 31.06 ? 108 THR A O     1 
ATOM   816  C CB    . THR A 1 108 ? -10.702 6.547   5.991   1.00 30.63 ? 108 THR A CB    1 
ATOM   817  O OG1   . THR A 1 108 ? -11.180 5.990   4.754   1.00 31.04 ? 108 THR A OG1   1 
ATOM   818  C CG2   . THR A 1 108 ? -10.395 8.027   5.785   1.00 30.94 ? 108 THR A CG2   1 
ATOM   819  N N     . GLY A 1 109 ? -7.653  6.960   7.593   1.00 32.25 ? 109 GLY A N     1 
ATOM   820  C CA    . GLY A 1 109 ? -7.014  7.638   8.714   1.00 33.22 ? 109 GLY A CA    1 
ATOM   821  C C     . GLY A 1 109 ? -6.542  6.695   9.802   1.00 33.44 ? 109 GLY A C     1 
ATOM   822  O O     . GLY A 1 109 ? -6.312  5.510   9.559   1.00 34.04 ? 109 GLY A O     1 
ATOM   823  N N     . GLY A 1 110 ? -6.420  7.228   11.013  1.00 34.69 ? 110 GLY A N     1 
ATOM   824  C CA    . GLY A 1 110 ? -5.874  6.482   12.144  1.00 34.00 ? 110 GLY A CA    1 
ATOM   825  C C     . GLY A 1 110 ? -4.379  6.707   12.265  1.00 33.62 ? 110 GLY A C     1 
ATOM   826  O O     . GLY A 1 110 ? -3.809  7.553   11.564  1.00 33.60 ? 110 GLY A O     1 
ATOM   827  N N     . GLY A 1 111 ? -3.745  5.947   13.153  1.00 31.31 ? 111 GLY A N     1 
ATOM   828  C CA    . GLY A 1 111 ? -2.319  6.100   13.411  1.00 31.79 ? 111 GLY A CA    1 
ATOM   829  C C     . GLY A 1 111 ? -1.480  5.211   12.518  1.00 30.80 ? 111 GLY A C     1 
ATOM   830  O O     . GLY A 1 111 ? -1.959  4.671   11.518  1.00 31.01 ? 111 GLY A O     1 
ATOM   831  N N     . HIS A 1 112 ? -0.226  5.053   12.864  1.00 28.86 ? 112 HIS A N     1 
ATOM   832  C CA    . HIS A 1 112 ? 0.665   4.204   12.143  1.00 27.59 ? 112 HIS A CA    1 
ATOM   833  C C     . HIS A 1 112 ? 0.884   2.843   12.737  1.00 27.04 ? 112 HIS A C     1 
ATOM   834  O O     . HIS A 1 112 ? 1.330   1.964   12.074  1.00 25.58 ? 112 HIS A O     1 
ATOM   835  C CB    . HIS A 1 112 ? 1.988   4.908   11.915  1.00 28.29 ? 112 HIS A CB    1 
ATOM   836  C CG    . HIS A 1 112 ? 2.637   5.392   13.176  1.00 28.19 ? 112 HIS A CG    1 
ATOM   837  N ND1   . HIS A 1 112 ? 3.179   4.570   14.055  1.00 28.45 ? 112 HIS A ND1   1 
ATOM   838  C CD2   . HIS A 1 112 ? 2.796   6.645   13.675  1.00 29.16 ? 112 HIS A CD2   1 
ATOM   839  C CE1   . HIS A 1 112 ? 3.695   5.264   15.039  1.00 29.47 ? 112 HIS A CE1   1 
ATOM   840  N NE2   . HIS A 1 112 ? 3.451   6.533   14.815  1.00 29.11 ? 112 HIS A NE2   1 
ATOM   841  N N     . GLY A 1 113 ? 0.584   2.677   14.010  1.00 27.37 ? 113 GLY A N     1 
ATOM   842  C CA    . GLY A 1 113 ? 0.675   1.368   14.683  1.00 26.66 ? 113 GLY A CA    1 
ATOM   843  C C     . GLY A 1 113 ? 2.074   0.774   14.808  1.00 26.10 ? 113 GLY A C     1 
ATOM   844  O O     . GLY A 1 113 ? 2.235   -0.435  14.977  1.00 27.04 ? 113 GLY A O     1 
ATOM   845  N N     . GLY A 1 114 ? 3.089   1.624   14.766  1.00 25.18 ? 114 GLY A N     1 
ATOM   846  C CA    . GLY A 1 114 ? 4.485   1.178   14.706  1.00 24.57 ? 114 GLY A CA    1 
ATOM   847  C C     . GLY A 1 114 ? 5.053   0.904   13.316  1.00 23.44 ? 114 GLY A C     1 
ATOM   848  O O     . GLY A 1 114 ? 6.205   0.497   13.192  1.00 23.67 ? 114 GLY A O     1 
ATOM   849  N N     . HIS A 1 115 ? 4.254   1.107   12.267  1.00 22.86 ? 115 HIS A N     1 
ATOM   850  C CA    . HIS A 1 115 ? 4.724   0.921   10.896  1.00 21.74 ? 115 HIS A CA    1 
ATOM   851  C C     . HIS A 1 115 ? 5.459   2.185   10.478  1.00 21.30 ? 115 HIS A C     1 
ATOM   852  O O     . HIS A 1 115 ? 4.846   3.237   10.301  1.00 20.26 ? 115 HIS A O     1 
ATOM   853  C CB    . HIS A 1 115 ? 3.545   0.658   9.940   1.00 21.79 ? 115 HIS A CB    1 
ATOM   854  C CG    . HIS A 1 115 ? 3.954   0.082   8.618   1.00 21.70 ? 115 HIS A CG    1 
ATOM   855  N ND1   . HIS A 1 115 ? 4.671   0.797   7.684   1.00 21.32 ? 115 HIS A ND1   1 
ATOM   856  C CD2   . HIS A 1 115 ? 3.733   -1.135  8.065   1.00 20.77 ? 115 HIS A CD2   1 
ATOM   857  C CE1   . HIS A 1 115 ? 4.889   0.044   6.623   1.00 20.51 ? 115 HIS A CE1   1 
ATOM   858  N NE2   . HIS A 1 115 ? 4.333   -1.134  6.831   1.00 20.64 ? 115 HIS A NE2   1 
ATOM   859  N N     . ASN A 1 116 ? 6.771   2.080   10.296  1.00 21.65 ? 116 ASN A N     1 
ATOM   860  C CA    . ASN A 1 116 ? 7.591   3.269   10.046  1.00 21.79 ? 116 ASN A CA    1 
ATOM   861  C C     . ASN A 1 116 ? 7.371   3.913   8.691   1.00 21.74 ? 116 ASN A C     1 
ATOM   862  O O     . ASN A 1 116 ? 7.632   5.096   8.523   1.00 21.45 ? 116 ASN A O     1 
ATOM   863  C CB    . ASN A 1 116 ? 9.072   2.954   10.267  1.00 22.73 ? 116 ASN A CB    1 
ATOM   864  C CG    . ASN A 1 116 ? 9.389   2.665   11.718  1.00 23.16 ? 116 ASN A CG    1 
ATOM   865  O OD1   . ASN A 1 116 ? 8.615   2.999   12.614  1.00 23.23 ? 116 ASN A OD1   1 
ATOM   866  N ND2   . ASN A 1 116 ? 10.523  2.030   11.954  1.00 23.95 ? 116 ASN A ND2   1 
ATOM   867  N N     . GLY A 1 117 ? 6.889   3.144   7.719   1.00 21.34 ? 117 GLY A N     1 
ATOM   868  C CA    . GLY A 1 117 ? 6.436   3.717   6.451   1.00 21.05 ? 117 GLY A CA    1 
ATOM   869  C C     . GLY A 1 117 ? 5.249   4.647   6.621   1.00 20.49 ? 117 GLY A C     1 
ATOM   870  O O     . GLY A 1 117 ? 5.276   5.797   6.175   1.00 19.91 ? 117 GLY A O     1 
ATOM   871  N N     . LEU A 1 118 ? 4.199   4.149   7.266   1.00 20.75 ? 118 LEU A N     1 
ATOM   872  C CA    . LEU A 1 118 ? 3.009   4.951   7.535   1.00 20.23 ? 118 LEU A CA    1 
ATOM   873  C C     . LEU A 1 118 ? 3.370   6.172   8.400   1.00 20.20 ? 118 LEU A C     1 
ATOM   874  O O     . LEU A 1 118 ? 2.870   7.261   8.163   1.00 19.54 ? 118 LEU A O     1 
ATOM   875  C CB    . LEU A 1 118 ? 1.943   4.112   8.248   1.00 20.22 ? 118 LEU A CB    1 
ATOM   876  C CG    . LEU A 1 118 ? 1.286   2.989   7.437   1.00 20.52 ? 118 LEU A CG    1 
ATOM   877  C CD1   . LEU A 1 118 ? 0.350   2.166   8.312   1.00 20.68 ? 118 LEU A CD1   1 
ATOM   878  C CD2   . LEU A 1 118 ? 0.538   3.556   6.238   1.00 21.45 ? 118 LEU A CD2   1 
ATOM   879  N N     . ARG A 1 119 ? 4.228   5.963   9.372   1.00 20.30 ? 119 ARG A N     1 
ATOM   880  C CA    . ARG A 1 119 ? 4.621   7.057   10.234  1.00 21.30 ? 119 ARG A CA    1 
ATOM   881  C C     . ARG A 1 119 ? 5.299   8.179   9.458   1.00 20.76 ? 119 ARG A C     1 
ATOM   882  O O     . ARG A 1 119 ? 4.963   9.305   9.608   1.00 21.47 ? 119 ARG A O     1 
ATOM   883  C CB    . ARG A 1 119 ? 5.572   6.565   11.301  1.00 22.43 ? 119 ARG A CB    1 
ATOM   884  C CG    . ARG A 1 119 ? 6.094   7.680   12.157  1.00 24.47 ? 119 ARG A CG    1 
ATOM   885  C CD    . ARG A 1 119 ? 6.909   7.179   13.315  1.00 25.47 ? 119 ARG A CD    1 
ATOM   886  N NE    . ARG A 1 119 ? 8.218   6.829   12.894  1.00 27.04 ? 119 ARG A NE    1 
ATOM   887  C CZ    . ARG A 1 119 ? 9.021   6.052   13.577  1.00 29.08 ? 119 ARG A CZ    1 
ATOM   888  N NH1   . ARG A 1 119 ? 8.622   5.576   14.719  1.00 31.53 ? 119 ARG A NH1   1 
ATOM   889  N NH2   . ARG A 1 119 ? 10.232  5.769   13.146  1.00 29.51 ? 119 ARG A NH2   1 
ATOM   890  N N     . ASP A 1 120 ? 6.214   7.842   8.578   1.00 20.60 ? 120 ASP A N     1 
ATOM   891  C CA    . ASP A 1 120 ? 6.892   8.870   7.798   1.00 21.07 ? 120 ASP A CA    1 
ATOM   892  C C     . ASP A 1 120 ? 5.965   9.577   6.823   1.00 21.16 ? 120 ASP A C     1 
ATOM   893  O O     . ASP A 1 120 ? 6.117   10.780  6.587   1.00 20.39 ? 120 ASP A O     1 
ATOM   894  C CB    . ASP A 1 120 ? 8.090   8.311   7.044   1.00 21.63 ? 120 ASP A CB    1 
ATOM   895  C CG    . ASP A 1 120 ? 9.048   9.405   6.603   1.00 22.87 ? 120 ASP A CG    1 
ATOM   896  O OD1   . ASP A 1 120 ? 9.522   10.157  7.489   1.00 24.01 ? 120 ASP A OD1   1 
ATOM   897  O OD2   . ASP A 1 120 ? 9.317   9.531   5.389   1.00 22.69 ? 120 ASP A OD2   1 
ATOM   898  N N     . ILE A 1 121 ? 4.999   8.851   6.259   1.00 20.94 ? 121 ILE A N     1 
ATOM   899  C CA    . ILE A 1 121 ? 4.026   9.484   5.363   1.00 21.42 ? 121 ILE A CA    1 
ATOM   900  C C     . ILE A 1 121 ? 3.175   10.500  6.133   1.00 22.33 ? 121 ILE A C     1 
ATOM   901  O O     . ILE A 1 121 ? 2.984   11.630  5.683   1.00 22.62 ? 121 ILE A O     1 
ATOM   902  C CB    . ILE A 1 121 ? 3.136   8.448   4.640   1.00 21.22 ? 121 ILE A CB    1 
ATOM   903  C CG1   . ILE A 1 121 ? 3.980   7.635   3.656   1.00 20.98 ? 121 ILE A CG1   1 
ATOM   904  C CG2   . ILE A 1 121 ? 2.003   9.140   3.878   1.00 21.48 ? 121 ILE A CG2   1 
ATOM   905  C CD1   . ILE A 1 121 ? 3.362   6.319   3.237   1.00 21.59 ? 121 ILE A CD1   1 
ATOM   906  N N     . ILE A 1 122 ? 2.680   10.100  7.300   1.00 24.34 ? 122 ILE A N     1 
ATOM   907  C CA    . ILE A 1 122 ? 1.868   10.998  8.127   1.00 26.05 ? 122 ILE A CA    1 
ATOM   908  C C     . ILE A 1 122 ? 2.662   12.276  8.407   1.00 27.27 ? 122 ILE A C     1 
ATOM   909  O O     . ILE A 1 122 ? 2.163   13.380  8.193   1.00 27.46 ? 122 ILE A O     1 
ATOM   910  C CB    . ILE A 1 122 ? 1.437   10.328  9.445   1.00 26.41 ? 122 ILE A CB    1 
ATOM   911  C CG1   . ILE A 1 122 ? 0.429   9.204   9.167   1.00 26.42 ? 122 ILE A CG1   1 
ATOM   912  C CG2   . ILE A 1 122 ? 0.835   11.358  10.406  1.00 27.69 ? 122 ILE A CG2   1 
ATOM   913  C CD1   . ILE A 1 122 ? 0.268   8.226   10.315  1.00 26.98 ? 122 ILE A CD1   1 
ATOM   914  N N     . ALA A 1 123 ? 3.912   12.109  8.830   1.00 28.59 ? 123 ALA A N     1 
ATOM   915  C CA    . ALA A 1 123 ? 4.781   13.243  9.154   1.00 30.42 ? 123 ALA A CA    1 
ATOM   916  C C     . ALA A 1 123 ? 5.067   14.137  7.945   1.00 31.41 ? 123 ALA A C     1 
ATOM   917  O O     . ALA A 1 123 ? 4.997   15.360  8.053   1.00 32.21 ? 123 ALA A O     1 
ATOM   918  C CB    . ALA A 1 123 ? 6.085   12.751  9.772   1.00 30.10 ? 123 ALA A CB    1 
ATOM   919  N N     . GLN A 1 124 ? 5.391   13.558  6.812   1.00 31.91 ? 124 GLN A N     1 
ATOM   920  C CA    . GLN A 1 124 ? 5.702   14.297  5.601   1.00 35.02 ? 124 GLN A CA    1 
ATOM   921  C C     . GLN A 1 124 ? 4.573   14.980  4.943   1.00 36.27 ? 124 GLN A C     1 
ATOM   922  O O     . GLN A 1 124 ? 4.790   15.855  4.163   1.00 38.95 ? 124 GLN A O     1 
ATOM   923  C CB    . GLN A 1 124 ? 6.383   13.453  4.533   1.00 36.71 ? 124 GLN A CB    1 
ATOM   924  C CG    . GLN A 1 124 ? 7.818   13.173  4.785   1.00 39.53 ? 124 GLN A CG    1 
ATOM   925  C CD    . GLN A 1 124 ? 8.531   14.401  5.253   1.00 43.12 ? 124 GLN A CD    1 
ATOM   926  O OE1   . GLN A 1 124 ? 8.538   15.388  4.587   1.00 45.47 ? 124 GLN A OE1   1 
ATOM   927  N NE2   . GLN A 1 124 ? 9.043   14.354  6.440   1.00 45.84 ? 124 GLN A NE2   1 
ATOM   928  N N     . LEU A 1 125 ? 3.375   14.529  5.191   1.00 35.69 ? 125 LEU A N     1 
ATOM   929  C CA    . LEU A 1 125 ? 2.230   15.069  4.529   1.00 36.94 ? 125 LEU A CA    1 
ATOM   930  C C     . LEU A 1 125 ? 1.726   16.193  5.404   1.00 40.60 ? 125 LEU A C     1 
ATOM   931  O O     . LEU A 1 125 ? 0.547   16.420  5.490   1.00 41.55 ? 125 LEU A O     1 
ATOM   932  C CB    . LEU A 1 125 ? 1.143   14.023  4.329   1.00 35.18 ? 125 LEU A CB    1 
ATOM   933  C CG    . LEU A 1 125 ? 1.340   13.061  3.164   1.00 34.55 ? 125 LEU A CG    1 
ATOM   934  C CD1   . LEU A 1 125 ? 0.204   12.092  2.978   1.00 33.23 ? 125 LEU A CD1   1 
ATOM   935  C CD2   . LEU A 1 125 ? 1.697   13.740  1.874   1.00 34.23 ? 125 LEU A CD2   1 
ATOM   936  N N     . GLY A 1 126 ? 2.636   16.852  6.097   1.00 44.77 ? 126 GLY A N     1 
ATOM   937  C CA    . GLY A 1 126 ? 2.264   17.868  7.048   1.00 47.51 ? 126 GLY A CA    1 
ATOM   938  C C     . GLY A 1 126 ? 1.317   17.382  8.129   1.00 50.49 ? 126 GLY A C     1 
ATOM   939  O O     . GLY A 1 126 ? 0.298   17.995  8.429   1.00 53.38 ? 126 GLY A O     1 
ATOM   940  N N     . ASN A 1 127 ? 1.664   16.242  8.685   1.00 51.38 ? 127 ASN A N     1 
ATOM   941  C CA    . ASN A 1 127 ? 0.923   15.595  9.738   1.00 52.29 ? 127 ASN A CA    1 
ATOM   942  C C     . ASN A 1 127 ? -0.534  15.377  9.433   1.00 50.18 ? 127 ASN A C     1 
ATOM   943  O O     . ASN A 1 127 ? -1.398  15.498  10.275  1.00 49.41 ? 127 ASN A O     1 
ATOM   944  C CB    . ASN A 1 127 ? 1.132   16.299  11.059  1.00 54.44 ? 127 ASN A CB    1 
ATOM   945  C CG    . ASN A 1 127 ? 1.865   15.430  12.016  1.00 57.42 ? 127 ASN A CG    1 
ATOM   946  O OD1   . ASN A 1 127 ? 1.276   14.554  12.650  1.00 59.26 ? 127 ASN A OD1   1 
ATOM   947  N ND2   . ASN A 1 127 ? 3.161   15.634  12.106  1.00 57.86 ? 127 ASN A ND2   1 
ATOM   948  N N     . GLN A 1 128 ? -0.785  15.013  8.191   1.00 48.20 ? 128 GLN A N     1 
ATOM   949  C CA    . GLN A 1 128 ? -2.100  14.587  7.814   1.00 49.58 ? 128 GLN A CA    1 
ATOM   950  C C     . GLN A 1 128 ? -2.147  13.093  7.679   1.00 48.77 ? 128 GLN A C     1 
ATOM   951  O O     . GLN A 1 128 ? -1.428  12.483  6.955   1.00 45.74 ? 128 GLN A O     1 
ATOM   952  C CB    . GLN A 1 128 ? -2.583  15.234  6.525   1.00 50.74 ? 128 GLN A CB    1 
ATOM   953  C CG    . GLN A 1 128 ? -2.337  16.672  6.391   1.00 51.58 ? 128 GLN A CG    1 
ATOM   954  C CD    . GLN A 1 128 ? -3.125  17.313  5.352   1.00 53.88 ? 128 GLN A CD    1 
ATOM   955  O OE1   . GLN A 1 128 ? -2.658  17.807  4.334   1.00 54.45 ? 128 GLN A OE1   1 
ATOM   956  N NE2   . GLN A 1 128 ? -4.422  17.238  5.580   1.00 54.76 ? 128 GLN A NE2   1 
ATOM   957  N N     . ASN A 1 129 ? -3.007  12.505  8.480   1.00 48.24 ? 129 ASN A N     1 
ATOM   958  C CA    . ASN A 1 129 ? -3.155  11.072  8.439   1.00 48.26 ? 129 ASN A CA    1 
ATOM   959  C C     . ASN A 1 129 ? -4.396  10.644  7.709   1.00 45.79 ? 129 ASN A C     1 
ATOM   960  O O     . ASN A 1 129 ? -4.703  9.479   7.697   1.00 45.29 ? 129 ASN A O     1 
ATOM   961  C CB    . ASN A 1 129 ? -3.072  10.434  9.832   1.00 50.52 ? 129 ASN A CB    1 
ATOM   962  C CG    . ASN A 1 129 ? -4.178  10.858  10.741  1.00 52.00 ? 129 ASN A CG    1 
ATOM   963  O OD1   . ASN A 1 129 ? -4.181  11.947  11.247  1.00 55.04 ? 129 ASN A OD1   1 
ATOM   964  N ND2   . ASN A 1 129 ? -5.089  9.980   10.985  1.00 53.01 ? 129 ASN A ND2   1 
ATOM   965  N N     . SER A 1 130 ? -5.091  11.590  7.107   1.00 42.08 ? 130 SER A N     1 
ATOM   966  C CA    . SER A 1 130 ? -6.317  11.201  6.478   1.00 40.26 ? 130 SER A CA    1 
ATOM   967  C C     . SER A 1 130 ? -6.118  10.683  5.060   1.00 36.52 ? 130 SER A C     1 
ATOM   968  O O     . SER A 1 130 ? -6.864  10.993  4.175   1.00 37.86 ? 130 SER A O     1 
ATOM   969  C CB    . SER A 1 130 ? -7.269  12.383  6.451   1.00 41.66 ? 130 SER A CB    1 
ATOM   970  O OG    . SER A 1 130 ? -6.756  13.436  5.655   1.00 45.19 ? 130 SER A OG    1 
ATOM   971  N N     . PHE A 1 131 ? -5.225  9.780   4.837   1.00 31.42 ? 131 PHE A N     1 
ATOM   972  C CA    . PHE A 1 131 ? -5.258  9.155   3.579   1.00 27.55 ? 131 PHE A CA    1 
ATOM   973  C C     . PHE A 1 131 ? -5.889  7.801   3.865   1.00 26.47 ? 131 PHE A C     1 
ATOM   974  O O     . PHE A 1 131 ? -6.089  7.440   4.990   1.00 25.57 ? 131 PHE A O     1 
ATOM   975  C CB    . PHE A 1 131 ? -3.852  9.037   3.035   1.00 25.80 ? 131 PHE A CB    1 
ATOM   976  C CG    . PHE A 1 131 ? -2.860  8.551   4.031   1.00 24.48 ? 131 PHE A CG    1 
ATOM   977  C CD1   . PHE A 1 131 ? -2.637  7.229   4.175   1.00 24.33 ? 131 PHE A CD1   1 
ATOM   978  C CD2   . PHE A 1 131 ? -2.170  9.414   4.817   1.00 24.42 ? 131 PHE A CD2   1 
ATOM   979  C CE1   . PHE A 1 131 ? -1.728  6.776   5.069   1.00 23.42 ? 131 PHE A CE1   1 
ATOM   980  C CE2   . PHE A 1 131 ? -1.276  8.972   5.711   1.00 23.92 ? 131 PHE A CE2   1 
ATOM   981  C CZ    . PHE A 1 131 ? -1.036  7.660   5.828   1.00 24.38 ? 131 PHE A CZ    1 
ATOM   982  N N     . HIS A 1 132 ? -6.184  7.056   2.826   1.00 25.05 ? 132 HIS A N     1 
ATOM   983  C CA    . HIS A 1 132 ? -6.794  5.744   2.982   1.00 24.11 ? 132 HIS A CA    1 
ATOM   984  C C     . HIS A 1 132 ? -5.714  4.676   2.942   1.00 23.47 ? 132 HIS A C     1 
ATOM   985  O O     . HIS A 1 132 ? -4.669  4.869   2.316   1.00 21.45 ? 132 HIS A O     1 
ATOM   986  C CB    . HIS A 1 132 ? -7.833  5.529   1.880   1.00 24.98 ? 132 HIS A CB    1 
ATOM   987  C CG    . HIS A 1 132 ? -8.748  6.699   1.708   1.00 26.65 ? 132 HIS A CG    1 
ATOM   988  N ND1   . HIS A 1 132 ? -9.838  6.914   2.527   1.00 26.88 ? 132 HIS A ND1   1 
ATOM   989  C CD2   . HIS A 1 132 ? -8.709  7.743   0.847   1.00 26.97 ? 132 HIS A CD2   1 
ATOM   990  C CE1   . HIS A 1 132 ? -10.441 8.033   2.164   1.00 27.13 ? 132 HIS A CE1   1 
ATOM   991  N NE2   . HIS A 1 132 ? -9.776  8.556   1.149   1.00 27.92 ? 132 HIS A NE2   1 
ATOM   992  N N     . ARG A 1 133 ? -5.969  3.568   3.627   1.00 21.87 ? 133 ARG A N     1 
ATOM   993  C CA    . ARG A 1 133 ? -5.028  2.468   3.691   1.00 22.58 ? 133 ARG A CA    1 
ATOM   994  C C     . ARG A 1 133 ? -5.677  1.166   3.258   1.00 21.76 ? 133 ARG A C     1 
ATOM   995  O O     . ARG A 1 133 ? -6.805  0.856   3.652   1.00 22.12 ? 133 ARG A O     1 
ATOM   996  C CB    . ARG A 1 133 ? -4.469  2.296   5.104   1.00 22.76 ? 133 ARG A CB    1 
ATOM   997  C CG    . ARG A 1 133 ? -3.810  3.544   5.681   1.00 24.12 ? 133 ARG A CG    1 
ATOM   998  C CD    . ARG A 1 133 ? -4.813  4.360   6.478   1.00 24.76 ? 133 ARG A CD    1 
ATOM   999  N NE    . ARG A 1 133 ? -4.236  5.537   7.119   1.00 25.26 ? 133 ARG A NE    1 
ATOM   1000 C CZ    . ARG A 1 133 ? -3.536  5.531   8.253   1.00 25.78 ? 133 ARG A CZ    1 
ATOM   1001 N NH1   . ARG A 1 133 ? -3.265  4.397   8.898   1.00 25.90 ? 133 ARG A NH1   1 
ATOM   1002 N NH2   . ARG A 1 133 ? -3.088  6.684   8.738   1.00 26.74 ? 133 ARG A NH2   1 
ATOM   1003 N N     . LEU A 1 134 ? -4.937  0.403   2.469   1.00 20.47 ? 134 LEU A N     1 
ATOM   1004 C CA    . LEU A 1 134 ? -5.250  -0.982  2.223   1.00 20.13 ? 134 LEU A CA    1 
ATOM   1005 C C     . LEU A 1 134 ? -4.336  -1.821  3.112   1.00 20.54 ? 134 LEU A C     1 
ATOM   1006 O O     . LEU A 1 134 ? -3.127  -1.905  2.886   1.00 19.70 ? 134 LEU A O     1 
ATOM   1007 C CB    . LEU A 1 134 ? -5.064  -1.328  0.748   1.00 19.67 ? 134 LEU A CB    1 
ATOM   1008 C CG    . LEU A 1 134 ? -5.208  -2.805  0.388   1.00 19.71 ? 134 LEU A CG    1 
ATOM   1009 C CD1   . LEU A 1 134 ? -6.567  -3.352  0.803   1.00 19.99 ? 134 LEU A CD1   1 
ATOM   1010 C CD2   . LEU A 1 134 ? -5.002  -2.998  -1.106  1.00 19.89 ? 134 LEU A CD2   1 
ATOM   1011 N N     . ARG A 1 135 ? -4.932  -2.451  4.097   1.00 20.20 ? 135 ARG A N     1 
ATOM   1012 C CA    . ARG A 1 135 ? -4.235  -3.199  5.098   1.00 20.95 ? 135 ARG A CA    1 
ATOM   1013 C C     . ARG A 1 135 ? -4.157  -4.672  4.726   1.00 20.71 ? 135 ARG A C     1 
ATOM   1014 O O     . ARG A 1 135 ? -5.147  -5.339  4.670   1.00 20.66 ? 135 ARG A O     1 
ATOM   1015 C CB    . ARG A 1 135 ? -4.919  -3.029  6.465   1.00 22.52 ? 135 ARG A CB    1 
ATOM   1016 C CG    . ARG A 1 135 ? -5.201  -1.604  6.857   1.00 23.52 ? 135 ARG A CG    1 
ATOM   1017 C CD    . ARG A 1 135 ? -6.119  -1.484  8.050   1.00 26.37 ? 135 ARG A CD    1 
ATOM   1018 N NE    . ARG A 1 135 ? -5.502  -1.951  9.262   1.00 29.09 ? 135 ARG A NE    1 
ATOM   1019 C CZ    . ARG A 1 135 ? -6.157  -2.441  10.295  1.00 33.35 ? 135 ARG A CZ    1 
ATOM   1020 N NH1   . ARG A 1 135 ? -7.469  -2.526  10.263  1.00 35.32 ? 135 ARG A NH1   1 
ATOM   1021 N NH2   . ARG A 1 135 ? -5.507  -2.836  11.369  1.00 35.77 ? 135 ARG A NH2   1 
ATOM   1022 N N     . LEU A 1 136 ? -2.957  -5.145  4.477   1.00 19.40 ? 136 LEU A N     1 
ATOM   1023 C CA    . LEU A 1 136 ? -2.768  -6.501  3.975   1.00 19.62 ? 136 LEU A CA    1 
ATOM   1024 C C     . LEU A 1 136 ? -2.177  -7.375  5.067   1.00 19.01 ? 136 LEU A C     1 
ATOM   1025 O O     . LEU A 1 136 ? -1.017  -7.220  5.443   1.00 18.51 ? 136 LEU A O     1 
ATOM   1026 C CB    . LEU A 1 136 ? -1.849  -6.494  2.740   1.00 19.67 ? 136 LEU A CB    1 
ATOM   1027 C CG    . LEU A 1 136 ? -2.324  -5.644  1.554   1.00 20.06 ? 136 LEU A CG    1 
ATOM   1028 C CD1   . LEU A 1 136 ? -1.209  -5.449  0.530   1.00 20.52 ? 136 LEU A CD1   1 
ATOM   1029 C CD2   . LEU A 1 136 ? -3.550  -6.258  0.901   1.00 20.50 ? 136 LEU A CD2   1 
ATOM   1030 N N     . GLY A 1 137 ? -2.976  -8.314  5.565   1.00 18.55 ? 137 GLY A N     1 
ATOM   1031 C CA    . GLY A 1 137 ? -2.575  -9.140  6.689   1.00 18.53 ? 137 GLY A CA    1 
ATOM   1032 C C     . GLY A 1 137 ? -1.306  -9.934  6.484   1.00 18.87 ? 137 GLY A C     1 
ATOM   1033 O O     . GLY A 1 137 ? -1.132  -10.600 5.456   1.00 18.85 ? 137 GLY A O     1 
ATOM   1034 N N     . ILE A 1 138 ? -0.393  -9.843  7.455   1.00 18.70 ? 138 ILE A N     1 
ATOM   1035 C CA    . ILE A 1 138 ? 0.809   -10.658 7.442   1.00 18.75 ? 138 ILE A CA    1 
ATOM   1036 C C     . ILE A 1 138 ? 1.000   -11.498 8.705   1.00 19.09 ? 138 ILE A C     1 
ATOM   1037 O O     . ILE A 1 138 ? 1.984   -12.238 8.814   1.00 19.93 ? 138 ILE A O     1 
ATOM   1038 C CB    . ILE A 1 138 ? 2.072   -9.801  7.205   1.00 19.04 ? 138 ILE A CB    1 
ATOM   1039 C CG1   . ILE A 1 138 ? 2.225   -8.714  8.281   1.00 18.97 ? 138 ILE A CG1   1 
ATOM   1040 C CG2   . ILE A 1 138 ? 2.032   -9.186  5.816   1.00 19.24 ? 138 ILE A CG2   1 
ATOM   1041 C CD1   . ILE A 1 138 ? 3.651   -8.229  8.448   1.00 19.19 ? 138 ILE A CD1   1 
ATOM   1042 N N     . GLY A 1 139 ? 0.072   -11.403 9.649   1.00 19.65 ? 139 GLY A N     1 
ATOM   1043 C CA    . GLY A 1 139 ? 0.194   -12.129 10.915  1.00 19.90 ? 139 GLY A CA    1 
ATOM   1044 C C     . GLY A 1 139 ? 1.121   -11.400 11.878  1.00 20.44 ? 139 GLY A C     1 
ATOM   1045 O O     . GLY A 1 139 ? 1.793   -10.444 11.492  1.00 19.75 ? 139 GLY A O     1 
ATOM   1046 N N     . HIS A 1 140 ? 1.141   -11.851 13.129  1.00 22.23 ? 140 HIS A N     1 
ATOM   1047 C CA    . HIS A 1 140 ? 2.002   -11.281 14.187  1.00 24.16 ? 140 HIS A CA    1 
ATOM   1048 C C     . HIS A 1 140 ? 2.783   -12.440 14.835  1.00 25.72 ? 140 HIS A C     1 
ATOM   1049 O O     . HIS A 1 140 ? 2.186   -13.479 15.122  1.00 25.22 ? 140 HIS A O     1 
ATOM   1050 C CB    . HIS A 1 140 ? 1.137   -10.548 15.226  1.00 25.06 ? 140 HIS A CB    1 
ATOM   1051 C CG    . HIS A 1 140 ? 1.908   -9.650  16.148  1.00 25.67 ? 140 HIS A CG    1 
ATOM   1052 N ND1   . HIS A 1 140 ? 2.698   -10.135 17.167  1.00 26.16 ? 140 HIS A ND1   1 
ATOM   1053 C CD2   . HIS A 1 140 ? 1.999   -8.301  16.217  1.00 25.50 ? 140 HIS A CD2   1 
ATOM   1054 C CE1   . HIS A 1 140 ? 3.253   -9.128  17.816  1.00 26.24 ? 140 HIS A CE1   1 
ATOM   1055 N NE2   . HIS A 1 140 ? 2.840   -8.002  17.263  1.00 26.24 ? 140 HIS A NE2   1 
ATOM   1056 N N     . PRO A 1 141 ? 4.111   -12.274 15.060  1.00 26.39 ? 141 PRO A N     1 
ATOM   1057 C CA    . PRO A 1 141 ? 4.972   -13.355 15.590  1.00 28.81 ? 141 PRO A CA    1 
ATOM   1058 C C     . PRO A 1 141 ? 4.665   -13.797 17.026  1.00 30.52 ? 141 PRO A C     1 
ATOM   1059 O O     . PRO A 1 141 ? 5.003   -14.916 17.411  1.00 31.28 ? 141 PRO A O     1 
ATOM   1060 C CB    . PRO A 1 141 ? 6.383   -12.752 15.528  1.00 28.40 ? 141 PRO A CB    1 
ATOM   1061 C CG    . PRO A 1 141 ? 6.176   -11.278 15.538  1.00 27.89 ? 141 PRO A CG    1 
ATOM   1062 C CD    . PRO A 1 141 ? 4.873   -11.033 14.830  1.00 26.76 ? 141 PRO A CD    1 
ATOM   1063 N N     . GLY A 1 142 ? 4.090   -12.904 17.817  1.00 31.55 ? 142 GLY A N     1 
ATOM   1064 C CA    . GLY A 1 142 ? 3.543   -13.254 19.128  1.00 34.80 ? 142 GLY A CA    1 
ATOM   1065 C C     . GLY A 1 142 ? 4.192   -12.515 20.285  1.00 36.26 ? 142 GLY A C     1 
ATOM   1066 O O     . GLY A 1 142 ? 3.818   -12.728 21.434  1.00 35.37 ? 142 GLY A O     1 
ATOM   1067 N N     . HIS A 1 143 ? 5.190   -11.688 19.999  1.00 38.31 ? 143 HIS A N     1 
ATOM   1068 C CA    . HIS A 1 143 ? 5.773   -10.768 20.944  1.00 40.93 ? 143 HIS A CA    1 
ATOM   1069 C C     . HIS A 1 143 ? 6.484   -9.625  20.278  1.00 39.96 ? 143 HIS A C     1 
ATOM   1070 O O     . HIS A 1 143 ? 7.124   -9.835  19.277  1.00 38.45 ? 143 HIS A O     1 
ATOM   1071 C CB    . HIS A 1 143 ? 6.748   -11.491 21.843  1.00 44.39 ? 143 HIS A CB    1 
ATOM   1072 C CG    . HIS A 1 143 ? 7.333   -10.604 22.908  1.00 48.97 ? 143 HIS A CG    1 
ATOM   1073 N ND1   . HIS A 1 143 ? 8.626   -10.276 22.945  1.00 50.68 ? 143 HIS A ND1   1 
ATOM   1074 C CD2   . HIS A 1 143 ? 6.719   -9.903  23.948  1.00 50.81 ? 143 HIS A CD2   1 
ATOM   1075 C CE1   . HIS A 1 143 ? 8.846   -9.439  23.960  1.00 51.65 ? 143 HIS A CE1   1 
ATOM   1076 N NE2   . HIS A 1 143 ? 7.678   -9.208  24.574  1.00 51.82 ? 143 HIS A NE2   1 
ATOM   1077 N N     . SER A 1 144 ? 6.440   -8.440  20.860  1.00 38.80 ? 144 SER A N     1 
ATOM   1078 C CA    . SER A 1 144 ? 7.008   -7.222  20.276  1.00 38.34 ? 144 SER A CA    1 
ATOM   1079 C C     . SER A 1 144 ? 8.470   -7.361  19.860  1.00 36.30 ? 144 SER A C     1 
ATOM   1080 O O     . SER A 1 144 ? 8.882   -6.794  18.857  1.00 35.27 ? 144 SER A O     1 
ATOM   1081 C CB    . SER A 1 144 ? 6.882   -6.059  21.264  1.00 38.39 ? 144 SER A CB    1 
ATOM   1082 O OG    . SER A 1 144 ? 7.619   -6.332  22.439  1.00 39.70 ? 144 SER A OG    1 
ATOM   1083 N N     . SER A 1 145 ? 9.215   -8.153  20.606  1.00 36.69 ? 145 SER A N     1 
ATOM   1084 C CA    . SER A 1 145 ? 10.631  -8.382  20.367  1.00 36.63 ? 145 SER A CA    1 
ATOM   1085 C C     . SER A 1 145 ? 10.904  -9.091  19.069  1.00 35.32 ? 145 SER A C     1 
ATOM   1086 O O     . SER A 1 145 ? 11.959  -8.994  18.539  1.00 34.09 ? 145 SER A O     1 
ATOM   1087 C CB    . SER A 1 145 ? 11.316  -9.121  21.525  1.00 37.79 ? 145 SER A CB    1 
ATOM   1088 O OG    . SER A 1 145 ? 10.812  -10.402 21.743  1.00 39.26 ? 145 SER A OG    1 
ATOM   1089 N N     . LEU A 1 146 ? 9.936   -9.846  18.593  1.00 33.81 ? 146 LEU A N     1 
ATOM   1090 C CA    . LEU A 1 146 ? 10.078  -10.616 17.354  1.00 32.65 ? 146 LEU A CA    1 
ATOM   1091 C C     . LEU A 1 146 ? 9.601   -9.869  16.100  1.00 30.38 ? 146 LEU A C     1 
ATOM   1092 O O     . LEU A 1 146 ? 9.794   -10.355 14.989  1.00 29.61 ? 146 LEU A O     1 
ATOM   1093 C CB    . LEU A 1 146 ? 9.303   -11.932 17.467  1.00 32.83 ? 146 LEU A CB    1 
ATOM   1094 C CG    . LEU A 1 146 ? 9.710   -12.876 18.601  1.00 33.74 ? 146 LEU A CG    1 
ATOM   1095 C CD1   . LEU A 1 146 ? 8.786   -14.082 18.624  1.00 33.52 ? 146 LEU A CD1   1 
ATOM   1096 C CD2   . LEU A 1 146 ? 11.162  -13.318 18.450  1.00 34.25 ? 146 LEU A CD2   1 
ATOM   1097 N N     . VAL A 1 147 ? 8.988   -8.701  16.268  1.00 29.12 ? 147 VAL A N     1 
ATOM   1098 C CA    . VAL A 1 147 ? 8.343   -8.013  15.138  1.00 28.83 ? 147 VAL A CA    1 
ATOM   1099 C C     . VAL A 1 147 ? 9.335   -7.589  14.045  1.00 28.15 ? 147 VAL A C     1 
ATOM   1100 O O     . VAL A 1 147 ? 9.098   -7.835  12.859  1.00 26.76 ? 147 VAL A O     1 
ATOM   1101 C CB    . VAL A 1 147 ? 7.509   -6.799  15.612  1.00 28.67 ? 147 VAL A CB    1 
ATOM   1102 C CG1   . VAL A 1 147 ? 7.045   -5.950  14.431  1.00 28.73 ? 147 VAL A CG1   1 
ATOM   1103 C CG2   . VAL A 1 147 ? 6.316   -7.269  16.431  1.00 28.99 ? 147 VAL A CG2   1 
ATOM   1104 N N     . SER A 1 148 ? 10.448  -7.006  14.431  1.00 27.59 ? 148 SER A N     1 
ATOM   1105 C CA    . SER A 1 148 ? 11.365  -6.507  13.447  1.00 27.90 ? 148 SER A CA    1 
ATOM   1106 C C     . SER A 1 148 ? 11.926  -7.612  12.552  1.00 27.35 ? 148 SER A C     1 
ATOM   1107 O O     . SER A 1 148 ? 11.864  -7.514  11.375  1.00 27.50 ? 148 SER A O     1 
ATOM   1108 C CB    . SER A 1 148 ? 12.458  -5.713  14.167  1.00 29.02 ? 148 SER A CB    1 
ATOM   1109 O OG    . SER A 1 148 ? 13.492  -5.363  13.322  1.00 30.75 ? 148 SER A OG    1 
ATOM   1110 N N     . GLY A 1 149 ? 12.368  -8.706  13.134  1.00 26.36 ? 149 GLY A N     1 
ATOM   1111 C CA    . GLY A 1 149 ? 12.842  -9.849  12.356  1.00 26.75 ? 149 GLY A CA    1 
ATOM   1112 C C     . GLY A 1 149 ? 11.746  -10.480 11.506  1.00 26.05 ? 149 GLY A C     1 
ATOM   1113 O O     . GLY A 1 149 ? 11.997  -10.972 10.406  1.00 26.57 ? 149 GLY A O     1 
ATOM   1114 N N     . TYR A 1 150 ? 10.528  -10.456 12.026  1.00 24.48 ? 150 TYR A N     1 
ATOM   1115 C CA    . TYR A 1 150 ? 9.373   -11.037 11.344  1.00 23.73 ? 150 TYR A CA    1 
ATOM   1116 C C     . TYR A 1 150 ? 9.019   -10.283 10.057  1.00 22.91 ? 150 TYR A C     1 
ATOM   1117 O O     . TYR A 1 150 ? 8.943   -10.891 8.994   1.00 22.67 ? 150 TYR A O     1 
ATOM   1118 C CB    . TYR A 1 150 ? 8.194   -11.046 12.308  1.00 22.90 ? 150 TYR A CB    1 
ATOM   1119 C CG    . TYR A 1 150 ? 6.945   -11.714 11.809  1.00 22.59 ? 150 TYR A CG    1 
ATOM   1120 C CD1   . TYR A 1 150 ? 6.788   -13.095 11.901  1.00 22.57 ? 150 TYR A CD1   1 
ATOM   1121 C CD2   . TYR A 1 150 ? 5.906   -10.965 11.266  1.00 21.61 ? 150 TYR A CD2   1 
ATOM   1122 C CE1   . TYR A 1 150 ? 5.627   -13.713 11.464  1.00 22.70 ? 150 TYR A CE1   1 
ATOM   1123 C CE2   . TYR A 1 150 ? 4.744   -11.576 10.827  1.00 22.20 ? 150 TYR A CE2   1 
ATOM   1124 C CZ    . TYR A 1 150 ? 4.609   -12.951 10.928  1.00 22.49 ? 150 TYR A CZ    1 
ATOM   1125 O OH    . TYR A 1 150 ? 3.454   -13.574 10.494  1.00 22.13 ? 150 TYR A OH    1 
ATOM   1126 N N     . VAL A 1 151 ? 8.831   -8.967  10.136  1.00 22.64 ? 151 VAL A N     1 
ATOM   1127 C CA    . VAL A 1 151 ? 8.435   -8.205  8.950   1.00 23.18 ? 151 VAL A CA    1 
ATOM   1128 C C     . VAL A 1 151 ? 9.544   -8.176  7.892   1.00 22.72 ? 151 VAL A C     1 
ATOM   1129 O O     . VAL A 1 151 ? 9.266   -8.161  6.693   1.00 23.65 ? 151 VAL A O     1 
ATOM   1130 C CB    . VAL A 1 151 ? 7.945   -6.770  9.274   1.00 23.46 ? 151 VAL A CB    1 
ATOM   1131 C CG1   . VAL A 1 151 ? 6.831   -6.797  10.321  1.00 23.36 ? 151 VAL A CG1   1 
ATOM   1132 C CG2   . VAL A 1 151 ? 9.089   -5.860  9.713   1.00 23.85 ? 151 VAL A CG2   1 
ATOM   1133 N N     . LEU A 1 152 ? 10.798  -8.214  8.335   1.00 22.38 ? 152 LEU A N     1 
ATOM   1134 C CA    . LEU A 1 152 ? 11.937  -8.313  7.420   1.00 22.86 ? 152 LEU A CA    1 
ATOM   1135 C C     . LEU A 1 152 ? 12.271  -9.755  6.995   1.00 22.89 ? 152 LEU A C     1 
ATOM   1136 O O     . LEU A 1 152 ? 13.248  -9.972  6.294   1.00 23.13 ? 152 LEU A O     1 
ATOM   1137 C CB    . LEU A 1 152 ? 13.170  -7.660  8.055   1.00 23.60 ? 152 LEU A CB    1 
ATOM   1138 C CG    . LEU A 1 152 ? 13.036  -6.183  8.437   1.00 24.17 ? 152 LEU A CG    1 
ATOM   1139 C CD1   . LEU A 1 152 ? 14.329  -5.688  9.091   1.00 25.04 ? 152 LEU A CD1   1 
ATOM   1140 C CD2   . LEU A 1 152 ? 12.693  -5.342  7.223   1.00 25.04 ? 152 LEU A CD2   1 
ATOM   1141 N N     . GLY A 1 153 ? 11.463  -10.735 7.400   1.00 23.05 ? 153 GLY A N     1 
ATOM   1142 C CA    . GLY A 1 153 ? 11.671  -12.122 6.975   1.00 23.66 ? 153 GLY A CA    1 
ATOM   1143 C C     . GLY A 1 153 ? 10.814  -12.477 5.771   1.00 24.58 ? 153 GLY A C     1 
ATOM   1144 O O     . GLY A 1 153 ? 9.852   -11.783 5.456   1.00 22.28 ? 153 GLY A O     1 
ATOM   1145 N N     . ARG A 1 154 ? 11.172  -13.567 5.099   1.00 25.95 ? 154 ARG A N     1 
ATOM   1146 C CA    . ARG A 1 154 ? 10.326  -14.134 4.052   1.00 27.19 ? 154 ARG A CA    1 
ATOM   1147 C C     . ARG A 1 154 ? 9.389   -15.151 4.670   1.00 26.01 ? 154 ARG A C     1 
ATOM   1148 O O     . ARG A 1 154 ? 9.836   -16.085 5.331   1.00 24.52 ? 154 ARG A O     1 
ATOM   1149 C CB    . ARG A 1 154 ? 11.172  -14.804 2.978   1.00 29.37 ? 154 ARG A CB    1 
ATOM   1150 C CG    . ARG A 1 154 ? 12.036  -13.806 2.238   1.00 32.36 ? 154 ARG A CG    1 
ATOM   1151 C CD    . ARG A 1 154 ? 12.815  -14.428 1.094   1.00 34.68 ? 154 ARG A CD    1 
ATOM   1152 N NE    . ARG A 1 154 ? 13.357  -13.364 0.255   1.00 38.45 ? 154 ARG A NE    1 
ATOM   1153 C CZ    . ARG A 1 154 ? 14.403  -12.596 0.569   1.00 40.19 ? 154 ARG A CZ    1 
ATOM   1154 N NH1   . ARG A 1 154 ? 14.789  -11.642 -0.274  1.00 40.04 ? 154 ARG A NH1   1 
ATOM   1155 N NH2   . ARG A 1 154 ? 15.070  -12.770 1.712   1.00 40.45 ? 154 ARG A NH2   1 
ATOM   1156 N N     . ALA A 1 155 ? 8.092   -14.965 4.452   1.00 25.05 ? 155 ALA A N     1 
ATOM   1157 C CA    . ALA A 1 155 ? 7.090   -15.868 4.996   1.00 25.11 ? 155 ALA A CA    1 
ATOM   1158 C C     . ALA A 1 155 ? 7.166   -17.237 4.323   1.00 25.28 ? 155 ALA A C     1 
ATOM   1159 O O     . ALA A 1 155 ? 7.591   -17.339 3.170   1.00 24.94 ? 155 ALA A O     1 
ATOM   1160 C CB    . ALA A 1 155 ? 5.703   -15.272 4.819   1.00 25.16 ? 155 ALA A CB    1 
ATOM   1161 N N     . PRO A 1 156 ? 6.745   -18.295 5.035   1.00 25.06 ? 156 PRO A N     1 
ATOM   1162 C CA    . PRO A 1 156 ? 6.655   -19.603 4.390   1.00 25.46 ? 156 PRO A CA    1 
ATOM   1163 C C     . PRO A 1 156 ? 5.596   -19.630 3.288   1.00 25.18 ? 156 PRO A C     1 
ATOM   1164 O O     . PRO A 1 156 ? 4.723   -18.762 3.247   1.00 23.84 ? 156 PRO A O     1 
ATOM   1165 C CB    . PRO A 1 156 ? 6.270   -20.551 5.537   1.00 25.55 ? 156 PRO A CB    1 
ATOM   1166 C CG    . PRO A 1 156 ? 5.734   -19.681 6.617   1.00 25.69 ? 156 PRO A CG    1 
ATOM   1167 C CD    . PRO A 1 156 ? 6.428   -18.358 6.474   1.00 25.20 ? 156 PRO A CD    1 
ATOM   1168 N N     . ARG A 1 157 ? 5.694   -20.628 2.414   1.00 26.08 ? 157 ARG A N     1 
ATOM   1169 C CA    . ARG A 1 157 ? 4.788   -20.800 1.271   1.00 27.18 ? 157 ARG A CA    1 
ATOM   1170 C C     . ARG A 1 157 ? 3.327   -20.522 1.645   1.00 26.44 ? 157 ARG A C     1 
ATOM   1171 O O     . ARG A 1 157 ? 2.661   -19.705 1.011   1.00 26.41 ? 157 ARG A O     1 
ATOM   1172 C CB    . ARG A 1 157 ? 4.948   -22.226 0.706   1.00 29.28 ? 157 ARG A CB    1 
ATOM   1173 C CG    . ARG A 1 157 ? 4.046   -22.591 -0.474  1.00 31.56 ? 157 ARG A CG    1 
ATOM   1174 C CD    . ARG A 1 157 ? 3.858   -24.103 -0.620  1.00 33.11 ? 157 ARG A CD    1 
ATOM   1175 N NE    . ARG A 1 157 ? 3.513   -24.738 0.654   1.00 34.52 ? 157 ARG A NE    1 
ATOM   1176 C CZ    . ARG A 1 157 ? 2.314   -24.700 1.235   1.00 34.94 ? 157 ARG A CZ    1 
ATOM   1177 N NH1   . ARG A 1 157 ? 1.286   -24.082 0.657   1.00 35.22 ? 157 ARG A NH1   1 
ATOM   1178 N NH2   . ARG A 1 157 ? 2.140   -25.298 2.404   1.00 35.14 ? 157 ARG A NH2   1 
ATOM   1179 N N     . SER A 1 158 ? 2.835   -21.198 2.682   1.00 27.12 ? 158 SER A N     1 
ATOM   1180 C CA    . SER A 1 158 ? 1.426   -21.076 3.080   1.00 27.34 ? 158 SER A CA    1 
ATOM   1181 C C     . SER A 1 158 ? 0.986   -19.626 3.318   1.00 26.15 ? 158 SER A C     1 
ATOM   1182 O O     . SER A 1 158 ? -0.104  -19.219 2.913   1.00 26.25 ? 158 SER A O     1 
ATOM   1183 C CB    . SER A 1 158 ? 1.155   -21.924 4.330   1.00 28.54 ? 158 SER A CB    1 
ATOM   1184 O OG    . SER A 1 158 ? 2.048   -21.593 5.380   1.00 30.11 ? 158 SER A OG    1 
ATOM   1185 N N     . GLU A 1 159 ? 1.841   -18.841 3.968   1.00 24.83 ? 159 GLU A N     1 
ATOM   1186 C CA    . GLU A 1 159 ? 1.492   -17.460 4.301   1.00 24.22 ? 159 GLU A CA    1 
ATOM   1187 C C     . GLU A 1 159 ? 1.609   -16.537 3.098   1.00 23.85 ? 159 GLU A C     1 
ATOM   1188 O O     . GLU A 1 159 ? 0.840   -15.580 2.961   1.00 22.52 ? 159 GLU A O     1 
ATOM   1189 C CB    . GLU A 1 159 ? 2.387   -16.952 5.425   1.00 24.82 ? 159 GLU A CB    1 
ATOM   1190 C CG    . GLU A 1 159 ? 2.202   -17.724 6.715   1.00 25.32 ? 159 GLU A CG    1 
ATOM   1191 C CD    . GLU A 1 159 ? 3.149   -17.274 7.803   1.00 26.73 ? 159 GLU A CD    1 
ATOM   1192 O OE1   . GLU A 1 159 ? 3.682   -16.142 7.720   1.00 26.70 ? 159 GLU A OE1   1 
ATOM   1193 O OE2   . GLU A 1 159 ? 3.361   -18.065 8.741   1.00 27.23 ? 159 GLU A OE2   1 
ATOM   1194 N N     . GLN A 1 160 ? 2.557   -16.841 2.232   1.00 24.14 ? 160 GLN A N     1 
ATOM   1195 C CA    . GLN A 1 160 ? 2.711   -16.100 1.008   1.00 25.33 ? 160 GLN A CA    1 
ATOM   1196 C C     . GLN A 1 160 ? 1.503   -16.259 0.106   1.00 25.13 ? 160 GLN A C     1 
ATOM   1197 O O     . GLN A 1 160 ? 1.018   -15.331 -0.406  1.00 23.22 ? 160 GLN A O     1 
ATOM   1198 C CB    . GLN A 1 160 ? 3.969   -16.524 0.304   1.00 26.87 ? 160 GLN A CB    1 
ATOM   1199 C CG    . GLN A 1 160 ? 4.349   -15.681 -0.857  1.00 28.91 ? 160 GLN A CG    1 
ATOM   1200 C CD    . GLN A 1 160 ? 5.480   -16.265 -1.689  1.00 31.31 ? 160 GLN A CD    1 
ATOM   1201 O OE1   . GLN A 1 160 ? 5.294   -17.188 -2.434  1.00 32.46 ? 160 GLN A OE1   1 
ATOM   1202 N NE2   . GLN A 1 160 ? 6.646   -15.701 -1.544  1.00 32.54 ? 160 GLN A NE2   1 
ATOM   1203 N N     . GLU A 1 161 ? 1.040   -17.486 -0.035  1.00 25.91 ? 161 GLU A N     1 
ATOM   1204 C CA    . GLU A 1 161 ? -0.134  -17.687 -0.834  1.00 25.91 ? 161 GLU A CA    1 
ATOM   1205 C C     . GLU A 1 161 ? -1.357  -17.016 -0.317  1.00 24.51 ? 161 GLU A C     1 
ATOM   1206 O O     . GLU A 1 161 ? -2.111  -16.530 -1.062  1.00 24.99 ? 161 GLU A O     1 
ATOM   1207 C CB    . GLU A 1 161 ? -0.390  -19.120 -1.269  1.00 28.36 ? 161 GLU A CB    1 
ATOM   1208 C CG    . GLU A 1 161 ? 0.036   -20.220 -0.407  1.00 31.30 ? 161 GLU A CG    1 
ATOM   1209 C CD    . GLU A 1 161 ? -0.557  -21.533 -0.893  1.00 33.36 ? 161 GLU A CD    1 
ATOM   1210 O OE1   . GLU A 1 161 ? -1.053  -22.296 -0.046  1.00 36.87 ? 161 GLU A OE1   1 
ATOM   1211 O OE2   . GLU A 1 161 ? -0.539  -21.746 -2.094  1.00 32.90 ? 161 GLU A OE2   1 
ATOM   1212 N N     . LEU A 1 162 ? -1.524  -16.978 0.974   1.00 23.80 ? 162 LEU A N     1 
ATOM   1213 C CA    . LEU A 1 162 ? -2.627  -16.310 1.586   1.00 23.41 ? 162 LEU A CA    1 
ATOM   1214 C C     . LEU A 1 162 ? -2.563  -14.834 1.348   1.00 22.84 ? 162 LEU A C     1 
ATOM   1215 O O     . LEU A 1 162 ? -3.528  -14.264 1.065   1.00 22.59 ? 162 LEU A O     1 
ATOM   1216 C CB    . LEU A 1 162 ? -2.720  -16.623 3.069   1.00 24.20 ? 162 LEU A CB    1 
ATOM   1217 C CG    . LEU A 1 162 ? -3.190  -18.021 3.437   1.00 24.99 ? 162 LEU A CG    1 
ATOM   1218 C CD1   . LEU A 1 162 ? -2.839  -18.328 4.874   1.00 25.68 ? 162 LEU A CD1   1 
ATOM   1219 C CD2   . LEU A 1 162 ? -4.669  -18.150 3.213   1.00 25.57 ? 162 LEU A CD2   1 
ATOM   1220 N N     . LEU A 1 163 ? -1.387  -14.249 1.382   1.00 22.79 ? 163 LEU A N     1 
ATOM   1221 C CA    . LEU A 1 163 ? -1.225  -12.869 1.022   1.00 22.97 ? 163 LEU A CA    1 
ATOM   1222 C C     . LEU A 1 163 ? -1.615  -12.640 -0.432  1.00 22.35 ? 163 LEU A C     1 
ATOM   1223 O O     . LEU A 1 163 ? -2.263  -11.718 -0.713  1.00 21.61 ? 163 LEU A O     1 
ATOM   1224 C CB    . LEU A 1 163 ? 0.220   -12.472 1.222   1.00 23.46 ? 163 LEU A CB    1 
ATOM   1225 C CG    . LEU A 1 163 ? 0.656   -11.065 0.841   1.00 24.07 ? 163 LEU A CG    1 
ATOM   1226 C CD1   . LEU A 1 163 ? -0.307  -10.018 1.330   1.00 23.95 ? 163 LEU A CD1   1 
ATOM   1227 C CD2   . LEU A 1 163 ? 2.082   -10.775 1.279   1.00 24.53 ? 163 LEU A CD2   1 
ATOM   1228 N N     . ASP A 1 164 ? -1.185  -13.518 -1.311  1.00 23.57 ? 164 ASP A N     1 
ATOM   1229 C CA    . ASP A 1 164 ? -1.561  -13.416 -2.726  1.00 24.28 ? 164 ASP A CA    1 
ATOM   1230 C C     . ASP A 1 164 ? -3.086  -13.383 -2.838  1.00 24.70 ? 164 ASP A C     1 
ATOM   1231 O O     . ASP A 1 164 ? -3.641  -12.566 -3.569  1.00 24.32 ? 164 ASP A O     1 
ATOM   1232 C CB    . ASP A 1 164 ? -0.991  -14.575 -3.566  1.00 25.28 ? 164 ASP A CB    1 
ATOM   1233 C CG    . ASP A 1 164 ? 0.518   -14.500 -3.763  1.00 26.66 ? 164 ASP A CG    1 
ATOM   1234 O OD1   . ASP A 1 164 ? 1.120   -13.414 -3.627  1.00 29.35 ? 164 ASP A OD1   1 
ATOM   1235 O OD2   . ASP A 1 164 ? 1.122   -15.549 -4.077  1.00 28.06 ? 164 ASP A OD2   1 
ATOM   1236 N N     . THR A 1 165 ? -3.762  -14.259 -2.092  1.00 24.73 ? 165 THR A N     1 
ATOM   1237 C CA    . THR A 1 165 ? -5.224  -14.308 -2.093  1.00 24.90 ? 165 THR A CA    1 
ATOM   1238 C C     . THR A 1 165 ? -5.878  -13.007 -1.636  1.00 24.23 ? 165 THR A C     1 
ATOM   1239 O O     . THR A 1 165 ? -6.836  -12.541 -2.268  1.00 24.39 ? 165 THR A O     1 
ATOM   1240 C CB    . THR A 1 165 ? -5.727  -15.480 -1.218  1.00 25.35 ? 165 THR A CB    1 
ATOM   1241 O OG1   . THR A 1 165 ? -5.242  -16.709 -1.771  1.00 27.03 ? 165 THR A OG1   1 
ATOM   1242 C CG2   . THR A 1 165 ? -7.232  -15.517 -1.144  1.00 26.50 ? 165 THR A CG2   1 
ATOM   1243 N N     . SER A 1 166 ? -5.380  -12.419 -0.548  1.00 22.79 ? 166 SER A N     1 
ATOM   1244 C CA    . SER A 1 166 ? -5.915  -11.143 -0.084  1.00 22.23 ? 166 SER A CA    1 
ATOM   1245 C C     . SER A 1 166 ? -5.679  -10.044 -1.120  1.00 21.43 ? 166 SER A C     1 
ATOM   1246 O O     . SER A 1 166 ? -6.523  -9.176  -1.295  1.00 22.03 ? 166 SER A O     1 
ATOM   1247 C CB    . SER A 1 166 ? -5.301  -10.732 1.263   1.00 22.50 ? 166 SER A CB    1 
ATOM   1248 O OG    . SER A 1 166 ? -3.942  -10.362 1.116   1.00 22.64 ? 166 SER A OG    1 
ATOM   1249 N N     . ILE A 1 167 ? -4.543  -10.088 -1.810  1.00 21.48 ? 167 ILE A N     1 
ATOM   1250 C CA    . ILE A 1 167 ? -4.260  -9.102  -2.860  1.00 21.72 ? 167 ILE A CA    1 
ATOM   1251 C C     . ILE A 1 167 ? -5.247  -9.266  -4.023  1.00 23.23 ? 167 ILE A C     1 
ATOM   1252 O O     . ILE A 1 167 ? -5.744  -8.285  -4.567  1.00 22.12 ? 167 ILE A O     1 
ATOM   1253 C CB    . ILE A 1 167 ? -2.801  -9.197  -3.346  1.00 21.80 ? 167 ILE A CB    1 
ATOM   1254 C CG1   . ILE A 1 167 ? -1.874  -8.569  -2.296  1.00 21.65 ? 167 ILE A CG1   1 
ATOM   1255 C CG2   . ILE A 1 167 ? -2.624  -8.511  -4.705  1.00 21.91 ? 167 ILE A CG2   1 
ATOM   1256 C CD1   . ILE A 1 167 ? -0.403  -8.857  -2.504  1.00 22.12 ? 167 ILE A CD1   1 
ATOM   1257 N N     . ASP A 1 168 ? -5.520  -10.512 -4.379  1.00 24.90 ? 168 ASP A N     1 
ATOM   1258 C CA    . ASP A 1 168 ? -6.552  -10.826 -5.359  1.00 28.40 ? 168 ASP A CA    1 
ATOM   1259 C C     . ASP A 1 168 ? -7.905  -10.242 -4.920  1.00 27.58 ? 168 ASP A C     1 
ATOM   1260 O O     . ASP A 1 168 ? -8.563  -9.548  -5.693  1.00 26.89 ? 168 ASP A O     1 
ATOM   1261 C CB    . ASP A 1 168 ? -6.628  -12.348 -5.547  1.00 30.75 ? 168 ASP A CB    1 
ATOM   1262 C CG    . ASP A 1 168 ? -7.125  -12.748 -6.921  1.00 34.93 ? 168 ASP A CG    1 
ATOM   1263 O OD1   . ASP A 1 168 ? -6.505  -12.347 -7.927  1.00 37.38 ? 168 ASP A OD1   1 
ATOM   1264 O OD2   . ASP A 1 168 ? -8.130  -13.483 -6.987  1.00 36.39 ? 168 ASP A OD2   1 
ATOM   1265 N N     . PHE A 1 169 ? -8.312  -10.499 -3.672  1.00 28.11 ? 169 PHE A N     1 
ATOM   1266 C CA    . PHE A 1 169 ? -9.554  -9.928  -3.139  1.00 27.72 ? 169 PHE A CA    1 
ATOM   1267 C C     . PHE A 1 169 ? -9.584  -8.415  -3.278  1.00 26.36 ? 169 PHE A C     1 
ATOM   1268 O O     . PHE A 1 169 ? -10.578 -7.845  -3.726  1.00 26.24 ? 169 PHE A O     1 
ATOM   1269 C CB    . PHE A 1 169 ? -9.755  -10.250 -1.646  1.00 30.11 ? 169 PHE A CB    1 
ATOM   1270 C CG    . PHE A 1 169 ? -10.042 -11.698 -1.329  1.00 32.74 ? 169 PHE A CG    1 
ATOM   1271 C CD1   . PHE A 1 169 ? -10.589 -12.573 -2.267  1.00 34.92 ? 169 PHE A CD1   1 
ATOM   1272 C CD2   . PHE A 1 169 ? -9.809  -12.172 -0.040  1.00 34.70 ? 169 PHE A CD2   1 
ATOM   1273 C CE1   . PHE A 1 169 ? -10.859 -13.895 -1.931  1.00 35.53 ? 169 PHE A CE1   1 
ATOM   1274 C CE2   . PHE A 1 169 ? -10.078 -13.492 0.299   1.00 36.19 ? 169 PHE A CE2   1 
ATOM   1275 C CZ    . PHE A 1 169 ? -10.605 -14.354 -0.648  1.00 35.77 ? 169 PHE A CZ    1 
ATOM   1276 N N     . ALA A 1 170 ? -8.507  -7.757  -2.851  1.00 24.30 ? 170 ALA A N     1 
ATOM   1277 C CA    . ALA A 1 170 ? -8.422  -6.301  -2.942  1.00 23.42 ? 170 ALA A CA    1 
ATOM   1278 C C     . ALA A 1 170 ? -8.520  -5.819  -4.395  1.00 22.04 ? 170 ALA A C     1 
ATOM   1279 O O     . ALA A 1 170 ? -9.202  -4.850  -4.665  1.00 23.12 ? 170 ALA A O     1 
ATOM   1280 C CB    . ALA A 1 170 ? -7.131  -5.798  -2.297  1.00 22.83 ? 170 ALA A CB    1 
ATOM   1281 N N     . LEU A 1 171 ? -7.856  -6.497  -5.326  1.00 23.59 ? 171 LEU A N     1 
ATOM   1282 C CA    . LEU A 1 171 ? -7.960  -6.110  -6.745  1.00 24.73 ? 171 LEU A CA    1 
ATOM   1283 C C     . LEU A 1 171 ? -9.396  -6.244  -7.259  1.00 24.87 ? 171 LEU A C     1 
ATOM   1284 O O     . LEU A 1 171 ? -9.826  -5.482  -8.123  1.00 24.27 ? 171 LEU A O     1 
ATOM   1285 C CB    . LEU A 1 171 ? -6.996  -6.901  -7.623  1.00 24.97 ? 171 LEU A CB    1 
ATOM   1286 C CG    . LEU A 1 171 ? -5.513  -6.555  -7.460  1.00 26.19 ? 171 LEU A CG    1 
ATOM   1287 C CD1   . LEU A 1 171 ? -4.649  -7.518  -8.248  1.00 27.74 ? 171 LEU A CD1   1 
ATOM   1288 C CD2   . LEU A 1 171 ? -5.238  -5.120  -7.897  1.00 26.69 ? 171 LEU A CD2   1 
ATOM   1289 N N     . GLY A 1 172 ? -10.144 -7.185  -6.695  1.00 25.64 ? 172 GLY A N     1 
ATOM   1290 C CA    . GLY A 1 172 ? -11.568 -7.328  -6.998  1.00 26.54 ? 172 GLY A CA    1 
ATOM   1291 C C     . GLY A 1 172 ? -12.430 -6.120  -6.674  1.00 26.72 ? 172 GLY A C     1 
ATOM   1292 O O     . GLY A 1 172 ? -13.485 -5.936  -7.284  1.00 26.98 ? 172 GLY A O     1 
ATOM   1293 N N     . VAL A 1 173 ? -12.002 -5.293  -5.715  1.00 24.73 ? 173 VAL A N     1 
ATOM   1294 C CA    . VAL A 1 173 ? -12.742 -4.071  -5.389  1.00 24.49 ? 173 VAL A CA    1 
ATOM   1295 C C     . VAL A 1 173 ? -12.065 -2.800  -5.908  1.00 23.86 ? 173 VAL A C     1 
ATOM   1296 O O     . VAL A 1 173 ? -12.391 -1.695  -5.484  1.00 23.59 ? 173 VAL A O     1 
ATOM   1297 C CB    . VAL A 1 173 ? -13.063 -3.970  -3.875  1.00 25.26 ? 173 VAL A CB    1 
ATOM   1298 C CG1   . VAL A 1 173 ? -13.850 -5.193  -3.437  1.00 25.42 ? 173 VAL A CG1   1 
ATOM   1299 C CG2   . VAL A 1 173 ? -11.806 -3.821  -3.019  1.00 25.09 ? 173 VAL A CG2   1 
ATOM   1300 N N     . LEU A 1 174 ? -11.146 -2.957  -6.855  1.00 23.88 ? 174 LEU A N     1 
ATOM   1301 C CA    . LEU A 1 174 ? -10.494 -1.805  -7.485  1.00 23.99 ? 174 LEU A CA    1 
ATOM   1302 C C     . LEU A 1 174 ? -11.470 -0.750  -8.017  1.00 23.48 ? 174 LEU A C     1 
ATOM   1303 O O     . LEU A 1 174 ? -11.253 0.445   -7.800  1.00 24.18 ? 174 LEU A O     1 
ATOM   1304 C CB    . LEU A 1 174 ? -9.548  -2.264  -8.599  1.00 23.59 ? 174 LEU A CB    1 
ATOM   1305 C CG    . LEU A 1 174 ? -8.687  -1.190  -9.265  1.00 24.25 ? 174 LEU A CG    1 
ATOM   1306 C CD1   . LEU A 1 174 ? -7.767  -0.541  -8.239  1.00 24.74 ? 174 LEU A CD1   1 
ATOM   1307 C CD2   . LEU A 1 174 ? -7.893  -1.799  -10.406 1.00 24.34 ? 174 LEU A CD2   1 
ATOM   1308 N N     . PRO A 1 175 ? -12.554 -1.167  -8.705  1.00 24.18 ? 175 PRO A N     1 
ATOM   1309 C CA    . PRO A 1 175 ? -13.477 -0.143  -9.201  1.00 24.94 ? 175 PRO A CA    1 
ATOM   1310 C C     . PRO A 1 175 ? -14.020 0.764   -8.095  1.00 25.02 ? 175 PRO A C     1 
ATOM   1311 O O     . PRO A 1 175 ? -14.055 1.990   -8.239  1.00 24.19 ? 175 PRO A O     1 
ATOM   1312 C CB    . PRO A 1 175 ? -14.609 -0.973  -9.834  1.00 25.29 ? 175 PRO A CB    1 
ATOM   1313 C CG    . PRO A 1 175 ? -13.950 -2.235  -10.243 1.00 25.10 ? 175 PRO A CG    1 
ATOM   1314 C CD    . PRO A 1 175 ? -12.947 -2.514  -9.152  1.00 24.94 ? 175 PRO A CD    1 
ATOM   1315 N N     . GLU A 1 176 ? -14.417 0.163   -6.980  1.00 26.27 ? 176 GLU A N     1 
ATOM   1316 C CA    . GLU A 1 176 ? -14.929 0.940   -5.862  1.00 26.69 ? 176 GLU A CA    1 
ATOM   1317 C C     . GLU A 1 176 ? -13.841 1.831   -5.269  1.00 26.32 ? 176 GLU A C     1 
ATOM   1318 O O     . GLU A 1 176 ? -14.089 2.997   -4.947  1.00 26.90 ? 176 GLU A O     1 
ATOM   1319 C CB    . GLU A 1 176 ? -15.516 0.019   -4.788  1.00 28.20 ? 176 GLU A CB    1 
ATOM   1320 C CG    . GLU A 1 176 ? -16.855 -0.596  -5.192  1.00 29.00 ? 176 GLU A CG    1 
ATOM   1321 C CD    . GLU A 1 176 ? -16.741 -1.776  -6.140  1.00 29.65 ? 176 GLU A CD    1 
ATOM   1322 O OE1   . GLU A 1 176 ? -17.782 -2.156  -6.718  1.00 32.09 ? 176 GLU A OE1   1 
ATOM   1323 O OE2   . GLU A 1 176 ? -15.636 -2.342  -6.307  1.00 28.76 ? 176 GLU A OE2   1 
ATOM   1324 N N     . MET A 1 177 ? -12.640 1.279   -5.128  1.00 25.66 ? 177 MET A N     1 
ATOM   1325 C CA    . MET A 1 177 ? -11.525 2.026   -4.549  1.00 24.58 ? 177 MET A CA    1 
ATOM   1326 C C     . MET A 1 177 ? -11.165 3.226   -5.424  1.00 24.13 ? 177 MET A C     1 
ATOM   1327 O O     . MET A 1 177 ? -11.047 4.352   -4.923  1.00 22.93 ? 177 MET A O     1 
ATOM   1328 C CB    . MET A 1 177 ? -10.311 1.118   -4.318  1.00 24.66 ? 177 MET A CB    1 
ATOM   1329 C CG    . MET A 1 177 ? -10.491 0.104   -3.195  1.00 24.63 ? 177 MET A CG    1 
ATOM   1330 S SD    . MET A 1 177 ? -8.997  -0.799  -2.714  1.00 24.63 ? 177 MET A SD    1 
ATOM   1331 C CE    . MET A 1 177 ? -8.491  -1.541  -4.265  1.00 23.66 ? 177 MET A CE    1 
ATOM   1332 N N     . LEU A 1 178 ? -11.028 2.996   -6.731  1.00 23.92 ? 178 LEU A N     1 
ATOM   1333 C CA    . LEU A 1 178 ? -10.712 4.075   -7.673  1.00 23.93 ? 178 LEU A CA    1 
ATOM   1334 C C     . LEU A 1 178 ? -11.753 5.193   -7.656  1.00 25.09 ? 178 LEU A C     1 
ATOM   1335 O O     . LEU A 1 178 ? -11.416 6.374   -7.802  1.00 24.88 ? 178 LEU A O     1 
ATOM   1336 C CB    . LEU A 1 178 ? -10.564 3.526   -9.106  1.00 24.01 ? 178 LEU A CB    1 
ATOM   1337 C CG    . LEU A 1 178 ? -9.357  2.635   -9.404  1.00 23.94 ? 178 LEU A CG    1 
ATOM   1338 C CD1   . LEU A 1 178 ? -9.398  2.102   -10.833 1.00 24.27 ? 178 LEU A CD1   1 
ATOM   1339 C CD2   . LEU A 1 178 ? -8.053  3.374   -9.150  1.00 24.07 ? 178 LEU A CD2   1 
ATOM   1340 N N     . ALA A 1 179 ? -13.020 4.827   -7.475  1.00 25.49 ? 179 ALA A N     1 
ATOM   1341 C CA    . ALA A 1 179 ? -14.096 5.812   -7.438  1.00 27.54 ? 179 ALA A CA    1 
ATOM   1342 C C     . ALA A 1 179 ? -14.148 6.540   -6.095  1.00 28.26 ? 179 ALA A C     1 
ATOM   1343 O O     . ALA A 1 179 ? -14.761 7.598   -5.989  1.00 31.68 ? 179 ALA A O     1 
ATOM   1344 C CB    . ALA A 1 179 ? -15.436 5.143   -7.737  1.00 27.93 ? 179 ALA A CB    1 
ATOM   1345 N N     . GLY A 1 180 ? -13.487 5.987   -5.080  1.00 29.11 ? 180 GLY A N     1 
ATOM   1346 C CA    . GLY A 1 180 ? -13.549 6.527   -3.727  1.00 30.60 ? 180 GLY A CA    1 
ATOM   1347 C C     . GLY A 1 180 ? -14.797 6.077   -2.977  1.00 31.48 ? 180 GLY A C     1 
ATOM   1348 O O     . GLY A 1 180 ? -15.200 6.716   -2.002  1.00 31.88 ? 180 GLY A O     1 
ATOM   1349 N N     . ASP A 1 181 ? -15.410 4.987   -3.436  1.00 31.15 ? 181 ASP A N     1 
ATOM   1350 C CA    . ASP A 1 181 ? -16.590 4.414   -2.780  1.00 32.10 ? 181 ASP A CA    1 
ATOM   1351 C C     . ASP A 1 181 ? -16.132 3.421   -1.716  1.00 31.55 ? 181 ASP A C     1 
ATOM   1352 O O     . ASP A 1 181 ? -16.256 2.204   -1.874  1.00 30.92 ? 181 ASP A O     1 
ATOM   1353 C CB    . ASP A 1 181 ? -17.500 3.741   -3.817  1.00 33.02 ? 181 ASP A CB    1 
ATOM   1354 C CG    . ASP A 1 181 ? -18.908 3.482   -3.294  1.00 34.86 ? 181 ASP A CG    1 
ATOM   1355 O OD1   . ASP A 1 181 ? -19.141 3.582   -2.068  1.00 35.10 ? 181 ASP A OD1   1 
ATOM   1356 O OD2   . ASP A 1 181 ? -19.786 3.181   -4.128  1.00 36.57 ? 181 ASP A OD2   1 
ATOM   1357 N N     . TRP A 1 182 ? -15.602 3.949   -0.618  1.00 32.75 ? 182 TRP A N     1 
ATOM   1358 C CA    . TRP A 1 182 ? -14.970 3.101   0.399   1.00 32.30 ? 182 TRP A CA    1 
ATOM   1359 C C     . TRP A 1 182 ? -15.993 2.246   1.131   1.00 32.67 ? 182 TRP A C     1 
ATOM   1360 O O     . TRP A 1 182 ? -15.707 1.105   1.489   1.00 34.75 ? 182 TRP A O     1 
ATOM   1361 C CB    . TRP A 1 182 ? -14.170 3.952   1.385   1.00 32.64 ? 182 TRP A CB    1 
ATOM   1362 C CG    . TRP A 1 182 ? -13.163 4.787   0.693   1.00 31.61 ? 182 TRP A CG    1 
ATOM   1363 C CD1   . TRP A 1 182 ? -13.195 6.139   0.519   1.00 30.88 ? 182 TRP A CD1   1 
ATOM   1364 C CD2   . TRP A 1 182 ? -11.990 4.321   0.030   1.00 29.79 ? 182 TRP A CD2   1 
ATOM   1365 N NE1   . TRP A 1 182 ? -12.098 6.546   -0.194  1.00 30.89 ? 182 TRP A NE1   1 
ATOM   1366 C CE2   . TRP A 1 182 ? -11.345 5.446   -0.514  1.00 30.38 ? 182 TRP A CE2   1 
ATOM   1367 C CE3   . TRP A 1 182 ? -11.416 3.060   -0.151  1.00 29.89 ? 182 TRP A CE3   1 
ATOM   1368 C CZ2   . TRP A 1 182 ? -10.145 5.352   -1.221  1.00 29.63 ? 182 TRP A CZ2   1 
ATOM   1369 C CZ3   . TRP A 1 182 ? -10.233 2.966   -0.856  1.00 29.25 ? 182 TRP A CZ3   1 
ATOM   1370 C CH2   . TRP A 1 182 ? -9.608  4.107   -1.379  1.00 28.91 ? 182 TRP A CH2   1 
ATOM   1371 N N     . THR A 1 183 ? -17.181 2.808   1.339   1.00 34.48 ? 183 THR A N     1 
ATOM   1372 C CA    . THR A 1 183 ? -18.307 2.090   1.932   1.00 35.45 ? 183 THR A CA    1 
ATOM   1373 C C     . THR A 1 183 ? -18.561 0.791   1.193   1.00 33.29 ? 183 THR A C     1 
ATOM   1374 O O     . THR A 1 183 ? -18.554 -0.277  1.790   1.00 33.01 ? 183 THR A O     1 
ATOM   1375 C CB    . THR A 1 183 ? -19.582 2.957   1.897   1.00 36.64 ? 183 THR A CB    1 
ATOM   1376 O OG1   . THR A 1 183 ? -19.357 4.154   2.652   1.00 38.77 ? 183 THR A OG1   1 
ATOM   1377 C CG2   . THR A 1 183 ? -20.780 2.211   2.473   1.00 37.27 ? 183 THR A CG2   1 
ATOM   1378 N N     . ARG A 1 184 ? -18.757 0.890   -0.119  1.00 33.46 ? 184 ARG A N     1 
ATOM   1379 C CA    . ARG A 1 184 ? -18.998 -0.288  -0.945  1.00 33.15 ? 184 ARG A CA    1 
ATOM   1380 C C     . ARG A 1 184 ? -17.754 -1.193  -1.034  1.00 31.06 ? 184 ARG A C     1 
ATOM   1381 O O     . ARG A 1 184 ? -17.872 -2.423  -0.977  1.00 30.22 ? 184 ARG A O     1 
ATOM   1382 C CB    . ARG A 1 184 ? -19.478 0.138   -2.337  1.00 35.43 ? 184 ARG A CB    1 
ATOM   1383 C CG    . ARG A 1 184 ? -19.998 -0.994  -3.200  1.00 36.72 ? 184 ARG A CG    1 
ATOM   1384 C CD    . ARG A 1 184 ? -21.392 -1.449  -2.791  1.00 38.43 ? 184 ARG A CD    1 
ATOM   1385 N NE    . ARG A 1 184 ? -21.720 -2.709  -3.464  1.00 40.82 ? 184 ARG A NE    1 
ATOM   1386 C CZ    . ARG A 1 184 ? -21.839 -3.900  -2.878  1.00 42.14 ? 184 ARG A CZ    1 
ATOM   1387 N NH1   . ARG A 1 184 ? -21.708 -4.046  -1.558  1.00 44.31 ? 184 ARG A NH1   1 
ATOM   1388 N NH2   . ARG A 1 184 ? -22.124 -4.964  -3.624  1.00 44.17 ? 184 ARG A NH2   1 
ATOM   1389 N N     . ALA A 1 185 ? -16.566 -0.600  -1.158  1.00 29.54 ? 185 ALA A N     1 
ATOM   1390 C CA    . ALA A 1 185 ? -15.327 -1.392  -1.195  1.00 29.43 ? 185 ALA A CA    1 
ATOM   1391 C C     . ALA A 1 185 ? -15.219 -2.277  0.045   1.00 30.41 ? 185 ALA A C     1 
ATOM   1392 O O     . ALA A 1 185 ? -14.975 -3.482  -0.050  1.00 31.78 ? 185 ALA A O     1 
ATOM   1393 C CB    . ALA A 1 185 ? -14.102 -0.485  -1.312  1.00 28.68 ? 185 ALA A CB    1 
ATOM   1394 N N     . MET A 1 186 ? -15.427 -1.672  1.211   1.00 35.10 ? 186 MET A N     1 
ATOM   1395 C CA    . MET A 1 186 ? -15.349 -2.393  2.482   1.00 36.58 ? 186 MET A CA    1 
ATOM   1396 C C     . MET A 1 186 ? -16.384 -3.522  2.556   1.00 37.58 ? 186 MET A C     1 
ATOM   1397 O O     . MET A 1 186 ? -16.065 -4.631  2.985   1.00 35.67 ? 186 MET A O     1 
ATOM   1398 C CB    . MET A 1 186 ? -15.519 -1.420  3.654   1.00 39.75 ? 186 MET A CB    1 
ATOM   1399 C CG    . MET A 1 186 ? -14.352 -0.450  3.837   1.00 41.14 ? 186 MET A CG    1 
ATOM   1400 S SD    . MET A 1 186 ? -14.738 0.919   4.947   1.00 44.89 ? 186 MET A SD    1 
ATOM   1401 C CE    . MET A 1 186 ? -13.255 1.922   4.844   1.00 44.83 ? 186 MET A CE    1 
ATOM   1402 N N     . GLN A 1 187 ? -17.611 -3.255  2.111   1.00 38.56 ? 187 GLN A N     1 
ATOM   1403 C CA    . GLN A 1 187 ? -18.669 -4.277  2.122   1.00 38.77 ? 187 GLN A CA    1 
ATOM   1404 C C     . GLN A 1 187 ? -18.295 -5.517  1.319   1.00 38.52 ? 187 GLN A C     1 
ATOM   1405 O O     . GLN A 1 187 ? -18.442 -6.643  1.794   1.00 37.57 ? 187 GLN A O     1 
ATOM   1406 C CB    . GLN A 1 187 ? -19.968 -3.704  1.567   1.00 41.64 ? 187 GLN A CB    1 
ATOM   1407 C CG    . GLN A 1 187 ? -20.649 -2.698  2.476   1.00 43.69 ? 187 GLN A CG    1 
ATOM   1408 C CD    . GLN A 1 187 ? -21.939 -2.174  1.877   1.00 46.31 ? 187 GLN A CD    1 
ATOM   1409 O OE1   . GLN A 1 187 ? -22.709 -2.927  1.284   1.00 49.52 ? 187 GLN A OE1   1 
ATOM   1410 N NE2   . GLN A 1 187 ? -22.186 -0.876  2.035   1.00 48.73 ? 187 GLN A NE2   1 
ATOM   1411 N N     . LYS A 1 188 ? -17.829 -5.315  0.100   1.00 38.07 ? 188 LYS A N     1 
ATOM   1412 C CA    . LYS A 1 188 ? -17.382 -6.408  -0.705  1.00 38.30 ? 188 LYS A CA    1 
ATOM   1413 C C     . LYS A 1 188 ? -16.159 -7.107  -0.158  1.00 37.79 ? 188 LYS A C     1 
ATOM   1414 O O     . LYS A 1 188 ? -16.087 -8.319  -0.102  1.00 37.14 ? 188 LYS A O     1 
ATOM   1415 C CB    . LYS A 1 188 ? -17.049 -5.908  -2.088  1.00 39.17 ? 188 LYS A CB    1 
ATOM   1416 C CG    . LYS A 1 188 ? -18.217 -5.390  -2.867  1.00 41.20 ? 188 LYS A CG    1 
ATOM   1417 C CD    . LYS A 1 188 ? -18.034 -5.714  -4.325  1.00 42.38 ? 188 LYS A CD    1 
ATOM   1418 C CE    . LYS A 1 188 ? -18.765 -4.752  -5.211  1.00 44.55 ? 188 LYS A CE    1 
ATOM   1419 N NZ    . LYS A 1 188 ? -18.739 -5.244  -6.605  1.00 44.99 ? 188 LYS A NZ    1 
ATOM   1420 N N     . LEU A 1 189 ? -15.201 -6.308  0.257   1.00 38.42 ? 189 LEU A N     1 
ATOM   1421 C CA    . LEU A 1 189 ? -13.899 -6.810  0.662   1.00 39.01 ? 189 LEU A CA    1 
ATOM   1422 C C     . LEU A 1 189 ? -13.964 -7.496  2.012   1.00 40.08 ? 189 LEU A C     1 
ATOM   1423 O O     . LEU A 1 189 ? -13.517 -8.628  2.151   1.00 39.69 ? 189 LEU A O     1 
ATOM   1424 C CB    . LEU A 1 189 ? -12.889 -5.666  0.705   1.00 37.60 ? 189 LEU A CB    1 
ATOM   1425 C CG    . LEU A 1 189 ? -11.441 -6.039  0.990   1.00 36.14 ? 189 LEU A CG    1 
ATOM   1426 C CD1   . LEU A 1 189 ? -10.896 -6.947  -0.100  1.00 35.99 ? 189 LEU A CD1   1 
ATOM   1427 C CD2   . LEU A 1 189 ? -10.613 -4.770  1.126   1.00 35.96 ? 189 LEU A CD2   1 
ATOM   1428 N N     . HIS A 1 190 ? -14.549 -6.826  3.000   1.00 44.33 ? 190 HIS A N     1 
ATOM   1429 C CA    . HIS A 1 190 ? -14.576 -7.362  4.368   1.00 46.36 ? 190 HIS A CA    1 
ATOM   1430 C C     . HIS A 1 190 ? -15.467 -8.601  4.530   1.00 49.74 ? 190 HIS A C     1 
ATOM   1431 O O     . HIS A 1 190 ? -15.536 -9.162  5.622   1.00 53.07 ? 190 HIS A O     1 
ATOM   1432 C CB    . HIS A 1 190 ? -14.986 -6.288  5.382   1.00 45.34 ? 190 HIS A CB    1 
ATOM   1433 C CG    . HIS A 1 190 ? -14.123 -5.065  5.353   1.00 44.58 ? 190 HIS A CG    1 
ATOM   1434 N ND1   . HIS A 1 190 ? -14.401 -3.940  6.099   1.00 45.28 ? 190 HIS A ND1   1 
ATOM   1435 C CD2   . HIS A 1 190 ? -13.004 -4.781  4.646   1.00 45.37 ? 190 HIS A CD2   1 
ATOM   1436 C CE1   . HIS A 1 190 ? -13.479 -3.024  5.869   1.00 45.11 ? 190 HIS A CE1   1 
ATOM   1437 N NE2   . HIS A 1 190 ? -12.625 -3.508  4.987   1.00 43.53 ? 190 HIS A NE2   1 
ATOM   1438 N N     . SER A 1 191 ? -16.144 -9.019  3.458   1.00 52.49 ? 191 SER A N     1 
ATOM   1439 C CA    . SER A 1 191 ? -16.951 -10.245 3.462   1.00 53.79 ? 191 SER A CA    1 
ATOM   1440 C C     . SER A 1 191 ? -16.335 -11.401 2.654   1.00 55.32 ? 191 SER A C     1 
ATOM   1441 O O     . SER A 1 191 ? -17.003 -12.409 2.414   1.00 53.20 ? 191 SER A O     1 
ATOM   1442 C CB    . SER A 1 191 ? -18.352 -9.928  2.934   1.00 55.64 ? 191 SER A CB    1 
ATOM   1443 O OG    . SER A 1 191 ? -18.291 -9.330  1.651   1.00 55.36 ? 191 SER A OG    1 
ATOM   1444 N N     . GLN A 1 192 ? -15.095 -11.255 2.221   1.00 57.41 ? 192 GLN A N     1 
ATOM   1445 C CA    . GLN A 1 192 ? -14.356 -12.344 1.582   1.00 58.91 ? 192 GLN A CA    1 
ATOM   1446 C C     . GLN A 1 192 ? -13.649 -13.273 2.554   1.00 58.84 ? 192 GLN A C     1 
ATOM   1447 O O     . GLN A 1 192 ? -13.279 -12.888 3.600   1.00 60.59 ? 192 GLN A O     1 
ATOM   1448 C CB    . GLN A 1 192 ? -13.287 -11.818 0.648   1.00 59.69 ? 192 GLN A CB    1 
ATOM   1449 C CG    . GLN A 1 192 ? -13.702 -10.784 -0.360  1.00 59.93 ? 192 GLN A CG    1 
ATOM   1450 C CD    . GLN A 1 192 ? -14.561 -11.352 -1.426  1.00 61.02 ? 192 GLN A CD    1 
ATOM   1451 O OE1   . GLN A 1 192 ? -14.099 -11.881 -2.416  1.00 61.92 ? 192 GLN A OE1   1 
ATOM   1452 N NE2   . GLN A 1 192 ? -15.833 -11.253 -1.219  1.00 62.58 ? 192 GLN A NE2   1 
ATOM   1453 N N     . LYS A 1 193 ? -13.375 -14.484 2.147   1.00 59.75 ? 193 LYS A N     1 
ATOM   1454 C CA    . LYS A 1 193 ? -12.634 -15.424 3.003   1.00 60.31 ? 193 LYS A CA    1 
ATOM   1455 C C     . LYS A 1 193 ? -11.654 -16.283 2.203   1.00 58.77 ? 193 LYS A C     1 
ATOM   1456 O O     . LYS A 1 193 ? -12.038 -16.929 1.229   1.00 56.60 ? 193 LYS A O     1 
ATOM   1457 C CB    . LYS A 1 193 ? -13.589 -16.324 3.800   1.00 62.07 ? 193 LYS A CB    1 
ATOM   1458 C CG    . LYS A 1 193 ? -14.187 -15.666 5.038   1.00 63.29 ? 193 LYS A CG    1 
ATOM   1459 C CD    . LYS A 1 193 ? -15.475 -14.911 4.733   1.00 64.89 ? 193 LYS A CD    1 
ATOM   1460 C CE    . LYS A 1 193 ? -15.760 -13.822 5.758   1.00 65.15 ? 193 LYS A CE    1 
ATOM   1461 N NZ    . LYS A 1 193 ? -16.451 -14.358 6.964   1.00 66.31 ? 193 LYS A NZ    1 
ATOM   1462 N N     . ALA A 1 194 ? -10.393 -16.292 2.637   1.00 57.68 ? 194 ALA A N     1 
ATOM   1463 C CA    . ALA A 1 194 ? -9.332  -17.038 1.957   1.00 58.32 ? 194 ALA A CA    1 
ATOM   1464 C C     . ALA A 1 194 ? -9.397  -18.535 2.268   1.00 61.07 ? 194 ALA A C     1 
ATOM   1465 O O     . ALA A 1 194 ? -8.796  -19.350 1.561   1.00 59.75 ? 194 ALA A O     1 
ATOM   1466 C CB    . ALA A 1 194 ? -7.971  -16.481 2.339   1.00 57.75 ? 194 ALA A CB    1 
ATOM   1467 O OXT   . ALA A 1 194 ? -10.045 -18.965 3.228   1.00 61.37 ? 194 ALA A OXT   1 
HETATM 1468 O O2    . 5AE B 2 .   ? 5.682   -2.558  11.023  1.00 24.06 ? 201 5AE A O2    1 
HETATM 1469 C C2    . 5AE B 2 .   ? 6.150   -2.498  12.173  1.00 26.38 ? 201 5AE A C2    1 
HETATM 1470 N N3    . 5AE B 2 .   ? 5.287   -2.499  13.214  1.00 26.77 ? 201 5AE A N3    1 
HETATM 1471 C C4    . 5AE B 2 .   ? 5.754   -2.418  14.472  1.00 27.37 ? 201 5AE A C4    1 
HETATM 1472 N N4    . 5AE B 2 .   ? 4.875   -2.424  15.495  1.00 27.45 ? 201 5AE A N4    1 
HETATM 1473 N N5    . 5AE B 2 .   ? 7.097   -2.339  14.695  1.00 28.20 ? 201 5AE A N5    1 
HETATM 1474 N N1    . 5AE B 2 .   ? 7.485   -2.420  12.391  1.00 26.29 ? 201 5AE A N1    1 
HETATM 1475 C C6    . 5AE B 2 .   ? 7.945   -2.340  13.653  1.00 26.50 ? 201 5AE A C6    1 
HETATM 1476 C "C1'" . 5AE B 2 .   ? 8.421   -2.408  11.253  1.00 25.90 ? 201 5AE A "C1'" 1 
HETATM 1477 O "O4'" . 5AE B 2 .   ? 9.520   -3.311  11.439  1.00 25.91 ? 201 5AE A "O4'" 1 
HETATM 1478 C "C4'" . 5AE B 2 .   ? 10.550  -2.867  10.558  1.00 25.92 ? 201 5AE A "C4'" 1 
HETATM 1479 C "C5'" . 5AE B 2 .   ? 11.894  -3.484  10.933  1.00 26.49 ? 201 5AE A "C5'" 1 
HETATM 1480 O "O5'" . 5AE B 2 .   ? 12.266  -3.122  12.270  1.00 26.06 ? 201 5AE A "O5'" 1 
HETATM 1481 C "C3'" . 5AE B 2 .   ? 10.497  -1.345  10.645  1.00 25.91 ? 201 5AE A "C3'" 1 
HETATM 1482 O "O3'" . 5AE B 2 .   ? 10.879  -0.729  9.414   1.00 25.91 ? 201 5AE A "O3'" 1 
HETATM 1483 C "C2'" . 5AE B 2 .   ? 9.052   -1.034  11.019  1.00 26.21 ? 201 5AE A "C2'" 1 
HETATM 1484 O "O2'" . 5AE B 2 .   ? 8.376   -0.301  9.977   1.00 26.44 ? 201 5AE A "O2'" 1 
HETATM 1485 C C1    . GOL C 3 .   ? 1.235   -2.527  10.949  1.00 29.34 ? 202 GOL A C1    1 
HETATM 1486 O O1    . GOL C 3 .   ? 1.648   -3.854  10.952  1.00 25.66 ? 202 GOL A O1    1 
HETATM 1487 C C2    . GOL C 3 .   ? 1.289   -1.890  12.336  1.00 30.44 ? 202 GOL A C2    1 
HETATM 1488 O O2    . GOL C 3 .   ? 2.549   -2.161  12.929  1.00 30.60 ? 202 GOL A O2    1 
HETATM 1489 C C3    . GOL C 3 .   ? 0.143   -2.406  13.198  1.00 30.84 ? 202 GOL A C3    1 
HETATM 1490 O O3    . GOL C 3 .   ? -1.128  -2.092  12.699  1.00 30.73 ? 202 GOL A O3    1 
HETATM 1491 O O     . HOH D 4 .   ? 7.167   -13.011 2.747   1.00 24.54 ? 301 HOH A O     1 
HETATM 1492 O O     . HOH D 4 .   ? 4.059   -2.930  2.774   1.00 18.76 ? 302 HOH A O     1 
HETATM 1493 O O     . HOH D 4 .   ? -3.817  -17.115 7.989   1.00 34.55 ? 303 HOH A O     1 
HETATM 1494 O O     . HOH D 4 .   ? 10.333  -14.760 10.005  1.00 46.61 ? 304 HOH A O     1 
HETATM 1495 O O     . HOH D 4 .   ? 0.073   4.879   16.018  1.00 40.68 ? 305 HOH A O     1 
HETATM 1496 O O     . HOH D 4 .   ? 3.184   -13.644 6.871   1.00 21.77 ? 306 HOH A O     1 
HETATM 1497 O O     . HOH D 4 .   ? -9.270  -9.897  -8.431  1.00 31.68 ? 307 HOH A O     1 
HETATM 1498 O O     . HOH D 4 .   ? 9.034   -4.115  -9.659  1.00 50.42 ? 308 HOH A O     1 
HETATM 1499 O O     . HOH D 4 .   ? 4.384   -23.341 3.942   1.00 28.12 ? 309 HOH A O     1 
HETATM 1500 O O     . HOH D 4 .   ? -6.546  16.009  -4.816  1.00 29.16 ? 310 HOH A O     1 
HETATM 1501 O O     . HOH D 4 .   ? -2.553  -11.107 12.853  1.00 23.34 ? 311 HOH A O     1 
HETATM 1502 O O     . HOH D 4 .   ? 2.438   2.652   -18.660 1.00 27.25 ? 312 HOH A O     1 
HETATM 1503 O O     . HOH D 4 .   ? -5.402  16.029  8.547   1.00 56.74 ? 313 HOH A O     1 
HETATM 1504 O O     . HOH D 4 .   ? 12.203  -1.470  7.217   1.00 22.39 ? 314 HOH A O     1 
HETATM 1505 O O     . HOH D 4 .   ? -2.187  0.026   10.711  1.00 45.03 ? 315 HOH A O     1 
HETATM 1506 O O     . HOH D 4 .   ? -10.803 8.819   -11.600 1.00 31.17 ? 316 HOH A O     1 
HETATM 1507 O O     . HOH D 4 .   ? 2.500   -13.324 4.052   1.00 20.96 ? 317 HOH A O     1 
HETATM 1508 O O     . HOH D 4 .   ? 11.143  -5.149  3.619   1.00 18.71 ? 318 HOH A O     1 
HETATM 1509 O O     . HOH D 4 .   ? -9.694  -1.583  8.818   1.00 31.65 ? 319 HOH A O     1 
HETATM 1510 O O     . HOH D 4 .   ? 9.585   6.445   10.180  1.00 27.24 ? 320 HOH A O     1 
HETATM 1511 O O     . HOH D 4 .   ? 5.928   -9.221  -0.037  1.00 34.39 ? 321 HOH A O     1 
HETATM 1512 O O     . HOH D 4 .   ? -3.035  -11.165 3.674   1.00 20.34 ? 322 HOH A O     1 
HETATM 1513 O O     . HOH D 4 .   ? 13.877  4.468   -8.026  1.00 43.60 ? 323 HOH A O     1 
HETATM 1514 O O     . HOH D 4 .   ? -9.369  -5.382  -10.724 1.00 34.82 ? 324 HOH A O     1 
HETATM 1515 O O     . HOH D 4 .   ? 1.023   -5.949  -18.171 1.00 38.30 ? 325 HOH A O     1 
HETATM 1516 O O     . HOH D 4 .   ? -13.041 -8.948  -4.049  1.00 33.20 ? 326 HOH A O     1 
HETATM 1517 O O     . HOH D 4 .   ? -18.305 5.931   0.434   1.00 60.82 ? 327 HOH A O     1 
HETATM 1518 O O     . HOH D 4 .   ? 10.966  -6.113  17.143  1.00 31.36 ? 328 HOH A O     1 
HETATM 1519 O O     . HOH D 4 .   ? -9.695  7.055   -9.815  1.00 26.19 ? 329 HOH A O     1 
HETATM 1520 O O     . HOH D 4 .   ? -13.870 6.228   4.799   1.00 42.42 ? 330 HOH A O     1 
HETATM 1521 O O     . HOH D 4 .   ? -10.235 7.573   -18.756 1.00 32.65 ? 331 HOH A O     1 
HETATM 1522 O O     . HOH D 4 .   ? -2.060  -21.222 2.553   1.00 31.66 ? 332 HOH A O     1 
HETATM 1523 O O     . HOH D 4 .   ? 3.192   4.310   -16.435 1.00 28.11 ? 333 HOH A O     1 
HETATM 1524 O O     . HOH D 4 .   ? 14.551  -11.571 9.635   1.00 36.33 ? 334 HOH A O     1 
HETATM 1525 O O     . HOH D 4 .   ? 7.154   14.528  -13.683 1.00 42.12 ? 335 HOH A O     1 
HETATM 1526 O O     . HOH D 4 .   ? -6.127  13.905  -14.095 1.00 41.82 ? 336 HOH A O     1 
HETATM 1527 O O     . HOH D 4 .   ? 8.032   2.218   0.595   1.00 25.86 ? 337 HOH A O     1 
HETATM 1528 O O     . HOH D 4 .   ? 4.246   -4.773  -12.239 1.00 21.06 ? 338 HOH A O     1 
HETATM 1529 O O     . HOH D 4 .   ? -1.441  -9.008  -11.639 1.00 29.84 ? 339 HOH A O     1 
HETATM 1530 O O     . HOH D 4 .   ? -3.639  1.619   8.434   1.00 23.67 ? 340 HOH A O     1 
HETATM 1531 O O     . HOH D 4 .   ? -13.615 8.726   -10.563 1.00 41.67 ? 341 HOH A O     1 
HETATM 1532 O O     . HOH D 4 .   ? 9.830   15.191  -0.609  1.00 29.67 ? 342 HOH A O     1 
HETATM 1533 O O     . HOH D 4 .   ? -2.316  11.348  -10.325 1.00 30.51 ? 343 HOH A O     1 
HETATM 1534 O O     . HOH D 4 .   ? 13.124  -9.105  15.810  1.00 31.87 ? 344 HOH A O     1 
HETATM 1535 O O     . HOH D 4 .   ? 15.129  9.370   -12.832 1.00 35.64 ? 345 HOH A O     1 
HETATM 1536 O O     . HOH D 4 .   ? -2.580  -3.440  18.054  1.00 38.29 ? 346 HOH A O     1 
HETATM 1537 O O     . HOH D 4 .   ? -7.606  15.615  1.879   1.00 34.79 ? 347 HOH A O     1 
HETATM 1538 O O     . HOH D 4 .   ? 4.352   -3.337  -14.414 1.00 36.97 ? 348 HOH A O     1 
HETATM 1539 O O     . HOH D 4 .   ? 12.894  15.574  -6.133  1.00 31.05 ? 349 HOH A O     1 
HETATM 1540 O O     . HOH D 4 .   ? -3.368  1.682   12.453  1.00 42.68 ? 350 HOH A O     1 
HETATM 1541 O O     . HOH D 4 .   ? 13.149  -5.077  -2.493  1.00 27.52 ? 351 HOH A O     1 
HETATM 1542 O O     . HOH D 4 .   ? -10.356 4.485   -18.523 1.00 41.94 ? 352 HOH A O     1 
HETATM 1543 O O     . HOH D 4 .   ? -12.139 3.677   8.095   1.00 34.69 ? 353 HOH A O     1 
HETATM 1544 O O     . HOH D 4 .   ? 4.124   10.671  11.863  1.00 23.98 ? 354 HOH A O     1 
HETATM 1545 O O     . HOH D 4 .   ? -2.408  -11.849 -6.037  1.00 30.25 ? 355 HOH A O     1 
HETATM 1546 O O     . HOH D 4 .   ? 13.751  -14.987 6.004   1.00 36.61 ? 356 HOH A O     1 
HETATM 1547 O O     . HOH D 4 .   ? 3.831   10.555  -13.742 1.00 40.41 ? 357 HOH A O     1 
HETATM 1548 O O     . HOH D 4 .   ? 4.908   -12.044 -0.351  1.00 32.79 ? 358 HOH A O     1 
HETATM 1549 O O     . HOH D 4 .   ? -0.530  3.079   -18.442 1.00 32.52 ? 359 HOH A O     1 
HETATM 1550 O O     . HOH D 4 .   ? -6.574  10.934  -17.750 1.00 47.67 ? 360 HOH A O     1 
HETATM 1551 O O     . HOH D 4 .   ? -9.630  13.088  -6.611  1.00 29.91 ? 361 HOH A O     1 
HETATM 1552 O O     . HOH D 4 .   ? 11.240  -12.651 14.315  1.00 40.64 ? 362 HOH A O     1 
HETATM 1553 O O     . HOH D 4 .   ? 10.881  11.725  5.001   1.00 37.86 ? 363 HOH A O     1 
HETATM 1554 O O     . HOH D 4 .   ? -14.499 3.067   -10.716 1.00 36.13 ? 364 HOH A O     1 
HETATM 1555 O O     . HOH D 4 .   ? 3.666   -5.734  18.594  1.00 37.77 ? 365 HOH A O     1 
HETATM 1556 O O     . HOH D 4 .   ? 12.095  13.649  -16.142 1.00 50.73 ? 366 HOH A O     1 
HETATM 1557 O O     . HOH D 4 .   ? 2.344   -12.876 -1.308  1.00 33.54 ? 367 HOH A O     1 
HETATM 1558 O O     . HOH D 4 .   ? -16.014 -4.680  -7.680  1.00 35.97 ? 368 HOH A O     1 
HETATM 1559 O O     . HOH D 4 .   ? 7.990   9.351   -14.470 1.00 53.52 ? 369 HOH A O     1 
HETATM 1560 O O     . HOH D 4 .   ? 3.652   9.173   15.766  1.00 42.18 ? 370 HOH A O     1 
HETATM 1561 O O     . HOH D 4 .   ? 9.322   -6.210  -3.221  1.00 44.63 ? 371 HOH A O     1 
HETATM 1562 O O     . HOH D 4 .   ? 20.103  -2.235  4.154   1.00 41.81 ? 372 HOH A O     1 
HETATM 1563 O O     . HOH D 4 .   ? 2.562   -20.688 8.746   1.00 44.71 ? 373 HOH A O     1 
HETATM 1564 O O     . HOH D 4 .   ? 7.297   -8.781  -2.571  1.00 38.09 ? 374 HOH A O     1 
HETATM 1565 O O     . HOH D 4 .   ? -16.955 -4.296  -10.192 1.00 53.64 ? 375 HOH A O     1 
HETATM 1566 O O     . HOH D 4 .   ? 0.504   -5.386  16.695  1.00 38.81 ? 376 HOH A O     1 
HETATM 1567 O O     . HOH D 4 .   ? -0.152  -20.528 7.098   1.00 39.31 ? 377 HOH A O     1 
HETATM 1568 O O     . HOH D 4 .   ? -13.657 12.758  -7.639  1.00 35.71 ? 378 HOH A O     1 
HETATM 1569 O O     . HOH D 4 .   ? 9.333   -14.925 14.784  1.00 54.64 ? 379 HOH A O     1 
HETATM 1570 O O     . HOH D 4 .   ? -11.027 8.774   -1.724  1.00 36.82 ? 380 HOH A O     1 
HETATM 1571 O O     . HOH D 4 .   ? -14.555 9.411   -1.354  1.00 34.90 ? 381 HOH A O     1 
HETATM 1572 O O     . HOH D 4 .   ? -4.511  19.930  -3.164  1.00 59.33 ? 382 HOH A O     1 
HETATM 1573 O O     . HOH D 4 .   ? 8.053   0.859   15.221  1.00 33.70 ? 383 HOH A O     1 
HETATM 1574 O O     . HOH D 4 .   ? -5.399  -19.238 7.668   1.00 45.24 ? 384 HOH A O     1 
HETATM 1575 O O     . HOH D 4 .   ? 7.596   17.561  -5.999  1.00 36.18 ? 385 HOH A O     1 
HETATM 1576 O O     . HOH D 4 .   ? 5.768   -4.026  18.175  1.00 40.15 ? 386 HOH A O     1 
HETATM 1577 O O     . HOH D 4 .   ? -12.254 -10.097 7.377   1.00 65.69 ? 387 HOH A O     1 
HETATM 1578 O O     . HOH D 4 .   ? -2.870  1.081   -19.347 1.00 60.04 ? 388 HOH A O     1 
HETATM 1579 O O     . HOH D 4 .   ? 13.427  -5.817  18.508  1.00 41.30 ? 389 HOH A O     1 
HETATM 1580 O O     . HOH D 4 .   ? -10.047 -9.896  2.831   1.00 42.55 ? 390 HOH A O     1 
HETATM 1581 O O     . HOH D 4 .   ? 11.222  -0.131  -2.710  1.00 30.68 ? 391 HOH A O     1 
HETATM 1582 O O     . HOH D 4 .   ? 13.632  10.925  -14.763 1.00 52.51 ? 392 HOH A O     1 
HETATM 1583 O O     . HOH D 4 .   ? 6.056   18.443  -2.381  1.00 47.22 ? 393 HOH A O     1 
HETATM 1584 O O     . HOH D 4 .   ? -5.755  13.120  -11.181 1.00 48.50 ? 394 HOH A O     1 
HETATM 1585 O O     . HOH D 4 .   ? -5.034  0.834   -17.794 1.00 44.90 ? 395 HOH A O     1 
HETATM 1586 O O     . HOH D 4 .   ? -6.637  -5.241  -11.589 1.00 41.45 ? 396 HOH A O     1 
HETATM 1587 O O     . HOH D 4 .   ? -5.364  -3.015  14.491  1.00 50.66 ? 397 HOH A O     1 
HETATM 1588 O O     . HOH D 4 .   ? 5.866   -18.406 10.264  1.00 48.42 ? 398 HOH A O     1 
HETATM 1589 O O     . HOH D 4 .   ? -0.629  -0.939  -21.590 1.00 52.43 ? 399 HOH A O     1 
HETATM 1590 O O     . HOH D 4 .   ? 1.730   21.063  -3.700  1.00 37.14 ? 400 HOH A O     1 
HETATM 1591 O O     . HOH D 4 .   ? 17.549  10.060  -5.769  1.00 43.57 ? 401 HOH A O     1 
HETATM 1592 O O     . HOH D 4 .   ? 6.833   6.607   16.473  1.00 36.24 ? 402 HOH A O     1 
HETATM 1593 O O     . HOH D 4 .   ? -0.686  19.544  -2.342  1.00 49.80 ? 403 HOH A O     1 
HETATM 1594 O O     . HOH D 4 .   ? -11.614 3.207   11.168  1.00 55.50 ? 404 HOH A O     1 
HETATM 1595 O O     . HOH D 4 .   ? -4.666  16.747  -8.481  1.00 49.54 ? 405 HOH A O     1 
HETATM 1596 O O     . HOH D 4 .   ? -7.045  -15.919 6.531   1.00 36.12 ? 406 HOH A O     1 
HETATM 1597 O O     . HOH D 4 .   ? 9.712   -18.734 1.605   1.00 49.73 ? 407 HOH A O     1 
HETATM 1598 O O     . HOH D 4 .   ? -22.496 -5.979  1.566   1.00 55.26 ? 408 HOH A O     1 
HETATM 1599 O O     . HOH D 4 .   ? 14.316  -12.058 -4.064  1.00 61.62 ? 409 HOH A O     1 
HETATM 1600 O O     . HOH D 4 .   ? 8.021   -22.450 2.370   1.00 47.87 ? 410 HOH A O     1 
HETATM 1601 O O     . HOH D 4 .   ? -22.366 -6.945  -6.056  1.00 48.13 ? 411 HOH A O     1 
HETATM 1602 O O     . HOH D 4 .   ? -11.599 -8.616  4.812   1.00 50.60 ? 412 HOH A O     1 
HETATM 1603 O O     . HOH D 4 .   ? 15.288  13.890  -6.464  1.00 37.35 ? 413 HOH A O     1 
HETATM 1604 O O     . HOH D 4 .   ? -9.455  14.694  4.285   1.00 56.29 ? 414 HOH A O     1 
HETATM 1605 O O     . HOH D 4 .   ? -9.222  12.522  -9.613  1.00 47.48 ? 415 HOH A O     1 
HETATM 1606 O O     . HOH D 4 .   ? -20.901 -3.924  -8.675  1.00 53.64 ? 416 HOH A O     1 
HETATM 1607 O O     . HOH D 4 .   ? 6.541   -16.645 16.106  1.00 42.22 ? 417 HOH A O     1 
HETATM 1608 O O     . HOH D 4 .   ? -4.811  4.529   -19.089 1.00 40.29 ? 418 HOH A O     1 
HETATM 1609 O O     . HOH D 4 .   ? 10.173  -5.673  22.154  1.00 50.17 ? 419 HOH A O     1 
HETATM 1610 O O     . HOH D 4 .   ? 15.803  -4.040  12.036  1.00 43.43 ? 420 HOH A O     1 
HETATM 1611 O O     . HOH D 4 .   ? -4.212  19.193  -0.233  1.00 49.57 ? 421 HOH A O     1 
HETATM 1612 O O     . HOH D 4 .   ? 9.565   -2.411  -2.492  1.00 38.28 ? 422 HOH A O     1 
HETATM 1613 O O     . HOH D 4 .   ? -10.280 -5.016  11.732  1.00 47.96 ? 423 HOH A O     1 
HETATM 1614 O O     . HOH D 4 .   ? -16.667 7.370   2.719   1.00 65.63 ? 424 HOH A O     1 
HETATM 1615 O O     . HOH D 4 .   ? 5.330   15.425  -15.552 1.00 44.24 ? 425 HOH A O     1 
HETATM 1616 O O     . HOH D 4 .   ? 16.648  -9.170  9.073   1.00 48.60 ? 426 HOH A O     1 
HETATM 1617 O O     . HOH D 4 .   ? 4.738   6.712   -16.763 1.00 53.17 ? 427 HOH A O     1 
HETATM 1618 O O     . HOH D 4 .   ? 9.063   -3.709  -4.909  1.00 44.66 ? 428 HOH A O     1 
HETATM 1619 O O     . HOH D 4 .   ? 16.487  14.596  -9.068  1.00 53.79 ? 429 HOH A O     1 
HETATM 1620 O O     . HOH D 4 .   ? -7.925  -15.982 9.390   1.00 49.17 ? 430 HOH A O     1 
HETATM 1621 O O     . HOH D 4 .   ? 11.584  -1.631  -5.145  1.00 47.79 ? 431 HOH A O     1 
HETATM 1622 O O     . HOH D 4 .   ? 5.786   -16.387 13.469  1.00 54.63 ? 432 HOH A O     1 
HETATM 1623 O O     . HOH D 4 .   ? 2.104   -3.406  16.579  1.00 54.90 ? 433 HOH A O     1 
HETATM 1624 O O     . HOH D 4 .   ? -8.934  9.587   -20.796 1.00 48.82 ? 434 HOH A O     1 
HETATM 1625 O O     . HOH D 4 .   ? 16.229  6.113   2.357   1.00 34.02 ? 435 HOH A O     1 
HETATM 1626 O O     . HOH D 4 .   ? 12.583  -5.547  -6.072  1.00 53.10 ? 436 HOH A O     1 
HETATM 1627 O O     . HOH D 4 .   ? 7.805   -18.627 -2.846  1.00 58.57 ? 437 HOH A O     1 
HETATM 1628 O O     . HOH D 4 .   ? -15.352 8.964   -8.195  1.00 42.72 ? 438 HOH A O     1 
HETATM 1629 O O     . HOH D 4 .   ? 7.495   -15.678 0.975   1.00 35.95 ? 439 HOH A O     1 
HETATM 1630 O O     . HOH D 4 .   ? 15.718  -7.106  12.313  1.00 49.35 ? 440 HOH A O     1 
HETATM 1631 O O     . HOH D 4 .   ? 8.455   -16.784 9.758   1.00 50.33 ? 441 HOH A O     1 
HETATM 1632 O O     . HOH D 4 .   ? -7.093  -10.108 -10.089 1.00 54.67 ? 442 HOH A O     1 
HETATM 1633 O O     . HOH D 4 .   ? -13.082 -5.181  10.100  1.00 60.17 ? 443 HOH A O     1 
HETATM 1634 O O     . HOH D 4 .   ? 4.200   -22.979 6.772   1.00 52.40 ? 444 HOH A O     1 
HETATM 1635 O O     . HOH D 4 .   ? -1.607  5.562   -19.345 1.00 63.73 ? 445 HOH A O     1 
HETATM 1636 O O     . HOH D 4 .   ? -9.856  11.357  4.034   1.00 39.71 ? 446 HOH A O     1 
HETATM 1637 O O     . HOH D 4 .   ? 4.097   17.952  1.654   1.00 62.22 ? 447 HOH A O     1 
HETATM 1638 O O     . HOH D 4 .   ? -9.260  -4.507  -14.637 1.00 56.67 ? 448 HOH A O     1 
HETATM 1639 O O     . HOH D 4 .   ? -3.267  14.940  -12.521 1.00 45.81 ? 449 HOH A O     1 
HETATM 1640 O O     . HOH D 4 .   ? 7.116   17.242  2.882   1.00 41.29 ? 450 HOH A O     1 
HETATM 1641 O O     . HOH D 4 .   ? -21.796 4.791   -1.549  1.00 54.24 ? 451 HOH A O     1 
HETATM 1642 O O     . HOH D 4 .   ? -10.174 -13.776 4.732   1.00 56.47 ? 452 HOH A O     1 
HETATM 1643 O O     . HOH D 4 .   ? -22.321 -3.925  -6.177  1.00 52.42 ? 453 HOH A O     1 
HETATM 1644 O O     . HOH D 4 .   ? -6.347  -6.929  -16.509 1.00 54.57 ? 454 HOH A O     1 
HETATM 1645 O O     . HOH D 4 .   ? -6.651  18.931  -4.752  1.00 56.42 ? 455 HOH A O     1 
HETATM 1646 O O     . HOH D 4 .   ? 4.074   -0.381  17.968  1.00 56.00 ? 456 HOH A O     1 
HETATM 1647 O O     . HOH D 4 .   ? -20.178 -0.716  -7.032  1.00 55.24 ? 457 HOH A O     1 
HETATM 1648 O O     . HOH D 4 .   ? -15.542 -3.900  9.249   1.00 55.68 ? 458 HOH A O     1 
HETATM 1649 O O     . HOH D 4 .   ? -2.155  20.962  4.417   1.00 70.93 ? 459 HOH A O     1 
HETATM 1650 O O     . HOH D 4 .   ? 15.044  -11.821 5.186   1.00 49.47 ? 460 HOH A O     1 
HETATM 1651 O O     . HOH D 4 .   ? 6.113   7.623   -14.481 1.00 45.02 ? 461 HOH A O     1 
HETATM 1652 O O     . HOH D 4 .   ? 8.703   -16.710 12.697  1.00 48.56 ? 462 HOH A O     1 
HETATM 1653 O O     . HOH D 4 .   ? 18.682  -2.302  -0.017  1.00 41.80 ? 463 HOH A O     1 
HETATM 1654 O O     . HOH D 4 .   ? -9.582  15.194  -4.859  1.00 54.19 ? 464 HOH A O     1 
HETATM 1655 O O     . HOH D 4 .   ? 6.821   -6.444  -4.297  1.00 48.92 ? 465 HOH A O     1 
HETATM 1656 O O     . HOH D 4 .   ? 9.381   -19.585 8.379   1.00 55.94 ? 466 HOH A O     1 
HETATM 1657 O O     . HOH D 4 .   ? -4.017  -9.851  -10.974 1.00 50.35 ? 467 HOH A O     1 
HETATM 1658 O O     . HOH D 4 .   ? 2.316   16.996  -0.423  1.00 53.66 ? 468 HOH A O     1 
HETATM 1659 O O     . HOH D 4 .   ? 1.272   6.510   -19.070 1.00 47.38 ? 469 HOH A O     1 
HETATM 1660 O O     . HOH D 4 .   ? -20.262 7.273   -1.505  1.00 60.90 ? 470 HOH A O     1 
HETATM 1661 O O     . HOH D 4 .   ? -11.016 -3.884  -11.885 1.00 40.05 ? 471 HOH A O     1 
HETATM 1662 O O     . HOH D 4 .   ? 7.014   -0.614  17.723  1.00 58.11 ? 472 HOH A O     1 
HETATM 1663 O O     . HOH D 4 .   ? -9.864  15.797  -2.331  1.00 55.63 ? 473 HOH A O     1 
HETATM 1664 O O     . HOH D 4 .   ? 4.001   -4.200  9.864   1.00 21.23 ? 474 HOH A O     1 
HETATM 1665 O O     . HOH D 4 .   ? 2.954   -16.031 13.617  1.00 43.06 ? 475 HOH A O     1 
HETATM 1666 O O     . HOH D 4 .   ? -1.213  -13.452 13.889  1.00 38.02 ? 476 HOH A O     1 
HETATM 1667 O O     . HOH D 4 .   ? 2.717   -16.496 10.943  1.00 35.85 ? 477 HOH A O     1 
HETATM 1668 O O     . HOH D 4 .   ? -0.902  -15.476 11.817  1.00 49.47 ? 478 HOH A O     1 
HETATM 1669 O O     . HOH D 4 .   ? -1.101  -18.089 8.037   1.00 37.40 ? 479 HOH A O     1 
HETATM 1670 O O     . HOH D 4 .   ? -0.589  -13.582 16.802  1.00 48.03 ? 480 HOH A O     1 
HETATM 1671 O O     . HOH D 4 .   ? 1.505   -15.760 16.722  1.00 43.69 ? 481 HOH A O     1 
HETATM 1672 O O     . HOH D 4 .   ? 12.676  -12.127 21.234  1.00 47.71 ? 482 HOH A O     1 
HETATM 1673 O O     . HOH D 4 .   ? 15.740  7.327   -6.386  1.00 43.47 ? 483 HOH A O     1 
HETATM 1674 O O     . HOH D 4 .   ? 15.248  6.527   -4.016  1.00 33.73 ? 484 HOH A O     1 
HETATM 1675 O O     . HOH D 4 .   ? -6.322  -8.188  -11.635 1.00 39.61 ? 485 HOH A O     1 
HETATM 1676 O O     . HOH D 4 .   ? 4.675   -12.077 2.630   1.00 25.92 ? 486 HOH A O     1 
HETATM 1677 O O     . HOH D 4 .   ? -9.917  2.539   -16.303 1.00 41.78 ? 487 HOH A O     1 
HETATM 1678 O O     . HOH D 4 .   ? 16.454  7.934   -2.200  1.00 51.86 ? 488 HOH A O     1 
HETATM 1679 O O     . HOH D 4 .   ? 16.551  10.141  -0.468  1.00 53.08 ? 489 HOH A O     1 
HETATM 1680 O O     . HOH D 4 .   ? 2.626   -9.514  20.961  1.00 48.94 ? 490 HOH A O     1 
HETATM 1681 O O     . HOH D 4 .   ? -17.109 7.643   -10.020 1.00 39.85 ? 491 HOH A O     1 
HETATM 1682 O O     . HOH D 4 .   ? 5.181   16.489  10.529  1.00 37.65 ? 492 HOH A O     1 
HETATM 1683 O O     . HOH D 4 .   ? 8.742   15.525  8.635   1.00 36.33 ? 493 HOH A O     1 
HETATM 1684 O O     . HOH D 4 .   ? -17.248 3.657   -10.827 1.00 38.78 ? 494 HOH A O     1 
HETATM 1685 O O     . HOH D 4 .   ? 16.664  2.704   -3.882  1.00 32.92 ? 495 HOH A O     1 
HETATM 1686 O O     . HOH D 4 .   ? 2.102   -22.755 -3.072  1.00 37.06 ? 496 HOH A O     1 
HETATM 1687 O O     . HOH D 4 .   ? 9.127   10.162  11.808  1.00 49.84 ? 497 HOH A O     1 
HETATM 1688 O O     . HOH D 4 .   ? 10.364  9.048   9.606   1.00 39.96 ? 498 HOH A O     1 
HETATM 1689 O O     . HOH D 4 .   ? -5.254  -19.224 -0.878  1.00 39.13 ? 499 HOH A O     1 
HETATM 1690 O O     . HOH D 4 .   ? -22.555 -0.532  -6.167  1.00 54.03 ? 500 HOH A O     1 
HETATM 1691 O O     . HOH D 4 .   ? 13.523  6.845   -15.931 1.00 32.31 ? 501 HOH A O     1 
# 
loop_
_pdbx_poly_seq_scheme.asym_id 
_pdbx_poly_seq_scheme.entity_id 
_pdbx_poly_seq_scheme.seq_id 
_pdbx_poly_seq_scheme.mon_id 
_pdbx_poly_seq_scheme.ndb_seq_num 
_pdbx_poly_seq_scheme.pdb_seq_num 
_pdbx_poly_seq_scheme.auth_seq_num 
_pdbx_poly_seq_scheme.pdb_mon_id 
_pdbx_poly_seq_scheme.auth_mon_id 
_pdbx_poly_seq_scheme.pdb_strand_id 
_pdbx_poly_seq_scheme.pdb_ins_code 
_pdbx_poly_seq_scheme.hetero 
A 1 1   MET 1   1   1   MET MET A . n 
A 1 2   THR 2   2   2   THR THR A . n 
A 1 3   ALA 3   3   3   ALA ALA A . n 
A 1 4   VAL 4   4   4   VAL VAL A . n 
A 1 5   GLN 5   5   5   GLN GLN A . n 
A 1 6   LEU 6   6   6   LEU LEU A . n 
A 1 7   ILE 7   7   7   ILE ILE A . n 
A 1 8   VAL 8   8   8   VAL VAL A . n 
A 1 9   GLY 9   9   9   GLY GLY A . n 
A 1 10  LEU 10  10  10  LEU LEU A . n 
A 1 11  GLY 11  11  11  GLY GLY A . n 
A 1 12  ASN 12  12  12  ASN ASN A . n 
A 1 13  PRO 13  13  13  PRO PRO A . n 
A 1 14  GLY 14  14  14  GLY GLY A . n 
A 1 15  PRO 15  15  15  PRO PRO A . n 
A 1 16  GLU 16  16  16  GLU GLU A . n 
A 1 17  TYR 17  17  17  TYR TYR A . n 
A 1 18  ASP 18  18  18  ASP ASP A . n 
A 1 19  GLN 19  19  19  GLN GLN A . n 
A 1 20  THR 20  20  20  THR THR A . n 
A 1 21  ARG 21  21  21  ARG ARG A . n 
A 1 22  HIS 22  22  22  HIS HIS A . n 
A 1 23  ASN 23  23  23  ASN ASN A . n 
A 1 24  ALA 24  24  24  ALA ALA A . n 
A 1 25  GLY 25  25  25  GLY GLY A . n 
A 1 26  ALA 26  26  26  ALA ALA A . n 
A 1 27  LEU 27  27  27  LEU LEU A . n 
A 1 28  PHE 28  28  28  PHE PHE A . n 
A 1 29  VAL 29  29  29  VAL VAL A . n 
A 1 30  GLU 30  30  30  GLU GLU A . n 
A 1 31  ARG 31  31  31  ARG ARG A . n 
A 1 32  LEU 32  32  32  LEU LEU A . n 
A 1 33  ALA 33  33  33  ALA ALA A . n 
A 1 34  HIS 34  34  34  HIS HIS A . n 
A 1 35  ALA 35  35  35  ALA ALA A . n 
A 1 36  GLN 36  36  36  GLN GLN A . n 
A 1 37  GLY 37  37  37  GLY GLY A . n 
A 1 38  VAL 38  38  38  VAL VAL A . n 
A 1 39  SER 39  39  39  SER SER A . n 
A 1 40  LEU 40  40  40  LEU LEU A . n 
A 1 41  VAL 41  41  41  VAL VAL A . n 
A 1 42  ALA 42  42  42  ALA ALA A . n 
A 1 43  ASP 43  43  43  ASP ASP A . n 
A 1 44  ARG 44  44  44  ARG ARG A . n 
A 1 45  LYS 45  45  45  LYS LYS A . n 
A 1 46  TYR 46  46  46  TYR TYR A . n 
A 1 47  PHE 47  47  47  PHE PHE A . n 
A 1 48  GLY 48  48  48  GLY GLY A . n 
A 1 49  LEU 49  49  49  LEU LEU A . n 
A 1 50  VAL 50  50  50  VAL VAL A . n 
A 1 51  GLY 51  51  51  GLY GLY A . n 
A 1 52  LYS 52  52  52  LYS LYS A . n 
A 1 53  PHE 53  53  53  PHE PHE A . n 
A 1 54  SER 54  54  54  SER SER A . n 
A 1 55  HIS 55  55  55  HIS HIS A . n 
A 1 56  GLN 56  56  56  GLN GLN A . n 
A 1 57  GLY 57  57  57  GLY GLY A . n 
A 1 58  LYS 58  58  58  LYS LYS A . n 
A 1 59  ASP 59  59  59  ASP ASP A . n 
A 1 60  VAL 60  60  60  VAL VAL A . n 
A 1 61  ARG 61  61  61  ARG ARG A . n 
A 1 62  LEU 62  62  62  LEU LEU A . n 
A 1 63  LEU 63  63  63  LEU LEU A . n 
A 1 64  ILE 64  64  64  ILE ILE A . n 
A 1 65  PRO 65  65  65  PRO PRO A . n 
A 1 66  THR 66  66  66  THR THR A . n 
A 1 67  THR 67  67  67  THR THR A . n 
A 1 68  TYR 68  68  68  TYR TYR A . n 
A 1 69  MET 69  69  69  MET MET A . n 
A 1 70  ASN 70  70  70  ASN ASN A . n 
A 1 71  ARG 71  71  71  ARG ARG A . n 
A 1 72  SER 72  72  72  SER SER A . n 
A 1 73  GLY 73  73  73  GLY GLY A . n 
A 1 74  GLN 74  74  74  GLN GLN A . n 
A 1 75  SER 75  75  75  SER SER A . n 
A 1 76  VAL 76  76  76  VAL VAL A . n 
A 1 77  ALA 77  77  77  ALA ALA A . n 
A 1 78  ALA 78  78  78  ALA ALA A . n 
A 1 79  LEU 79  79  79  LEU LEU A . n 
A 1 80  ALA 80  80  80  ALA ALA A . n 
A 1 81  GLY 81  81  81  GLY GLY A . n 
A 1 82  PHE 82  82  82  PHE PHE A . n 
A 1 83  PHE 83  83  83  PHE PHE A . n 
A 1 84  ARG 84  84  84  ARG ARG A . n 
A 1 85  ILE 85  85  85  ILE ILE A . n 
A 1 86  ALA 86  86  86  ALA ALA A . n 
A 1 87  PRO 87  87  87  PRO PRO A . n 
A 1 88  ASP 88  88  88  ASP ASP A . n 
A 1 89  ALA 89  89  89  ALA ALA A . n 
A 1 90  ILE 90  90  90  ILE ILE A . n 
A 1 91  LEU 91  91  91  LEU LEU A . n 
A 1 92  VAL 92  92  92  VAL VAL A . n 
A 1 93  ALA 93  93  93  ALA ALA A . n 
A 1 94  HIS 94  94  94  HIS HIS A . n 
A 1 95  ASP 95  95  95  ASP ASP A . n 
A 1 96  GLU 96  96  96  GLU GLU A . n 
A 1 97  LEU 97  97  97  LEU LEU A . n 
A 1 98  ASP 98  98  98  ASP ASP A . n 
A 1 99  MET 99  99  99  MET MET A . n 
A 1 100 PRO 100 100 100 PRO PRO A . n 
A 1 101 PRO 101 101 101 PRO PRO A . n 
A 1 102 GLY 102 102 102 GLY GLY A . n 
A 1 103 VAL 103 103 103 VAL VAL A . n 
A 1 104 ALA 104 104 104 ALA ALA A . n 
A 1 105 LYS 105 105 105 LYS LYS A . n 
A 1 106 LEU 106 106 106 LEU LEU A . n 
A 1 107 LYS 107 107 107 LYS LYS A . n 
A 1 108 THR 108 108 108 THR THR A . n 
A 1 109 GLY 109 109 109 GLY GLY A . n 
A 1 110 GLY 110 110 110 GLY GLY A . n 
A 1 111 GLY 111 111 111 GLY GLY A . n 
A 1 112 HIS 112 112 112 HIS HIS A . n 
A 1 113 GLY 113 113 113 GLY GLY A . n 
A 1 114 GLY 114 114 114 GLY GLY A . n 
A 1 115 HIS 115 115 115 HIS HIS A . n 
A 1 116 ASN 116 116 116 ASN ASN A . n 
A 1 117 GLY 117 117 117 GLY GLY A . n 
A 1 118 LEU 118 118 118 LEU LEU A . n 
A 1 119 ARG 119 119 119 ARG ARG A . n 
A 1 120 ASP 120 120 120 ASP ASP A . n 
A 1 121 ILE 121 121 121 ILE ILE A . n 
A 1 122 ILE 122 122 122 ILE ILE A . n 
A 1 123 ALA 123 123 123 ALA ALA A . n 
A 1 124 GLN 124 124 124 GLN GLN A . n 
A 1 125 LEU 125 125 125 LEU LEU A . n 
A 1 126 GLY 126 126 126 GLY GLY A . n 
A 1 127 ASN 127 127 127 ASN ASN A . n 
A 1 128 GLN 128 128 128 GLN GLN A . n 
A 1 129 ASN 129 129 129 ASN ASN A . n 
A 1 130 SER 130 130 130 SER SER A . n 
A 1 131 PHE 131 131 131 PHE PHE A . n 
A 1 132 HIS 132 132 132 HIS HIS A . n 
A 1 133 ARG 133 133 133 ARG ARG A . n 
A 1 134 LEU 134 134 134 LEU LEU A . n 
A 1 135 ARG 135 135 135 ARG ARG A . n 
A 1 136 LEU 136 136 136 LEU LEU A . n 
A 1 137 GLY 137 137 137 GLY GLY A . n 
A 1 138 ILE 138 138 138 ILE ILE A . n 
A 1 139 GLY 139 139 139 GLY GLY A . n 
A 1 140 HIS 140 140 140 HIS HIS A . n 
A 1 141 PRO 141 141 141 PRO PRO A . n 
A 1 142 GLY 142 142 142 GLY GLY A . n 
A 1 143 HIS 143 143 143 HIS HIS A . n 
A 1 144 SER 144 144 144 SER SER A . n 
A 1 145 SER 145 145 145 SER SER A . n 
A 1 146 LEU 146 146 146 LEU LEU A . n 
A 1 147 VAL 147 147 147 VAL VAL A . n 
A 1 148 SER 148 148 148 SER SER A . n 
A 1 149 GLY 149 149 149 GLY GLY A . n 
A 1 150 TYR 150 150 150 TYR TYR A . n 
A 1 151 VAL 151 151 151 VAL VAL A . n 
A 1 152 LEU 152 152 152 LEU LEU A . n 
A 1 153 GLY 153 153 153 GLY GLY A . n 
A 1 154 ARG 154 154 154 ARG ARG A . n 
A 1 155 ALA 155 155 155 ALA ALA A . n 
A 1 156 PRO 156 156 156 PRO PRO A . n 
A 1 157 ARG 157 157 157 ARG ARG A . n 
A 1 158 SER 158 158 158 SER SER A . n 
A 1 159 GLU 159 159 159 GLU GLU A . n 
A 1 160 GLN 160 160 160 GLN GLN A . n 
A 1 161 GLU 161 161 161 GLU GLU A . n 
A 1 162 LEU 162 162 162 LEU LEU A . n 
A 1 163 LEU 163 163 163 LEU LEU A . n 
A 1 164 ASP 164 164 164 ASP ASP A . n 
A 1 165 THR 165 165 165 THR THR A . n 
A 1 166 SER 166 166 166 SER SER A . n 
A 1 167 ILE 167 167 167 ILE ILE A . n 
A 1 168 ASP 168 168 168 ASP ASP A . n 
A 1 169 PHE 169 169 169 PHE PHE A . n 
A 1 170 ALA 170 170 170 ALA ALA A . n 
A 1 171 LEU 171 171 171 LEU LEU A . n 
A 1 172 GLY 172 172 172 GLY GLY A . n 
A 1 173 VAL 173 173 173 VAL VAL A . n 
A 1 174 LEU 174 174 174 LEU LEU A . n 
A 1 175 PRO 175 175 175 PRO PRO A . n 
A 1 176 GLU 176 176 176 GLU GLU A . n 
A 1 177 MET 177 177 177 MET MET A . n 
A 1 178 LEU 178 178 178 LEU LEU A . n 
A 1 179 ALA 179 179 179 ALA ALA A . n 
A 1 180 GLY 180 180 180 GLY GLY A . n 
A 1 181 ASP 181 181 181 ASP ASP A . n 
A 1 182 TRP 182 182 182 TRP TRP A . n 
A 1 183 THR 183 183 183 THR THR A . n 
A 1 184 ARG 184 184 184 ARG ARG A . n 
A 1 185 ALA 185 185 185 ALA ALA A . n 
A 1 186 MET 186 186 186 MET MET A . n 
A 1 187 GLN 187 187 187 GLN GLN A . n 
A 1 188 LYS 188 188 188 LYS LYS A . n 
A 1 189 LEU 189 189 189 LEU LEU A . n 
A 1 190 HIS 190 190 190 HIS HIS A . n 
A 1 191 SER 191 191 191 SER SER A . n 
A 1 192 GLN 192 192 192 GLN GLN A . n 
A 1 193 LYS 193 193 193 LYS LYS A . n 
A 1 194 ALA 194 194 194 ALA ALA A . n 
# 
loop_
_pdbx_nonpoly_scheme.asym_id 
_pdbx_nonpoly_scheme.entity_id 
_pdbx_nonpoly_scheme.mon_id 
_pdbx_nonpoly_scheme.ndb_seq_num 
_pdbx_nonpoly_scheme.pdb_seq_num 
_pdbx_nonpoly_scheme.auth_seq_num 
_pdbx_nonpoly_scheme.pdb_mon_id 
_pdbx_nonpoly_scheme.auth_mon_id 
_pdbx_nonpoly_scheme.pdb_strand_id 
_pdbx_nonpoly_scheme.pdb_ins_code 
B 2 5AE 1   201 1   5AE ZZZ A . 
C 3 GOL 1   202 1   GOL GOL A . 
D 4 HOH 1   301 1   HOH HOH A . 
D 4 HOH 2   302 2   HOH HOH A . 
D 4 HOH 3   303 3   HOH HOH A . 
D 4 HOH 4   304 4   HOH HOH A . 
D 4 HOH 5   305 5   HOH HOH A . 
D 4 HOH 6   306 6   HOH HOH A . 
D 4 HOH 7   307 7   HOH HOH A . 
D 4 HOH 8   308 8   HOH HOH A . 
D 4 HOH 9   309 10  HOH HOH A . 
D 4 HOH 10  310 11  HOH HOH A . 
D 4 HOH 11  311 12  HOH HOH A . 
D 4 HOH 12  312 13  HOH HOH A . 
D 4 HOH 13  313 14  HOH HOH A . 
D 4 HOH 14  314 15  HOH HOH A . 
D 4 HOH 15  315 16  HOH HOH A . 
D 4 HOH 16  316 17  HOH HOH A . 
D 4 HOH 17  317 18  HOH HOH A . 
D 4 HOH 18  318 19  HOH HOH A . 
D 4 HOH 19  319 20  HOH HOH A . 
D 4 HOH 20  320 21  HOH HOH A . 
D 4 HOH 21  321 22  HOH HOH A . 
D 4 HOH 22  322 23  HOH HOH A . 
D 4 HOH 23  323 24  HOH HOH A . 
D 4 HOH 24  324 25  HOH HOH A . 
D 4 HOH 25  325 26  HOH HOH A . 
D 4 HOH 26  326 27  HOH HOH A . 
D 4 HOH 27  327 28  HOH HOH A . 
D 4 HOH 28  328 29  HOH HOH A . 
D 4 HOH 29  329 30  HOH HOH A . 
D 4 HOH 30  330 31  HOH HOH A . 
D 4 HOH 31  331 32  HOH HOH A . 
D 4 HOH 32  332 33  HOH HOH A . 
D 4 HOH 33  333 34  HOH HOH A . 
D 4 HOH 34  334 35  HOH HOH A . 
D 4 HOH 35  335 36  HOH HOH A . 
D 4 HOH 36  336 37  HOH HOH A . 
D 4 HOH 37  337 38  HOH HOH A . 
D 4 HOH 38  338 39  HOH HOH A . 
D 4 HOH 39  339 40  HOH HOH A . 
D 4 HOH 40  340 41  HOH HOH A . 
D 4 HOH 41  341 42  HOH HOH A . 
D 4 HOH 42  342 43  HOH HOH A . 
D 4 HOH 43  343 44  HOH HOH A . 
D 4 HOH 44  344 45  HOH HOH A . 
D 4 HOH 45  345 46  HOH HOH A . 
D 4 HOH 46  346 49  HOH HOH A . 
D 4 HOH 47  347 50  HOH HOH A . 
D 4 HOH 48  348 51  HOH HOH A . 
D 4 HOH 49  349 52  HOH HOH A . 
D 4 HOH 50  350 53  HOH HOH A . 
D 4 HOH 51  351 54  HOH HOH A . 
D 4 HOH 52  352 55  HOH HOH A . 
D 4 HOH 53  353 56  HOH HOH A . 
D 4 HOH 54  354 57  HOH HOH A . 
D 4 HOH 55  355 58  HOH HOH A . 
D 4 HOH 56  356 59  HOH HOH A . 
D 4 HOH 57  357 60  HOH HOH A . 
D 4 HOH 58  358 61  HOH HOH A . 
D 4 HOH 59  359 62  HOH HOH A . 
D 4 HOH 60  360 63  HOH HOH A . 
D 4 HOH 61  361 64  HOH HOH A . 
D 4 HOH 62  362 65  HOH HOH A . 
D 4 HOH 63  363 67  HOH HOH A . 
D 4 HOH 64  364 69  HOH HOH A . 
D 4 HOH 65  365 70  HOH HOH A . 
D 4 HOH 66  366 71  HOH HOH A . 
D 4 HOH 67  367 72  HOH HOH A . 
D 4 HOH 68  368 73  HOH HOH A . 
D 4 HOH 69  369 74  HOH HOH A . 
D 4 HOH 70  370 75  HOH HOH A . 
D 4 HOH 71  371 76  HOH HOH A . 
D 4 HOH 72  372 77  HOH HOH A . 
D 4 HOH 73  373 78  HOH HOH A . 
D 4 HOH 74  374 79  HOH HOH A . 
D 4 HOH 75  375 80  HOH HOH A . 
D 4 HOH 76  376 82  HOH HOH A . 
D 4 HOH 77  377 83  HOH HOH A . 
D 4 HOH 78  378 84  HOH HOH A . 
D 4 HOH 79  379 85  HOH HOH A . 
D 4 HOH 80  380 86  HOH HOH A . 
D 4 HOH 81  381 87  HOH HOH A . 
D 4 HOH 82  382 88  HOH HOH A . 
D 4 HOH 83  383 89  HOH HOH A . 
D 4 HOH 84  384 90  HOH HOH A . 
D 4 HOH 85  385 91  HOH HOH A . 
D 4 HOH 86  386 92  HOH HOH A . 
D 4 HOH 87  387 94  HOH HOH A . 
D 4 HOH 88  388 95  HOH HOH A . 
D 4 HOH 89  389 96  HOH HOH A . 
D 4 HOH 90  390 97  HOH HOH A . 
D 4 HOH 91  391 98  HOH HOH A . 
D 4 HOH 92  392 99  HOH HOH A . 
D 4 HOH 93  393 101 HOH HOH A . 
D 4 HOH 94  394 102 HOH HOH A . 
D 4 HOH 95  395 103 HOH HOH A . 
D 4 HOH 96  396 104 HOH HOH A . 
D 4 HOH 97  397 105 HOH HOH A . 
D 4 HOH 98  398 106 HOH HOH A . 
D 4 HOH 99  399 109 HOH HOH A . 
D 4 HOH 100 400 111 HOH HOH A . 
D 4 HOH 101 401 112 HOH HOH A . 
D 4 HOH 102 402 113 HOH HOH A . 
D 4 HOH 103 403 114 HOH HOH A . 
D 4 HOH 104 404 115 HOH HOH A . 
D 4 HOH 105 405 116 HOH HOH A . 
D 4 HOH 106 406 117 HOH HOH A . 
D 4 HOH 107 407 120 HOH HOH A . 
D 4 HOH 108 408 122 HOH HOH A . 
D 4 HOH 109 409 123 HOH HOH A . 
D 4 HOH 110 410 124 HOH HOH A . 
D 4 HOH 111 411 125 HOH HOH A . 
D 4 HOH 112 412 126 HOH HOH A . 
D 4 HOH 113 413 127 HOH HOH A . 
D 4 HOH 114 414 130 HOH HOH A . 
D 4 HOH 115 415 131 HOH HOH A . 
D 4 HOH 116 416 132 HOH HOH A . 
D 4 HOH 117 417 136 HOH HOH A . 
D 4 HOH 118 418 137 HOH HOH A . 
D 4 HOH 119 419 141 HOH HOH A . 
D 4 HOH 120 420 142 HOH HOH A . 
D 4 HOH 121 421 143 HOH HOH A . 
D 4 HOH 122 422 144 HOH HOH A . 
D 4 HOH 123 423 146 HOH HOH A . 
D 4 HOH 124 424 149 HOH HOH A . 
D 4 HOH 125 425 152 HOH HOH A . 
D 4 HOH 126 426 153 HOH HOH A . 
D 4 HOH 127 427 154 HOH HOH A . 
D 4 HOH 128 428 157 HOH HOH A . 
D 4 HOH 129 429 158 HOH HOH A . 
D 4 HOH 130 430 159 HOH HOH A . 
D 4 HOH 131 431 160 HOH HOH A . 
D 4 HOH 132 432 164 HOH HOH A . 
D 4 HOH 133 433 165 HOH HOH A . 
D 4 HOH 134 434 166 HOH HOH A . 
D 4 HOH 135 435 167 HOH HOH A . 
D 4 HOH 136 436 168 HOH HOH A . 
D 4 HOH 137 437 169 HOH HOH A . 
D 4 HOH 138 438 172 HOH HOH A . 
D 4 HOH 139 439 173 HOH HOH A . 
D 4 HOH 140 440 175 HOH HOH A . 
D 4 HOH 141 441 176 HOH HOH A . 
D 4 HOH 142 442 177 HOH HOH A . 
D 4 HOH 143 443 178 HOH HOH A . 
D 4 HOH 144 444 179 HOH HOH A . 
D 4 HOH 145 445 180 HOH HOH A . 
D 4 HOH 146 446 181 HOH HOH A . 
D 4 HOH 147 447 182 HOH HOH A . 
D 4 HOH 148 448 183 HOH HOH A . 
D 4 HOH 149 449 184 HOH HOH A . 
D 4 HOH 150 450 185 HOH HOH A . 
D 4 HOH 151 451 186 HOH HOH A . 
D 4 HOH 152 452 187 HOH HOH A . 
D 4 HOH 153 453 188 HOH HOH A . 
D 4 HOH 154 454 189 HOH HOH A . 
D 4 HOH 155 455 190 HOH HOH A . 
D 4 HOH 156 456 193 HOH HOH A . 
D 4 HOH 157 457 196 HOH HOH A . 
D 4 HOH 158 458 197 HOH HOH A . 
D 4 HOH 159 459 199 HOH HOH A . 
D 4 HOH 160 460 201 HOH HOH A . 
D 4 HOH 161 461 202 HOH HOH A . 
D 4 HOH 162 462 203 HOH HOH A . 
D 4 HOH 163 463 204 HOH HOH A . 
D 4 HOH 164 464 205 HOH HOH A . 
D 4 HOH 165 465 207 HOH HOH A . 
D 4 HOH 166 466 208 HOH HOH A . 
D 4 HOH 167 467 209 HOH HOH A . 
D 4 HOH 168 468 210 HOH HOH A . 
D 4 HOH 169 469 211 HOH HOH A . 
D 4 HOH 170 470 212 HOH HOH A . 
D 4 HOH 171 471 213 HOH HOH A . 
D 4 HOH 172 472 214 HOH HOH A . 
D 4 HOH 173 473 215 HOH HOH A . 
D 4 HOH 174 474 216 HOH HOH A . 
D 4 HOH 175 475 217 HOH HOH A . 
D 4 HOH 176 476 218 HOH HOH A . 
D 4 HOH 177 477 219 HOH HOH A . 
D 4 HOH 178 478 220 HOH HOH A . 
D 4 HOH 179 479 221 HOH HOH A . 
D 4 HOH 180 480 222 HOH HOH A . 
D 4 HOH 181 481 223 HOH HOH A . 
D 4 HOH 182 482 224 HOH HOH A . 
D 4 HOH 183 483 225 HOH HOH A . 
D 4 HOH 184 484 226 HOH HOH A . 
D 4 HOH 185 485 227 HOH HOH A . 
D 4 HOH 186 486 228 HOH HOH A . 
D 4 HOH 187 487 229 HOH HOH A . 
D 4 HOH 188 488 233 HOH HOH A . 
D 4 HOH 189 489 234 HOH HOH A . 
D 4 HOH 190 490 235 HOH HOH A . 
D 4 HOH 191 491 236 HOH HOH A . 
D 4 HOH 192 492 1   HOH HOH A . 
D 4 HOH 193 493 2   HOH HOH A . 
D 4 HOH 194 494 3   HOH HOH A . 
D 4 HOH 195 495 4   HOH HOH A . 
D 4 HOH 196 496 5   HOH HOH A . 
D 4 HOH 197 497 1   HOH HOH A . 
D 4 HOH 198 498 2   HOH HOH A . 
D 4 HOH 199 499 3   HOH HOH A . 
D 4 HOH 200 500 4   HOH HOH A . 
D 4 HOH 201 501 1   HOH HOH A . 
# 
_pdbx_struct_assembly.id                   1 
_pdbx_struct_assembly.details              author_and_software_defined_assembly 
_pdbx_struct_assembly.method_details       PISA 
_pdbx_struct_assembly.oligomeric_details   monomeric 
_pdbx_struct_assembly.oligomeric_count     1 
# 
_pdbx_struct_assembly_gen.assembly_id       1 
_pdbx_struct_assembly_gen.oper_expression   1 
_pdbx_struct_assembly_gen.asym_id_list      A,B,C,D 
# 
_pdbx_struct_oper_list.id                   1 
_pdbx_struct_oper_list.type                 'identity operation' 
_pdbx_struct_oper_list.name                 1_555 
_pdbx_struct_oper_list.symmetry_operation   x,y,z 
_pdbx_struct_oper_list.matrix[1][1]         1.0000000000 
_pdbx_struct_oper_list.matrix[1][2]         0.0000000000 
_pdbx_struct_oper_list.matrix[1][3]         0.0000000000 
_pdbx_struct_oper_list.vector[1]            0.0000000000 
_pdbx_struct_oper_list.matrix[2][1]         0.0000000000 
_pdbx_struct_oper_list.matrix[2][2]         1.0000000000 
_pdbx_struct_oper_list.matrix[2][3]         0.0000000000 
_pdbx_struct_oper_list.vector[2]            0.0000000000 
_pdbx_struct_oper_list.matrix[3][1]         0.0000000000 
_pdbx_struct_oper_list.matrix[3][2]         0.0000000000 
_pdbx_struct_oper_list.matrix[3][3]         1.0000000000 
_pdbx_struct_oper_list.vector[3]            0.0000000000 
# 
loop_
_pdbx_audit_revision_history.ordinal 
_pdbx_audit_revision_history.data_content_type 
_pdbx_audit_revision_history.major_revision 
_pdbx_audit_revision_history.minor_revision 
_pdbx_audit_revision_history.revision_date 
1 'Structure model' 1 0 2014-06-25 
2 'Structure model' 1 1 2014-11-12 
3 'Structure model' 1 2 2023-11-08 
# 
_pdbx_audit_revision_details.ordinal             1 
_pdbx_audit_revision_details.revision_ordinal    1 
_pdbx_audit_revision_details.data_content_type   'Structure model' 
_pdbx_audit_revision_details.provider            repository 
_pdbx_audit_revision_details.type                'Initial release' 
_pdbx_audit_revision_details.description         ? 
_pdbx_audit_revision_details.details             ? 
# 
loop_
_pdbx_audit_revision_group.ordinal 
_pdbx_audit_revision_group.revision_ordinal 
_pdbx_audit_revision_group.data_content_type 
_pdbx_audit_revision_group.group 
1 2 'Structure model' 'Database references'    
2 3 'Structure model' 'Data collection'        
3 3 'Structure model' 'Database references'    
4 3 'Structure model' 'Derived calculations'   
5 3 'Structure model' 'Refinement description' 
# 
loop_
_pdbx_audit_revision_category.ordinal 
_pdbx_audit_revision_category.revision_ordinal 
_pdbx_audit_revision_category.data_content_type 
_pdbx_audit_revision_category.category 
1 3 'Structure model' chem_comp_atom                
2 3 'Structure model' chem_comp_bond                
3 3 'Structure model' database_2                    
4 3 'Structure model' pdbx_initial_refinement_model 
5 3 'Structure model' struct_site                   
# 
loop_
_pdbx_audit_revision_item.ordinal 
_pdbx_audit_revision_item.revision_ordinal 
_pdbx_audit_revision_item.data_content_type 
_pdbx_audit_revision_item.item 
1 3 'Structure model' '_database_2.pdbx_DOI'                
2 3 'Structure model' '_database_2.pdbx_database_accession' 
3 3 'Structure model' '_struct_site.pdbx_auth_asym_id'      
4 3 'Structure model' '_struct_site.pdbx_auth_comp_id'      
5 3 'Structure model' '_struct_site.pdbx_auth_seq_id'       
# 
loop_
_software.name 
_software.classification 
_software.version 
_software.citation_id 
_software.pdbx_ordinal 
HKL-2000  'data collection' .        ? 1 
AMoRE     phasing           .        ? 2 
REFMAC    refinement        5.7.0032 ? 3 
HKL-2000  'data reduction'  .        ? 4 
SCALEPACK 'data scaling'    .        ? 5 
# 
loop_
_pdbx_validate_torsion.id 
_pdbx_validate_torsion.PDB_model_num 
_pdbx_validate_torsion.auth_comp_id 
_pdbx_validate_torsion.auth_asym_id 
_pdbx_validate_torsion.auth_seq_id 
_pdbx_validate_torsion.PDB_ins_code 
_pdbx_validate_torsion.label_alt_id 
_pdbx_validate_torsion.phi 
_pdbx_validate_torsion.psi 
1 1 LEU A 125 ? ? -91.02 31.62 
2 1 SER A 130 ? ? -85.39 49.79 
# 
loop_
_chem_comp_atom.comp_id 
_chem_comp_atom.atom_id 
_chem_comp_atom.type_symbol 
_chem_comp_atom.pdbx_aromatic_flag 
_chem_comp_atom.pdbx_stereo_config 
_chem_comp_atom.pdbx_ordinal 
5AE O2    O N N 1   
5AE C2    C N N 2   
5AE N3    N N N 3   
5AE C4    C N N 4   
5AE N4    N N N 5   
5AE N5    N N N 6   
5AE N1    N N N 7   
5AE C6    C N N 8   
5AE "C1'" C N R 9   
5AE "O4'" O N N 10  
5AE "C4'" C N R 11  
5AE "C5'" C N N 12  
5AE "O5'" O N N 13  
5AE "C3'" C N S 14  
5AE "O3'" O N N 15  
5AE "C2'" C N R 16  
5AE "O2'" O N N 17  
5AE H1    H N N 18  
5AE H2    H N N 19  
5AE H3    H N N 20  
5AE H4    H N N 21  
5AE H5    H N N 22  
5AE H6    H N N 23  
5AE H7    H N N 24  
5AE H8    H N N 25  
5AE H9    H N N 26  
5AE H10   H N N 27  
5AE H11   H N N 28  
5AE H12   H N N 29  
ALA N     N N N 30  
ALA CA    C N S 31  
ALA C     C N N 32  
ALA O     O N N 33  
ALA CB    C N N 34  
ALA OXT   O N N 35  
ALA H     H N N 36  
ALA H2    H N N 37  
ALA HA    H N N 38  
ALA HB1   H N N 39  
ALA HB2   H N N 40  
ALA HB3   H N N 41  
ALA HXT   H N N 42  
ARG N     N N N 43  
ARG CA    C N S 44  
ARG C     C N N 45  
ARG O     O N N 46  
ARG CB    C N N 47  
ARG CG    C N N 48  
ARG CD    C N N 49  
ARG NE    N N N 50  
ARG CZ    C N N 51  
ARG NH1   N N N 52  
ARG NH2   N N N 53  
ARG OXT   O N N 54  
ARG H     H N N 55  
ARG H2    H N N 56  
ARG HA    H N N 57  
ARG HB2   H N N 58  
ARG HB3   H N N 59  
ARG HG2   H N N 60  
ARG HG3   H N N 61  
ARG HD2   H N N 62  
ARG HD3   H N N 63  
ARG HE    H N N 64  
ARG HH11  H N N 65  
ARG HH12  H N N 66  
ARG HH21  H N N 67  
ARG HH22  H N N 68  
ARG HXT   H N N 69  
ASN N     N N N 70  
ASN CA    C N S 71  
ASN C     C N N 72  
ASN O     O N N 73  
ASN CB    C N N 74  
ASN CG    C N N 75  
ASN OD1   O N N 76  
ASN ND2   N N N 77  
ASN OXT   O N N 78  
ASN H     H N N 79  
ASN H2    H N N 80  
ASN HA    H N N 81  
ASN HB2   H N N 82  
ASN HB3   H N N 83  
ASN HD21  H N N 84  
ASN HD22  H N N 85  
ASN HXT   H N N 86  
ASP N     N N N 87  
ASP CA    C N S 88  
ASP C     C N N 89  
ASP O     O N N 90  
ASP CB    C N N 91  
ASP CG    C N N 92  
ASP OD1   O N N 93  
ASP OD2   O N N 94  
ASP OXT   O N N 95  
ASP H     H N N 96  
ASP H2    H N N 97  
ASP HA    H N N 98  
ASP HB2   H N N 99  
ASP HB3   H N N 100 
ASP HD2   H N N 101 
ASP HXT   H N N 102 
GLN N     N N N 103 
GLN CA    C N S 104 
GLN C     C N N 105 
GLN O     O N N 106 
GLN CB    C N N 107 
GLN CG    C N N 108 
GLN CD    C N N 109 
GLN OE1   O N N 110 
GLN NE2   N N N 111 
GLN OXT   O N N 112 
GLN H     H N N 113 
GLN H2    H N N 114 
GLN HA    H N N 115 
GLN HB2   H N N 116 
GLN HB3   H N N 117 
GLN HG2   H N N 118 
GLN HG3   H N N 119 
GLN HE21  H N N 120 
GLN HE22  H N N 121 
GLN HXT   H N N 122 
GLU N     N N N 123 
GLU CA    C N S 124 
GLU C     C N N 125 
GLU O     O N N 126 
GLU CB    C N N 127 
GLU CG    C N N 128 
GLU CD    C N N 129 
GLU OE1   O N N 130 
GLU OE2   O N N 131 
GLU OXT   O N N 132 
GLU H     H N N 133 
GLU H2    H N N 134 
GLU HA    H N N 135 
GLU HB2   H N N 136 
GLU HB3   H N N 137 
GLU HG2   H N N 138 
GLU HG3   H N N 139 
GLU HE2   H N N 140 
GLU HXT   H N N 141 
GLY N     N N N 142 
GLY CA    C N N 143 
GLY C     C N N 144 
GLY O     O N N 145 
GLY OXT   O N N 146 
GLY H     H N N 147 
GLY H2    H N N 148 
GLY HA2   H N N 149 
GLY HA3   H N N 150 
GLY HXT   H N N 151 
GOL C1    C N N 152 
GOL O1    O N N 153 
GOL C2    C N N 154 
GOL O2    O N N 155 
GOL C3    C N N 156 
GOL O3    O N N 157 
GOL H11   H N N 158 
GOL H12   H N N 159 
GOL HO1   H N N 160 
GOL H2    H N N 161 
GOL HO2   H N N 162 
GOL H31   H N N 163 
GOL H32   H N N 164 
GOL HO3   H N N 165 
HIS N     N N N 166 
HIS CA    C N S 167 
HIS C     C N N 168 
HIS O     O N N 169 
HIS CB    C N N 170 
HIS CG    C Y N 171 
HIS ND1   N Y N 172 
HIS CD2   C Y N 173 
HIS CE1   C Y N 174 
HIS NE2   N Y N 175 
HIS OXT   O N N 176 
HIS H     H N N 177 
HIS H2    H N N 178 
HIS HA    H N N 179 
HIS HB2   H N N 180 
HIS HB3   H N N 181 
HIS HD1   H N N 182 
HIS HD2   H N N 183 
HIS HE1   H N N 184 
HIS HE2   H N N 185 
HIS HXT   H N N 186 
HOH O     O N N 187 
HOH H1    H N N 188 
HOH H2    H N N 189 
ILE N     N N N 190 
ILE CA    C N S 191 
ILE C     C N N 192 
ILE O     O N N 193 
ILE CB    C N S 194 
ILE CG1   C N N 195 
ILE CG2   C N N 196 
ILE CD1   C N N 197 
ILE OXT   O N N 198 
ILE H     H N N 199 
ILE H2    H N N 200 
ILE HA    H N N 201 
ILE HB    H N N 202 
ILE HG12  H N N 203 
ILE HG13  H N N 204 
ILE HG21  H N N 205 
ILE HG22  H N N 206 
ILE HG23  H N N 207 
ILE HD11  H N N 208 
ILE HD12  H N N 209 
ILE HD13  H N N 210 
ILE HXT   H N N 211 
LEU N     N N N 212 
LEU CA    C N S 213 
LEU C     C N N 214 
LEU O     O N N 215 
LEU CB    C N N 216 
LEU CG    C N N 217 
LEU CD1   C N N 218 
LEU CD2   C N N 219 
LEU OXT   O N N 220 
LEU H     H N N 221 
LEU H2    H N N 222 
LEU HA    H N N 223 
LEU HB2   H N N 224 
LEU HB3   H N N 225 
LEU HG    H N N 226 
LEU HD11  H N N 227 
LEU HD12  H N N 228 
LEU HD13  H N N 229 
LEU HD21  H N N 230 
LEU HD22  H N N 231 
LEU HD23  H N N 232 
LEU HXT   H N N 233 
LYS N     N N N 234 
LYS CA    C N S 235 
LYS C     C N N 236 
LYS O     O N N 237 
LYS CB    C N N 238 
LYS CG    C N N 239 
LYS CD    C N N 240 
LYS CE    C N N 241 
LYS NZ    N N N 242 
LYS OXT   O N N 243 
LYS H     H N N 244 
LYS H2    H N N 245 
LYS HA    H N N 246 
LYS HB2   H N N 247 
LYS HB3   H N N 248 
LYS HG2   H N N 249 
LYS HG3   H N N 250 
LYS HD2   H N N 251 
LYS HD3   H N N 252 
LYS HE2   H N N 253 
LYS HE3   H N N 254 
LYS HZ1   H N N 255 
LYS HZ2   H N N 256 
LYS HZ3   H N N 257 
LYS HXT   H N N 258 
MET N     N N N 259 
MET CA    C N S 260 
MET C     C N N 261 
MET O     O N N 262 
MET CB    C N N 263 
MET CG    C N N 264 
MET SD    S N N 265 
MET CE    C N N 266 
MET OXT   O N N 267 
MET H     H N N 268 
MET H2    H N N 269 
MET HA    H N N 270 
MET HB2   H N N 271 
MET HB3   H N N 272 
MET HG2   H N N 273 
MET HG3   H N N 274 
MET HE1   H N N 275 
MET HE2   H N N 276 
MET HE3   H N N 277 
MET HXT   H N N 278 
PHE N     N N N 279 
PHE CA    C N S 280 
PHE C     C N N 281 
PHE O     O N N 282 
PHE CB    C N N 283 
PHE CG    C Y N 284 
PHE CD1   C Y N 285 
PHE CD2   C Y N 286 
PHE CE1   C Y N 287 
PHE CE2   C Y N 288 
PHE CZ    C Y N 289 
PHE OXT   O N N 290 
PHE H     H N N 291 
PHE H2    H N N 292 
PHE HA    H N N 293 
PHE HB2   H N N 294 
PHE HB3   H N N 295 
PHE HD1   H N N 296 
PHE HD2   H N N 297 
PHE HE1   H N N 298 
PHE HE2   H N N 299 
PHE HZ    H N N 300 
PHE HXT   H N N 301 
PRO N     N N N 302 
PRO CA    C N S 303 
PRO C     C N N 304 
PRO O     O N N 305 
PRO CB    C N N 306 
PRO CG    C N N 307 
PRO CD    C N N 308 
PRO OXT   O N N 309 
PRO H     H N N 310 
PRO HA    H N N 311 
PRO HB2   H N N 312 
PRO HB3   H N N 313 
PRO HG2   H N N 314 
PRO HG3   H N N 315 
PRO HD2   H N N 316 
PRO HD3   H N N 317 
PRO HXT   H N N 318 
SER N     N N N 319 
SER CA    C N S 320 
SER C     C N N 321 
SER O     O N N 322 
SER CB    C N N 323 
SER OG    O N N 324 
SER OXT   O N N 325 
SER H     H N N 326 
SER H2    H N N 327 
SER HA    H N N 328 
SER HB2   H N N 329 
SER HB3   H N N 330 
SER HG    H N N 331 
SER HXT   H N N 332 
THR N     N N N 333 
THR CA    C N S 334 
THR C     C N N 335 
THR O     O N N 336 
THR CB    C N R 337 
THR OG1   O N N 338 
THR CG2   C N N 339 
THR OXT   O N N 340 
THR H     H N N 341 
THR H2    H N N 342 
THR HA    H N N 343 
THR HB    H N N 344 
THR HG1   H N N 345 
THR HG21  H N N 346 
THR HG22  H N N 347 
THR HG23  H N N 348 
THR HXT   H N N 349 
TRP N     N N N 350 
TRP CA    C N S 351 
TRP C     C N N 352 
TRP O     O N N 353 
TRP CB    C N N 354 
TRP CG    C Y N 355 
TRP CD1   C Y N 356 
TRP CD2   C Y N 357 
TRP NE1   N Y N 358 
TRP CE2   C Y N 359 
TRP CE3   C Y N 360 
TRP CZ2   C Y N 361 
TRP CZ3   C Y N 362 
TRP CH2   C Y N 363 
TRP OXT   O N N 364 
TRP H     H N N 365 
TRP H2    H N N 366 
TRP HA    H N N 367 
TRP HB2   H N N 368 
TRP HB3   H N N 369 
TRP HD1   H N N 370 
TRP HE1   H N N 371 
TRP HE3   H N N 372 
TRP HZ2   H N N 373 
TRP HZ3   H N N 374 
TRP HH2   H N N 375 
TRP HXT   H N N 376 
TYR N     N N N 377 
TYR CA    C N S 378 
TYR C     C N N 379 
TYR O     O N N 380 
TYR CB    C N N 381 
TYR CG    C Y N 382 
TYR CD1   C Y N 383 
TYR CD2   C Y N 384 
TYR CE1   C Y N 385 
TYR CE2   C Y N 386 
TYR CZ    C Y N 387 
TYR OH    O N N 388 
TYR OXT   O N N 389 
TYR H     H N N 390 
TYR H2    H N N 391 
TYR HA    H N N 392 
TYR HB2   H N N 393 
TYR HB3   H N N 394 
TYR HD1   H N N 395 
TYR HD2   H N N 396 
TYR HE1   H N N 397 
TYR HE2   H N N 398 
TYR HH    H N N 399 
TYR HXT   H N N 400 
VAL N     N N N 401 
VAL CA    C N S 402 
VAL C     C N N 403 
VAL O     O N N 404 
VAL CB    C N N 405 
VAL CG1   C N N 406 
VAL CG2   C N N 407 
VAL OXT   O N N 408 
VAL H     H N N 409 
VAL H2    H N N 410 
VAL HA    H N N 411 
VAL HB    H N N 412 
VAL HG11  H N N 413 
VAL HG12  H N N 414 
VAL HG13  H N N 415 
VAL HG21  H N N 416 
VAL HG22  H N N 417 
VAL HG23  H N N 418 
VAL HXT   H N N 419 
# 
loop_
_chem_comp_bond.comp_id 
_chem_comp_bond.atom_id_1 
_chem_comp_bond.atom_id_2 
_chem_comp_bond.value_order 
_chem_comp_bond.pdbx_aromatic_flag 
_chem_comp_bond.pdbx_stereo_config 
_chem_comp_bond.pdbx_ordinal 
5AE N4    C4    sing N N 1   
5AE N3    C4    doub N N 2   
5AE N3    C2    sing N N 3   
5AE O2    C2    doub N N 4   
5AE C4    N5    sing N N 5   
5AE C2    N1    sing N N 6   
5AE N5    C6    doub N N 7   
5AE N1    C6    sing N N 8   
5AE N1    "C1'" sing N N 9   
5AE "O4'" "C1'" sing N N 10  
5AE "O4'" "C4'" sing N N 11  
5AE "C1'" "C2'" sing N N 12  
5AE "C4'" "C5'" sing N N 13  
5AE "C4'" "C3'" sing N N 14  
5AE "C5'" "O5'" sing N N 15  
5AE "C2'" "O2'" sing N N 16  
5AE "C2'" "C3'" sing N N 17  
5AE "C3'" "O3'" sing N N 18  
5AE N4    H1    sing N N 19  
5AE N4    H2    sing N N 20  
5AE C6    H3    sing N N 21  
5AE "C1'" H4    sing N N 22  
5AE "C4'" H5    sing N N 23  
5AE "C5'" H6    sing N N 24  
5AE "C5'" H7    sing N N 25  
5AE "O5'" H8    sing N N 26  
5AE "C3'" H9    sing N N 27  
5AE "O3'" H10   sing N N 28  
5AE "C2'" H11   sing N N 29  
5AE "O2'" H12   sing N N 30  
ALA N     CA    sing N N 31  
ALA N     H     sing N N 32  
ALA N     H2    sing N N 33  
ALA CA    C     sing N N 34  
ALA CA    CB    sing N N 35  
ALA CA    HA    sing N N 36  
ALA C     O     doub N N 37  
ALA C     OXT   sing N N 38  
ALA CB    HB1   sing N N 39  
ALA CB    HB2   sing N N 40  
ALA CB    HB3   sing N N 41  
ALA OXT   HXT   sing N N 42  
ARG N     CA    sing N N 43  
ARG N     H     sing N N 44  
ARG N     H2    sing N N 45  
ARG CA    C     sing N N 46  
ARG CA    CB    sing N N 47  
ARG CA    HA    sing N N 48  
ARG C     O     doub N N 49  
ARG C     OXT   sing N N 50  
ARG CB    CG    sing N N 51  
ARG CB    HB2   sing N N 52  
ARG CB    HB3   sing N N 53  
ARG CG    CD    sing N N 54  
ARG CG    HG2   sing N N 55  
ARG CG    HG3   sing N N 56  
ARG CD    NE    sing N N 57  
ARG CD    HD2   sing N N 58  
ARG CD    HD3   sing N N 59  
ARG NE    CZ    sing N N 60  
ARG NE    HE    sing N N 61  
ARG CZ    NH1   sing N N 62  
ARG CZ    NH2   doub N N 63  
ARG NH1   HH11  sing N N 64  
ARG NH1   HH12  sing N N 65  
ARG NH2   HH21  sing N N 66  
ARG NH2   HH22  sing N N 67  
ARG OXT   HXT   sing N N 68  
ASN N     CA    sing N N 69  
ASN N     H     sing N N 70  
ASN N     H2    sing N N 71  
ASN CA    C     sing N N 72  
ASN CA    CB    sing N N 73  
ASN CA    HA    sing N N 74  
ASN C     O     doub N N 75  
ASN C     OXT   sing N N 76  
ASN CB    CG    sing N N 77  
ASN CB    HB2   sing N N 78  
ASN CB    HB3   sing N N 79  
ASN CG    OD1   doub N N 80  
ASN CG    ND2   sing N N 81  
ASN ND2   HD21  sing N N 82  
ASN ND2   HD22  sing N N 83  
ASN OXT   HXT   sing N N 84  
ASP N     CA    sing N N 85  
ASP N     H     sing N N 86  
ASP N     H2    sing N N 87  
ASP CA    C     sing N N 88  
ASP CA    CB    sing N N 89  
ASP CA    HA    sing N N 90  
ASP C     O     doub N N 91  
ASP C     OXT   sing N N 92  
ASP CB    CG    sing N N 93  
ASP CB    HB2   sing N N 94  
ASP CB    HB3   sing N N 95  
ASP CG    OD1   doub N N 96  
ASP CG    OD2   sing N N 97  
ASP OD2   HD2   sing N N 98  
ASP OXT   HXT   sing N N 99  
GLN N     CA    sing N N 100 
GLN N     H     sing N N 101 
GLN N     H2    sing N N 102 
GLN CA    C     sing N N 103 
GLN CA    CB    sing N N 104 
GLN CA    HA    sing N N 105 
GLN C     O     doub N N 106 
GLN C     OXT   sing N N 107 
GLN CB    CG    sing N N 108 
GLN CB    HB2   sing N N 109 
GLN CB    HB3   sing N N 110 
GLN CG    CD    sing N N 111 
GLN CG    HG2   sing N N 112 
GLN CG    HG3   sing N N 113 
GLN CD    OE1   doub N N 114 
GLN CD    NE2   sing N N 115 
GLN NE2   HE21  sing N N 116 
GLN NE2   HE22  sing N N 117 
GLN OXT   HXT   sing N N 118 
GLU N     CA    sing N N 119 
GLU N     H     sing N N 120 
GLU N     H2    sing N N 121 
GLU CA    C     sing N N 122 
GLU CA    CB    sing N N 123 
GLU CA    HA    sing N N 124 
GLU C     O     doub N N 125 
GLU C     OXT   sing N N 126 
GLU CB    CG    sing N N 127 
GLU CB    HB2   sing N N 128 
GLU CB    HB3   sing N N 129 
GLU CG    CD    sing N N 130 
GLU CG    HG2   sing N N 131 
GLU CG    HG3   sing N N 132 
GLU CD    OE1   doub N N 133 
GLU CD    OE2   sing N N 134 
GLU OE2   HE2   sing N N 135 
GLU OXT   HXT   sing N N 136 
GLY N     CA    sing N N 137 
GLY N     H     sing N N 138 
GLY N     H2    sing N N 139 
GLY CA    C     sing N N 140 
GLY CA    HA2   sing N N 141 
GLY CA    HA3   sing N N 142 
GLY C     O     doub N N 143 
GLY C     OXT   sing N N 144 
GLY OXT   HXT   sing N N 145 
GOL C1    O1    sing N N 146 
GOL C1    C2    sing N N 147 
GOL C1    H11   sing N N 148 
GOL C1    H12   sing N N 149 
GOL O1    HO1   sing N N 150 
GOL C2    O2    sing N N 151 
GOL C2    C3    sing N N 152 
GOL C2    H2    sing N N 153 
GOL O2    HO2   sing N N 154 
GOL C3    O3    sing N N 155 
GOL C3    H31   sing N N 156 
GOL C3    H32   sing N N 157 
GOL O3    HO3   sing N N 158 
HIS N     CA    sing N N 159 
HIS N     H     sing N N 160 
HIS N     H2    sing N N 161 
HIS CA    C     sing N N 162 
HIS CA    CB    sing N N 163 
HIS CA    HA    sing N N 164 
HIS C     O     doub N N 165 
HIS C     OXT   sing N N 166 
HIS CB    CG    sing N N 167 
HIS CB    HB2   sing N N 168 
HIS CB    HB3   sing N N 169 
HIS CG    ND1   sing Y N 170 
HIS CG    CD2   doub Y N 171 
HIS ND1   CE1   doub Y N 172 
HIS ND1   HD1   sing N N 173 
HIS CD2   NE2   sing Y N 174 
HIS CD2   HD2   sing N N 175 
HIS CE1   NE2   sing Y N 176 
HIS CE1   HE1   sing N N 177 
HIS NE2   HE2   sing N N 178 
HIS OXT   HXT   sing N N 179 
HOH O     H1    sing N N 180 
HOH O     H2    sing N N 181 
ILE N     CA    sing N N 182 
ILE N     H     sing N N 183 
ILE N     H2    sing N N 184 
ILE CA    C     sing N N 185 
ILE CA    CB    sing N N 186 
ILE CA    HA    sing N N 187 
ILE C     O     doub N N 188 
ILE C     OXT   sing N N 189 
ILE CB    CG1   sing N N 190 
ILE CB    CG2   sing N N 191 
ILE CB    HB    sing N N 192 
ILE CG1   CD1   sing N N 193 
ILE CG1   HG12  sing N N 194 
ILE CG1   HG13  sing N N 195 
ILE CG2   HG21  sing N N 196 
ILE CG2   HG22  sing N N 197 
ILE CG2   HG23  sing N N 198 
ILE CD1   HD11  sing N N 199 
ILE CD1   HD12  sing N N 200 
ILE CD1   HD13  sing N N 201 
ILE OXT   HXT   sing N N 202 
LEU N     CA    sing N N 203 
LEU N     H     sing N N 204 
LEU N     H2    sing N N 205 
LEU CA    C     sing N N 206 
LEU CA    CB    sing N N 207 
LEU CA    HA    sing N N 208 
LEU C     O     doub N N 209 
LEU C     OXT   sing N N 210 
LEU CB    CG    sing N N 211 
LEU CB    HB2   sing N N 212 
LEU CB    HB3   sing N N 213 
LEU CG    CD1   sing N N 214 
LEU CG    CD2   sing N N 215 
LEU CG    HG    sing N N 216 
LEU CD1   HD11  sing N N 217 
LEU CD1   HD12  sing N N 218 
LEU CD1   HD13  sing N N 219 
LEU CD2   HD21  sing N N 220 
LEU CD2   HD22  sing N N 221 
LEU CD2   HD23  sing N N 222 
LEU OXT   HXT   sing N N 223 
LYS N     CA    sing N N 224 
LYS N     H     sing N N 225 
LYS N     H2    sing N N 226 
LYS CA    C     sing N N 227 
LYS CA    CB    sing N N 228 
LYS CA    HA    sing N N 229 
LYS C     O     doub N N 230 
LYS C     OXT   sing N N 231 
LYS CB    CG    sing N N 232 
LYS CB    HB2   sing N N 233 
LYS CB    HB3   sing N N 234 
LYS CG    CD    sing N N 235 
LYS CG    HG2   sing N N 236 
LYS CG    HG3   sing N N 237 
LYS CD    CE    sing N N 238 
LYS CD    HD2   sing N N 239 
LYS CD    HD3   sing N N 240 
LYS CE    NZ    sing N N 241 
LYS CE    HE2   sing N N 242 
LYS CE    HE3   sing N N 243 
LYS NZ    HZ1   sing N N 244 
LYS NZ    HZ2   sing N N 245 
LYS NZ    HZ3   sing N N 246 
LYS OXT   HXT   sing N N 247 
MET N     CA    sing N N 248 
MET N     H     sing N N 249 
MET N     H2    sing N N 250 
MET CA    C     sing N N 251 
MET CA    CB    sing N N 252 
MET CA    HA    sing N N 253 
MET C     O     doub N N 254 
MET C     OXT   sing N N 255 
MET CB    CG    sing N N 256 
MET CB    HB2   sing N N 257 
MET CB    HB3   sing N N 258 
MET CG    SD    sing N N 259 
MET CG    HG2   sing N N 260 
MET CG    HG3   sing N N 261 
MET SD    CE    sing N N 262 
MET CE    HE1   sing N N 263 
MET CE    HE2   sing N N 264 
MET CE    HE3   sing N N 265 
MET OXT   HXT   sing N N 266 
PHE N     CA    sing N N 267 
PHE N     H     sing N N 268 
PHE N     H2    sing N N 269 
PHE CA    C     sing N N 270 
PHE CA    CB    sing N N 271 
PHE CA    HA    sing N N 272 
PHE C     O     doub N N 273 
PHE C     OXT   sing N N 274 
PHE CB    CG    sing N N 275 
PHE CB    HB2   sing N N 276 
PHE CB    HB3   sing N N 277 
PHE CG    CD1   doub Y N 278 
PHE CG    CD2   sing Y N 279 
PHE CD1   CE1   sing Y N 280 
PHE CD1   HD1   sing N N 281 
PHE CD2   CE2   doub Y N 282 
PHE CD2   HD2   sing N N 283 
PHE CE1   CZ    doub Y N 284 
PHE CE1   HE1   sing N N 285 
PHE CE2   CZ    sing Y N 286 
PHE CE2   HE2   sing N N 287 
PHE CZ    HZ    sing N N 288 
PHE OXT   HXT   sing N N 289 
PRO N     CA    sing N N 290 
PRO N     CD    sing N N 291 
PRO N     H     sing N N 292 
PRO CA    C     sing N N 293 
PRO CA    CB    sing N N 294 
PRO CA    HA    sing N N 295 
PRO C     O     doub N N 296 
PRO C     OXT   sing N N 297 
PRO CB    CG    sing N N 298 
PRO CB    HB2   sing N N 299 
PRO CB    HB3   sing N N 300 
PRO CG    CD    sing N N 301 
PRO CG    HG2   sing N N 302 
PRO CG    HG3   sing N N 303 
PRO CD    HD2   sing N N 304 
PRO CD    HD3   sing N N 305 
PRO OXT   HXT   sing N N 306 
SER N     CA    sing N N 307 
SER N     H     sing N N 308 
SER N     H2    sing N N 309 
SER CA    C     sing N N 310 
SER CA    CB    sing N N 311 
SER CA    HA    sing N N 312 
SER C     O     doub N N 313 
SER C     OXT   sing N N 314 
SER CB    OG    sing N N 315 
SER CB    HB2   sing N N 316 
SER CB    HB3   sing N N 317 
SER OG    HG    sing N N 318 
SER OXT   HXT   sing N N 319 
THR N     CA    sing N N 320 
THR N     H     sing N N 321 
THR N     H2    sing N N 322 
THR CA    C     sing N N 323 
THR CA    CB    sing N N 324 
THR CA    HA    sing N N 325 
THR C     O     doub N N 326 
THR C     OXT   sing N N 327 
THR CB    OG1   sing N N 328 
THR CB    CG2   sing N N 329 
THR CB    HB    sing N N 330 
THR OG1   HG1   sing N N 331 
THR CG2   HG21  sing N N 332 
THR CG2   HG22  sing N N 333 
THR CG2   HG23  sing N N 334 
THR OXT   HXT   sing N N 335 
TRP N     CA    sing N N 336 
TRP N     H     sing N N 337 
TRP N     H2    sing N N 338 
TRP CA    C     sing N N 339 
TRP CA    CB    sing N N 340 
TRP CA    HA    sing N N 341 
TRP C     O     doub N N 342 
TRP C     OXT   sing N N 343 
TRP CB    CG    sing N N 344 
TRP CB    HB2   sing N N 345 
TRP CB    HB3   sing N N 346 
TRP CG    CD1   doub Y N 347 
TRP CG    CD2   sing Y N 348 
TRP CD1   NE1   sing Y N 349 
TRP CD1   HD1   sing N N 350 
TRP CD2   CE2   doub Y N 351 
TRP CD2   CE3   sing Y N 352 
TRP NE1   CE2   sing Y N 353 
TRP NE1   HE1   sing N N 354 
TRP CE2   CZ2   sing Y N 355 
TRP CE3   CZ3   doub Y N 356 
TRP CE3   HE3   sing N N 357 
TRP CZ2   CH2   doub Y N 358 
TRP CZ2   HZ2   sing N N 359 
TRP CZ3   CH2   sing Y N 360 
TRP CZ3   HZ3   sing N N 361 
TRP CH2   HH2   sing N N 362 
TRP OXT   HXT   sing N N 363 
TYR N     CA    sing N N 364 
TYR N     H     sing N N 365 
TYR N     H2    sing N N 366 
TYR CA    C     sing N N 367 
TYR CA    CB    sing N N 368 
TYR CA    HA    sing N N 369 
TYR C     O     doub N N 370 
TYR C     OXT   sing N N 371 
TYR CB    CG    sing N N 372 
TYR CB    HB2   sing N N 373 
TYR CB    HB3   sing N N 374 
TYR CG    CD1   doub Y N 375 
TYR CG    CD2   sing Y N 376 
TYR CD1   CE1   sing Y N 377 
TYR CD1   HD1   sing N N 378 
TYR CD2   CE2   doub Y N 379 
TYR CD2   HD2   sing N N 380 
TYR CE1   CZ    doub Y N 381 
TYR CE1   HE1   sing N N 382 
TYR CE2   CZ    sing Y N 383 
TYR CE2   HE2   sing N N 384 
TYR CZ    OH    sing N N 385 
TYR OH    HH    sing N N 386 
TYR OXT   HXT   sing N N 387 
VAL N     CA    sing N N 388 
VAL N     H     sing N N 389 
VAL N     H2    sing N N 390 
VAL CA    C     sing N N 391 
VAL CA    CB    sing N N 392 
VAL CA    HA    sing N N 393 
VAL C     O     doub N N 394 
VAL C     OXT   sing N N 395 
VAL CB    CG1   sing N N 396 
VAL CB    CG2   sing N N 397 
VAL CB    HB    sing N N 398 
VAL CG1   HG11  sing N N 399 
VAL CG1   HG12  sing N N 400 
VAL CG1   HG13  sing N N 401 
VAL CG2   HG21  sing N N 402 
VAL CG2   HG22  sing N N 403 
VAL CG2   HG23  sing N N 404 
VAL OXT   HXT   sing N N 405 
# 
loop_
_pdbx_entity_nonpoly.entity_id 
_pdbx_entity_nonpoly.name 
_pdbx_entity_nonpoly.comp_id 
2 '4-amino-1-(beta-D-ribofuranosyl)-1,3,5-triazin-2(1H)-one' 5AE 
3 GLYCEROL                                                   GOL 
4 water                                                      HOH 
# 
_pdbx_initial_refinement_model.id               1 
_pdbx_initial_refinement_model.entity_id_list   ? 
_pdbx_initial_refinement_model.type             'experimental model' 
_pdbx_initial_refinement_model.source_name      PDB 
_pdbx_initial_refinement_model.accession_code   4JC4 
_pdbx_initial_refinement_model.details          ? 
# 
